data_7EGH
#
_entry.id   7EGH
#
_cell.length_a   1.00
_cell.length_b   1.00
_cell.length_c   1.00
_cell.angle_alpha   90.00
_cell.angle_beta   90.00
_cell.angle_gamma   90.00
#
_symmetry.space_group_name_H-M   'P 1'
#
loop_
_entity.id
_entity.type
_entity.pdbx_description
1 polymer 'Transcription initiation factor TFIID subunit 1'
2 polymer 'Transcription initiation factor TFIID subunit 2'
3 polymer 'Transcription initiation factor TFIID subunit 6'
4 polymer 'Transcription initiation factor TFIID subunit 7'
5 polymer 'Transcription initiation factor TFIID subunit 8'
6 polymer 'DNA (45-MER)'
7 polymer 'DNA (45-MER)'
#
loop_
_entity_poly.entity_id
_entity_poly.type
_entity_poly.pdbx_seq_one_letter_code
_entity_poly.pdbx_strand_id
1 'polypeptide(L)'
;MGPGCDLLLRTAATITAAAIMSDTDSDEDSAGGGPFSLAGFLFGNINGAGQLEGESVLDDECKKHLAGLGALGLGSLITE
LTANEELTGTDGALVNDEGWVRSTEDAVDYSDINEVAEDESRRYQQTMGSLQPLCHSDYDEDDYDADCEDIDCKLMPPPP
PPPGPMKKDKDQDSITGEKVDFSSSSDSESEMGPQEATQAESEDGKLTLPLAGIMQHDATKLLPSVTELFPEFRPGKVLR
FLRLFGPGKNVPSVWRSARRKRKKKHRELIQEEQIQEVECSVESEVSQKSLWNYDYAPPPPPEQCLSDDEITMMAPVESK
FSQSTGDIDKVTDTKPRVAEWRYGPARLWYDMLGVPEDGSGFDYGFKLRKTEHEPVIKSRMIEEFRKLEENNGTDLLADE
NFLMVTQLHWEDDIIWDGEDVKHKGTKPQRASLAGWLPSSMTRNAMAYNVQQGFAATLDDDKPWYSIFPIDNEDLVYGRW
EDNIIWDAQAMPRLLEPPVLTLDPNDENLILEIPDEKEEATSNSPSKESKKESSLKKSRILLGKTGVIKEEPQQNMSQPE
VKDPWNLSNDEYYYPKQQGLRGTFGGNIIQHSIPAVELRQPFFPTHMGPIKLRQFHRPPLKKYSFGALSQPGPHSVQPLL
KHIKKKAKMREQERQASGGGEMFFMRTPQDLTGKDGDLILAEYSEENGPLMMQVGMATKIKNYYKRKPGKDPGAPDCKYG
ETVYCHTSPFLGSLHPGQLLQAFENNLFRAPIYLHKMPETDFLIIRTRQGYYIRELVDIFVVGQQCPLFEVPGPNSKRAN
THIRDFLQVFIYRLFWKSKDRPRRIRMEDIKKAFPSHSESSIRKRLKLCADFKRTGMDSNWWVLKSDFRLPTEEEIRAMV
SPEQCCAYYSMIAAEQRLKDAGYGEKSFFAPEEENEEDFQMKIDDEVRTAPWNTTRAFIAAMKGKCLLEVTGVADPTGCG
EGFSYVKIPNKPTQQKDDKEPQPVKKTVTGTDADLRRLSLKNAKQLLRKFGVPEEEIKKLSRWEVIDVVRTMSTEQARSG
EGPMSKFARGSRFSVAEHQERYKEECQRIFDLQNKVLSSTEVLSTDTDSSSAEDSDFEEMGKNIENMLQNKKTSSQLSRE
REEQERKELQRMLLAAGSAASGNNHRDDDTASVTSLNSSATGRCLKIYRTFRDEEGKEYVRCETVRKPAVIDAYVRIRTT
KDEEFIRKFALFDEQHREEMRKERRRIQEQLRRLKRNQEKEKLKGPPEKKPKKMKERPDLKLKCGACGAIGHMRTNKFCP
LYYQTNAPPSNPVAMTEEQEEELEKTVIHNDNEELIKVEGTKIVLGKQLIESADEVRRKSLVLKFPKQQLPPKKKRRVGT
TVHCDYLNRPHKSIHRRRTDPMVTLSSILESIINDMRDLPNTYPFHTPVNAKVVKDYYKIITRPMDLQTLRENVRKRLYP
SREEFREHLELIVKNSATYNGPKHSLTQISQSMLDLCDEKLKEKEDKLARLEKAINPLLDDDDQVAFSFILDNIVTQKMM
AVPDSWPFHHPVNKKFVPDYYKVIVNPMDLETIRKNISKHKYQSRESFLDDVNLILANSVKYNGPESQYTKTAQEIVNVC
YQTLTEYDEHLTQLEKDICTAKEAALEEAELESLDPMTPGPYTPQPPDLYDTNTSLSMSRDASVFQDESNMSVLDIPSAT
PEKQVTQEGEDGDGDLADEEEGTVQQPQASVLYEDLLMSEGEDDEEDAGSDEEGDNPFSAIQLSESGSDSDVGSGGIRPK
QPRMLQENTRMDMENEESMMSYEGDGGEASHGLEDSNISYGSYEEPDPKSNTQDTSFSSIGGYEVSEEEEDEEEEEQRSG
PSVLSQVHLSEDEEDSEDFHSIAGDSDLDSDE
;
A
2 'polypeptide(L)'
;MPLTGVEPARMNRKKGDKGFESPRPYKLTHQVVCINNINFQRKSVVGFVELTIFPTVANLNRIKLNSKQCRIYRVRINDL
EAAFIYNDPTLEVCHSESKQRNLNYFSNAYAAAVSAVDPDAGNGELCIKVPSELWKHVDELKVLKIHINFSLDQPKGGLH
FVVPSVEGSMAERGAHVFSCGYQNSTRFWFPCVDSYSELCTWKLEFTVDAAMVAVSNGDLVETVYTHDMRKKTFHYMLTI
PTAASNISLAIGPFEILVDPYMHEVTHFCLPQLLPLLKHTTSYLHEVFEFYEEILTCRYPYSCFKTVFIDEAYVEVAAYA
SMSIFSTNLLHSAMIIDETPLTRRCLAQSLAQQFFGCFISRMSWSDEWVLKGISGYIYGLWMKKTFGVNEYRHWIKEELD
KIVAYELKTGGVLLHPIFGGGKEKDNPASHLHFSIKHPHTLSWEYYSMFQCKAHLVMRLIENRISMEFMLQVFNKLLSLA
STASSQKFQSHMWSQMLVSTSGFLKSISNVSGKDIQPLIKQWVDQSGVVKFYGSFAFNRKRNVLELEIKQDYTSPGTQKY
VGPLKVTVQELDGSFNHTLQIEENSLKHDIPCHSKSRRNKKKKIPLMNGEEVDMDLSAMDADSPLLWIRIDPDMSVLRKV
EFEQADFMWQYQLRYERDVVAQQESILALEKFPTPASRLALTDILEQEQCFYRVRMSACFCLAKIANSMVSTWTGPPAMK
SLFTRMFCCKSCPNIVKTNNFMSFQSYFLQKTMPVAMALLRDVHNLCPKEVLTFILDLIKYNDNRKNKFSDNYYRAEMID
ALANSVTPAVSVNNEVRTLDNLNPDVRLILEEITRFLNMEKLLPSYRHTITVSCLRAIRVLQKNGHVPSDPALFKSYAEY
GHFVDIRIAALEAVVDYTKVDRSYEELQWLLNMIQNDPVPYVRHKILNMLTKNPPFTKNMESPLCNEALVDQLWKLMNSG
TSHDWRLRCGAVDLYFTLFGLSRPSCLPLPELGLVLNLKEKKAVLNPTIIPESVAGNQEAANNPSSHPQLVGFQNPFSSS
QDEEEIDMDTVHDSQAFISHHLNMLERPSTPGLSKYRPASSRSALIPQHSAGCDSTPTTKPQWSLELARKGTGKEQAPLE
MSMHPAASAPLSVFTKESTASKHSDHHHHHHHEHKKKKKKHKHKHKHKHKHDSKEKDKEPFTFSSPASGRSIRSPSLSD
;
B
3 'polypeptide(L)'
;MAEEKKLKLSNTVLPSESMKVVAESMGIAQIQEETCQLLTDEVSYRIKEIAQDALKFMHMGKRQKLTTSDIDYALKLKNV
EPLYGFHAQEFIPFRFASGGGRELYFYEEKEVDLSDIINTPLPRVPLDVCLKAHWLSIEGCQPAIPENPPPAPKEQQKAE
ATEPLKSAKPGQEEDGPLKGKGQGATTADGKGKEKKAPPLLEGAPLRLKPRSIHELSVEQQLYYKEITEACVGSCEAKRA
EALQSIATDPGLYQMLPRFSTFISEGVRVNVVQNNLALLIYLMRMVKALMDNPTLYLEKYVHELIPAVMTCIVSRQLCLR
PDVDNHWALRDFAARLVAQICKHFSTTTNNIQSRITKTFTKSWVDEKTPWTTRYGSIAGLAELGHDVIKTLILPRLQQEG
ERIRSVLDGPVLSNIDRIGADHVQSLLLKHCAPVLAKLRPPPDNQDAYRAEFGSLGPLLCSQVVKARAQAALQAQQVNRT
TLTITQPRPTLTLSQAPQPGPRTPGLLKVPGSIALPVQTLVSARAAAPPQPSPPPTKFIVMSSSSSAPSTQQVLSLSTSA
PGSGSTTTSPVTTTVPSVQPIVKLVSTATTAPPSTAPSGPGSVQKYIVVSLPPTGEGKGGPTSHPSPVPPPASSPSPLSG
SALCGGKQEAGDSPPPAPGTPKANGSQPNSGSPQPAP
;
F,f
4 'polypeptide(L)'
;MSKSKDDAPHELESQFILRLPPEYASTVRRAVQSGHVNLKDRLTIELHPDGRHGIVRVDRVPLASKLVDLPCVMESLKTI
DKKTFYKTADICQMLVSTVDGDLYPPVEEPVASTDPKASKKKDKDKEKKFIWNHGITLPLKNVRKRRFRKTAKKKYIESP
DVEKEVKRLLSTDAEAVSTRWEIIAEDETKEAENQGLDISSPGMSGHRQGHDSLEHDELREIFNDLSSSSEDEDETQHQD
EEDINIIDTEEDLERQLQDKLNESDEQHQENEGTNQLVMGIQKQIDNMKGKLQETQDRAKRQEDLIMKVENLALKNRFQA
VLDELKQKEDREKEQLSSLQEELESLLEK
;
G
5 'polypeptide(L)'
;MADAAATAGAGGSGTRSGSKQSTNPADNYHLARRRTLQVVVSSLLTEAGFESAEKASVETLTEMLQSYISEIGRSAKSYC
EHTARTQPTLSDIVVTLVEMGFNVDTLPAYAKRSQRMVITAPPVTNQPVTPKALTAGQNRPHPPHIPSHFPEFPDPHTYI
KTPTYREPVSDYQVLREKAASQRRDVERALTRFMAKTGETQSLFKDDVSTFPLIAARPFTIPYLTALLPSELEMQQMEET
DSSEQDEQTDTENLALHISMEDSGAEKENTSVLQQNPSLSGSRNGEENIIDNPYLRPVKKPKIRRKKSLS
;
H
6 'polydeoxyribonucleotide'
;(DC)(DT)(DA)(DT)(DA)(DA)(DA)(DA)(DG)(DG)(DG)(DG)(DG)(DT)(DG)(DG)(DG)(DG)(DG)(DC)
(DG)(DC)(DG)(DT)(DT)(DC)(DG)(DT)(DC)(DC)(DT)(DC)(DA)(DG)(DT)(DC)(DG)(DC)(DG)(DA)
(DT)(DC)(DG)(DA)(DA)(DC)(DA)(DC)(DT)(DC)(DG)(DA)(DG)(DC)(DC)(DG)(DA)(DG)(DC)(DA)
(DG)(DA)(DC)(DG)(DT)(DG)(DC)(DC)(DT)(DA)(DC)(DG)
;
X
7 'polydeoxyribonucleotide'
;(DA)(DT)(DC)(DC)(DA)(DT)(DG)(DG)(DT)(DC)(DC)(DG)(DT)(DA)(DG)(DG)(DC)(DA)(DC)(DG)
(DT)(DC)(DT)(DG)(DC)(DT)(DC)(DG)(DG)(DC)(DT)(DC)(DG)(DA)(DG)(DT)(DG)(DT)(DT)(DC)
(DG)(DA)(DT)(DC)(DG)(DC)(DG)(DA)(DC)(DT)(DG)(DA)(DG)(DG)(DA)(DC)(DG)(DA)(DA)(DC)
(DG)(DC)(DG)(DC)(DC)(DC)(DC)(DC)(DA)(DC)(DC)(DC)(DC)(DC)(DT)(DT)(DT)(DT)(DA)(DT)
(DA)(DG)(DG)(DC)(DG)(DC)(DC)(DC)(DT)(DT)(DC)(DG)(DA)(DT)
;
Y
#
# COMPACT_ATOMS: atom_id res chain seq x y z
N ASP A 333 -8.59 6.17 -68.61
CA ASP A 333 -7.63 7.08 -67.92
C ASP A 333 -6.68 6.24 -67.06
N THR A 334 -5.39 6.63 -67.02
CA THR A 334 -4.38 5.86 -66.25
C THR A 334 -4.71 5.92 -64.76
N LYS A 335 -4.58 4.78 -64.06
CA LYS A 335 -4.78 4.80 -62.59
C LYS A 335 -3.43 4.63 -61.92
N PRO A 336 -2.89 5.66 -61.22
CA PRO A 336 -1.63 5.54 -60.50
C PRO A 336 -1.91 5.33 -59.01
N ARG A 337 -3.18 5.21 -58.60
CA ARG A 337 -3.56 5.00 -57.19
C ARG A 337 -3.53 6.34 -56.44
N VAL A 338 -4.23 6.42 -55.30
CA VAL A 338 -4.22 7.64 -54.45
C VAL A 338 -4.42 7.12 -53.01
N ALA A 339 -3.74 7.70 -52.01
CA ALA A 339 -4.02 7.22 -50.64
C ALA A 339 -4.28 8.39 -49.67
N GLU A 340 -5.34 8.29 -48.86
CA GLU A 340 -5.72 9.43 -47.98
C GLU A 340 -5.47 9.14 -46.50
N TRP A 341 -5.01 7.94 -46.13
CA TRP A 341 -4.86 7.68 -44.67
C TRP A 341 -3.41 7.41 -44.25
N ARG A 342 -2.85 6.27 -44.63
CA ARG A 342 -1.47 5.90 -44.23
C ARG A 342 -1.44 5.71 -42.70
N TYR A 343 -2.61 5.49 -42.08
CA TYR A 343 -2.67 5.37 -40.60
C TYR A 343 -3.78 4.40 -40.18
N GLY A 344 -4.73 4.09 -41.07
CA GLY A 344 -5.74 3.08 -40.70
C GLY A 344 -5.39 1.68 -41.17
N PRO A 345 -6.37 0.76 -41.29
CA PRO A 345 -6.10 -0.58 -41.82
C PRO A 345 -5.58 -0.35 -43.24
N ALA A 346 -4.60 -1.15 -43.69
CA ALA A 346 -3.96 -0.99 -45.02
C ALA A 346 -2.84 0.05 -44.95
N ARG A 347 -2.46 0.51 -43.74
CA ARG A 347 -1.29 1.41 -43.59
C ARG A 347 -0.07 0.70 -44.17
N LEU A 348 0.03 -0.62 -44.04
CA LEU A 348 1.26 -1.30 -44.52
C LEU A 348 1.37 -1.06 -46.02
N TRP A 349 0.27 -1.23 -46.74
CA TRP A 349 0.27 -1.00 -48.22
C TRP A 349 0.63 0.46 -48.46
N TYR A 350 0.03 1.36 -47.69
CA TYR A 350 0.29 2.80 -47.97
C TYR A 350 1.78 3.10 -47.77
N ASP A 351 2.40 2.58 -46.71
CA ASP A 351 3.84 2.83 -46.42
C ASP A 351 4.71 2.21 -47.52
N MET A 352 4.37 1.01 -47.98
CA MET A 352 5.15 0.35 -49.05
C MET A 352 5.08 1.24 -50.30
N LEU A 353 3.90 1.81 -50.58
CA LEU A 353 3.74 2.70 -51.75
C LEU A 353 4.50 4.00 -51.49
N GLY A 354 4.63 4.41 -50.22
CA GLY A 354 5.19 5.74 -49.91
C GLY A 354 4.27 6.91 -50.27
N VAL A 355 3.06 6.96 -49.70
CA VAL A 355 2.15 8.13 -49.91
C VAL A 355 2.16 8.93 -48.61
N PRO A 356 2.89 10.06 -48.51
CA PRO A 356 3.03 10.77 -47.23
C PRO A 356 1.79 11.48 -46.68
N GLU A 357 1.49 11.29 -45.40
CA GLU A 357 0.37 12.00 -44.74
C GLU A 357 -0.92 11.84 -45.54
N ASP A 358 -1.65 12.94 -45.75
CA ASP A 358 -2.93 12.89 -46.49
C ASP A 358 -2.68 13.17 -47.97
N GLY A 359 -1.42 13.43 -48.34
CA GLY A 359 -1.10 13.75 -49.74
C GLY A 359 -1.41 12.60 -50.67
N SER A 360 -2.02 12.90 -51.83
CA SER A 360 -2.39 11.84 -52.81
C SER A 360 -1.80 12.19 -54.19
N ASP A 395 -28.04 -12.28 -76.64
CA ASP A 395 -29.07 -13.32 -76.41
C ASP A 395 -28.63 -14.24 -75.26
N LEU A 396 -27.34 -14.27 -74.94
CA LEU A 396 -26.86 -15.06 -73.77
C LEU A 396 -26.90 -14.09 -72.61
N LEU A 397 -27.25 -12.84 -72.90
CA LEU A 397 -27.35 -11.82 -71.83
C LEU A 397 -28.82 -11.64 -71.50
N ALA A 398 -29.68 -12.51 -72.02
CA ALA A 398 -31.13 -12.47 -71.73
C ALA A 398 -31.31 -12.72 -70.24
N ASP A 399 -32.33 -12.13 -69.63
CA ASP A 399 -32.47 -12.25 -68.16
C ASP A 399 -32.62 -13.71 -67.73
N GLU A 400 -33.31 -14.52 -68.52
CA GLU A 400 -33.58 -15.91 -68.08
C GLU A 400 -32.28 -16.66 -67.89
N ASN A 401 -31.29 -16.42 -68.73
CA ASN A 401 -30.07 -17.25 -68.62
C ASN A 401 -29.60 -17.17 -67.18
N PHE A 402 -29.73 -16.00 -66.55
CA PHE A 402 -29.19 -15.78 -65.18
C PHE A 402 -30.15 -16.16 -64.04
N LEU A 403 -31.36 -16.62 -64.31
CA LEU A 403 -32.27 -17.08 -63.24
C LEU A 403 -31.69 -18.38 -62.71
N MET A 404 -31.62 -18.54 -61.40
CA MET A 404 -30.91 -19.72 -60.87
C MET A 404 -31.61 -21.04 -61.07
N VAL A 405 -32.77 -21.11 -61.72
CA VAL A 405 -33.32 -22.45 -62.09
C VAL A 405 -32.48 -23.00 -63.23
N THR A 406 -31.96 -22.12 -64.10
CA THR A 406 -31.23 -22.53 -65.31
C THR A 406 -29.73 -22.55 -65.04
N GLN A 407 -29.31 -22.39 -63.80
CA GLN A 407 -27.87 -22.27 -63.51
C GLN A 407 -27.56 -23.01 -62.23
N LEU A 408 -28.46 -23.86 -61.78
CA LEU A 408 -28.15 -24.51 -60.48
C LEU A 408 -28.54 -25.97 -60.56
N HIS A 409 -27.70 -26.85 -60.05
CA HIS A 409 -27.99 -28.29 -60.06
C HIS A 409 -28.92 -28.53 -58.89
N TRP A 410 -30.17 -28.11 -59.00
CA TRP A 410 -31.13 -28.20 -57.89
C TRP A 410 -31.63 -29.61 -57.72
N GLU A 411 -31.26 -30.50 -58.61
CA GLU A 411 -31.65 -31.91 -58.50
C GLU A 411 -30.98 -32.46 -57.25
N ASP A 412 -29.77 -32.00 -56.95
CA ASP A 412 -29.00 -32.58 -55.82
C ASP A 412 -29.74 -32.34 -54.52
N ASP A 413 -30.55 -31.29 -54.48
CA ASP A 413 -31.33 -30.98 -53.26
C ASP A 413 -32.39 -32.03 -52.99
N ILE A 414 -33.05 -32.59 -54.01
CA ILE A 414 -34.20 -33.51 -53.76
C ILE A 414 -33.75 -34.54 -52.74
N ILE A 415 -34.47 -34.68 -51.63
CA ILE A 415 -34.01 -35.60 -50.54
C ILE A 415 -34.56 -37.01 -50.79
N TRP A 416 -33.67 -37.97 -51.05
CA TRP A 416 -34.10 -39.36 -51.34
C TRP A 416 -33.65 -40.20 -50.15
N ASP A 417 -34.56 -40.95 -49.50
CA ASP A 417 -34.12 -41.89 -48.42
C ASP A 417 -33.25 -41.14 -47.43
N GLY A 418 -33.67 -39.95 -47.02
CA GLY A 418 -32.76 -39.20 -46.15
C GLY A 418 -32.57 -39.90 -44.82
N GLU A 419 -31.45 -39.65 -44.14
CA GLU A 419 -31.12 -40.31 -42.85
C GLU A 419 -29.66 -40.00 -42.56
N PRO A 463 -44.54 -8.63 -34.57
CA PRO A 463 -43.08 -8.54 -34.72
C PRO A 463 -42.51 -7.13 -34.54
N TRP A 464 -42.57 -6.59 -33.34
CA TRP A 464 -42.12 -5.19 -33.10
C TRP A 464 -40.66 -5.07 -33.47
N TYR A 465 -39.82 -6.06 -33.13
CA TYR A 465 -38.43 -6.06 -33.62
C TYR A 465 -38.38 -7.12 -34.73
N SER A 466 -37.41 -7.09 -35.63
CA SER A 466 -37.43 -7.99 -36.80
C SER A 466 -37.44 -9.47 -36.43
N ILE A 467 -38.27 -10.28 -37.09
CA ILE A 467 -38.30 -11.75 -36.92
C ILE A 467 -37.20 -12.25 -37.83
N PHE A 468 -37.09 -11.69 -39.04
CA PHE A 468 -36.02 -12.10 -39.99
C PHE A 468 -34.77 -11.23 -39.81
N PRO A 469 -33.58 -11.72 -40.23
CA PRO A 469 -32.35 -10.94 -40.20
C PRO A 469 -32.28 -9.83 -41.26
N ILE A 470 -31.43 -8.84 -41.06
CA ILE A 470 -31.36 -7.68 -41.99
C ILE A 470 -30.14 -7.87 -42.86
N ASP A 471 -30.28 -7.82 -44.18
CA ASP A 471 -29.18 -8.17 -45.11
C ASP A 471 -28.19 -7.01 -45.33
N ASN A 472 -27.01 -7.29 -45.86
CA ASN A 472 -26.06 -6.19 -46.12
C ASN A 472 -26.64 -5.31 -47.21
N GLU A 473 -27.00 -4.07 -46.89
CA GLU A 473 -27.62 -3.14 -47.88
C GLU A 473 -26.64 -2.88 -49.02
N ASP A 474 -25.36 -2.79 -48.72
CA ASP A 474 -24.35 -2.59 -49.77
C ASP A 474 -24.30 -3.75 -50.75
N LEU A 475 -24.32 -5.00 -50.27
CA LEU A 475 -24.33 -6.18 -51.17
C LEU A 475 -25.64 -6.26 -51.90
N VAL A 476 -26.74 -6.13 -51.17
CA VAL A 476 -28.09 -6.23 -51.78
C VAL A 476 -28.33 -5.09 -52.76
N TYR A 477 -27.91 -3.88 -52.44
CA TYR A 477 -28.25 -2.70 -53.28
C TYR A 477 -27.07 -2.09 -54.04
N GLY A 478 -25.93 -1.87 -53.40
CA GLY A 478 -24.81 -1.16 -54.05
C GLY A 478 -24.26 -1.81 -55.29
N ARG A 479 -23.60 -1.03 -56.13
CA ARG A 479 -22.99 -1.57 -57.35
C ARG A 479 -21.54 -1.82 -57.04
N TRP A 480 -21.25 -2.89 -56.34
CA TRP A 480 -19.86 -3.24 -55.98
C TRP A 480 -19.13 -3.58 -57.26
N GLU A 481 -19.87 -3.88 -58.32
CA GLU A 481 -19.26 -4.30 -59.58
C GLU A 481 -18.40 -3.15 -60.07
N ASP A 482 -18.69 -1.93 -59.63
CA ASP A 482 -17.90 -0.73 -60.01
C ASP A 482 -16.56 -0.68 -59.28
N ASN A 483 -16.28 -1.59 -58.35
CA ASN A 483 -14.91 -1.64 -57.80
C ASN A 483 -14.11 -2.74 -58.49
N ILE A 484 -14.63 -3.43 -59.50
CA ILE A 484 -13.79 -4.42 -60.23
C ILE A 484 -12.85 -3.64 -61.17
N ILE A 485 -11.55 -3.90 -61.10
CA ILE A 485 -10.57 -3.20 -62.00
C ILE A 485 -10.39 -4.05 -63.24
N TRP A 486 -11.14 -3.76 -64.30
CA TRP A 486 -11.08 -4.56 -65.55
C TRP A 486 -9.74 -4.38 -66.28
N ASP A 487 -9.27 -3.14 -66.40
CA ASP A 487 -7.95 -2.86 -67.03
C ASP A 487 -7.18 -1.93 -66.10
N ALA A 488 -5.97 -2.34 -65.70
CA ALA A 488 -5.23 -1.52 -64.72
C ALA A 488 -4.89 -0.15 -65.31
N GLN A 489 -4.34 -0.09 -66.53
CA GLN A 489 -3.95 1.19 -67.17
C GLN A 489 -5.17 2.01 -67.59
N ALA A 490 -6.13 1.36 -68.27
CA ALA A 490 -7.33 2.08 -68.75
C ALA A 490 -8.47 1.95 -67.74
N MET A 491 -8.36 2.62 -66.60
CA MET A 491 -9.39 2.46 -65.56
C MET A 491 -10.45 3.56 -65.76
N PRO A 492 -11.73 3.21 -65.99
CA PRO A 492 -12.71 4.17 -66.48
C PRO A 492 -12.86 5.35 -65.50
N ARG A 493 -12.84 5.06 -64.20
CA ARG A 493 -12.94 6.14 -63.18
C ARG A 493 -11.69 6.16 -62.31
N LEU A 494 -11.62 7.11 -61.38
CA LEU A 494 -10.48 7.20 -60.42
C LEU A 494 -10.94 6.71 -59.05
N LEU A 495 -10.35 5.61 -58.57
CA LEU A 495 -10.76 5.06 -57.26
C LEU A 495 -10.11 5.89 -56.15
N GLU A 496 -10.78 5.99 -54.99
CA GLU A 496 -10.27 6.85 -53.90
C GLU A 496 -10.18 5.99 -52.64
N PRO A 497 -9.32 6.32 -51.66
CA PRO A 497 -9.17 5.47 -50.48
C PRO A 497 -10.43 5.52 -49.61
N PRO A 498 -10.98 4.36 -49.22
CA PRO A 498 -12.16 4.31 -48.35
C PRO A 498 -11.74 4.16 -46.88
N VAL A 499 -12.32 4.98 -46.00
CA VAL A 499 -12.05 4.90 -44.54
C VAL A 499 -12.81 3.71 -43.94
N LEU A 500 -12.30 3.11 -42.87
CA LEU A 500 -13.02 2.00 -42.20
C LEU A 500 -14.36 2.55 -41.68
N THR A 501 -15.47 1.84 -41.92
CA THR A 501 -16.80 2.38 -41.55
C THR A 501 -17.49 1.56 -40.45
N LEU A 502 -16.81 0.59 -39.83
CA LEU A 502 -17.37 -0.18 -38.68
C LEU A 502 -18.90 -0.18 -38.66
N ASP A 503 -19.54 -1.06 -39.43
CA ASP A 503 -21.02 -1.17 -39.43
C ASP A 503 -21.47 -1.76 -38.10
N PRO A 504 -22.43 -1.14 -37.38
CA PRO A 504 -22.93 -1.66 -36.10
C PRO A 504 -24.14 -2.59 -36.26
N ASN A 505 -24.65 -2.77 -37.47
CA ASN A 505 -25.76 -3.72 -37.73
C ASN A 505 -25.27 -5.15 -37.44
N ASP A 506 -24.00 -5.41 -37.76
CA ASP A 506 -23.41 -6.77 -37.52
C ASP A 506 -23.28 -7.04 -36.03
N GLU A 507 -23.76 -8.20 -35.58
CA GLU A 507 -23.55 -8.59 -34.17
C GLU A 507 -22.14 -9.20 -34.10
N ASN A 508 -21.63 -9.51 -32.92
CA ASN A 508 -20.27 -10.07 -32.73
C ASN A 508 -19.27 -8.92 -32.71
N LEU A 509 -19.73 -7.69 -32.93
CA LEU A 509 -18.85 -6.51 -32.80
C LEU A 509 -19.32 -5.82 -31.51
N ILE A 510 -18.42 -5.55 -30.57
CA ILE A 510 -18.85 -5.00 -29.25
C ILE A 510 -19.55 -3.65 -29.47
N LEU A 511 -19.01 -2.82 -30.36
CA LEU A 511 -19.64 -1.49 -30.65
C LEU A 511 -20.00 -1.41 -32.14
N PRO A 564 0.78 5.18 -1.75
CA PRO A 564 1.27 6.42 -2.35
C PRO A 564 0.79 7.62 -1.57
N TRP A 565 -0.01 7.37 -0.55
CA TRP A 565 -0.63 8.39 0.28
C TRP A 565 -0.57 7.98 1.74
N ASN A 566 -1.40 8.64 2.54
CA ASN A 566 -1.42 8.43 3.99
C ASN A 566 -1.90 7.03 4.32
N LEU A 567 -3.16 6.73 3.99
CA LEU A 567 -3.81 5.41 4.11
C LEU A 567 -3.93 4.89 5.54
N SER A 568 -3.53 5.68 6.51
CA SER A 568 -3.71 5.36 7.92
C SER A 568 -4.94 6.13 8.36
N ASN A 569 -5.99 5.42 8.73
CA ASN A 569 -7.23 6.05 9.18
C ASN A 569 -6.97 6.62 10.57
N ASP A 570 -6.34 7.79 10.62
CA ASP A 570 -5.88 8.34 11.88
C ASP A 570 -6.95 9.12 12.62
N GLU A 571 -7.92 9.68 11.90
CA GLU A 571 -8.97 10.45 12.55
C GLU A 571 -9.94 9.57 13.31
N TYR A 572 -9.92 8.25 13.08
CA TYR A 572 -10.77 7.32 13.80
C TYR A 572 -10.05 6.62 14.93
N TYR A 573 -8.72 6.57 14.89
CA TYR A 573 -7.94 5.96 15.96
C TYR A 573 -7.46 6.98 16.97
N TYR A 574 -7.05 8.15 16.49
CA TYR A 574 -6.53 9.23 17.35
C TYR A 574 -7.28 10.49 16.94
N PRO A 575 -8.38 10.83 17.62
CA PRO A 575 -9.32 11.80 17.07
C PRO A 575 -8.87 13.25 17.20
N LYS A 576 -7.85 13.53 17.99
CA LYS A 576 -7.35 14.89 18.12
C LYS A 576 -5.89 15.01 17.69
N ILE A 588 6.46 18.84 31.56
CA ILE A 588 7.12 19.86 30.76
C ILE A 588 7.99 20.72 31.68
N ILE A 589 7.57 20.89 32.92
CA ILE A 589 8.31 21.68 33.89
C ILE A 589 9.44 20.82 34.45
N GLN A 590 10.67 21.32 34.29
CA GLN A 590 11.85 20.59 34.79
C GLN A 590 12.42 21.31 36.01
N HIS A 591 12.18 20.78 37.22
CA HIS A 591 12.69 21.36 38.43
C HIS A 591 14.19 21.10 38.55
N SER A 592 14.81 21.76 39.52
CA SER A 592 16.22 21.52 39.78
C SER A 592 16.43 20.14 40.35
N ILE A 593 17.63 19.61 40.16
CA ILE A 593 18.03 18.29 40.68
C ILE A 593 17.97 18.24 42.20
N PRO A 594 18.21 19.32 42.97
CA PRO A 594 17.80 19.26 44.37
C PRO A 594 16.30 19.16 44.61
N ALA A 595 15.47 19.62 43.68
CA ALA A 595 14.04 19.59 43.94
C ALA A 595 13.43 18.24 43.57
N VAL A 596 13.82 17.65 42.45
CA VAL A 596 13.28 16.35 42.07
C VAL A 596 13.84 15.21 42.91
N GLU A 597 14.93 15.44 43.64
CA GLU A 597 15.47 14.43 44.54
C GLU A 597 15.04 14.65 45.98
N LEU A 598 14.22 15.68 46.23
CA LEU A 598 13.54 15.91 47.51
C LEU A 598 14.54 16.10 48.65
N ARG A 599 15.58 16.86 48.39
CA ARG A 599 16.66 17.03 49.36
C ARG A 599 16.21 17.93 50.50
N GLN A 600 16.60 17.54 51.71
CA GLN A 600 15.98 17.96 52.96
C GLN A 600 16.04 19.42 53.41
N PRO A 601 17.00 20.27 52.99
CA PRO A 601 16.79 21.70 53.25
C PRO A 601 15.58 22.26 52.52
N PHE A 602 15.43 21.89 51.25
CA PHE A 602 14.41 22.49 50.40
C PHE A 602 13.04 21.87 50.63
N PHE A 603 12.99 20.58 50.91
CA PHE A 603 11.75 19.86 51.18
C PHE A 603 11.86 19.24 52.56
N PRO A 604 11.30 19.87 53.59
CA PRO A 604 11.51 19.38 54.95
C PRO A 604 10.70 18.11 55.23
N THR A 605 11.30 17.22 56.02
CA THR A 605 10.64 15.97 56.39
C THR A 605 9.56 16.21 57.43
N HIS A 606 9.78 17.13 58.35
CA HIS A 606 8.86 17.38 59.43
C HIS A 606 8.80 18.87 59.71
N MET A 607 7.59 19.38 59.89
CA MET A 607 7.37 20.77 60.25
C MET A 607 6.55 20.83 61.51
N GLY A 608 7.12 21.42 62.55
CA GLY A 608 6.42 21.56 63.81
C GLY A 608 5.38 22.64 63.77
N PRO A 609 4.76 22.90 64.92
CA PRO A 609 3.69 23.92 64.96
C PRO A 609 4.18 25.33 64.73
N ILE A 610 5.30 25.71 65.35
CA ILE A 610 5.83 27.05 65.14
C ILE A 610 6.45 27.18 63.76
N LYS A 611 6.82 26.08 63.12
CA LYS A 611 7.30 26.13 61.74
C LYS A 611 6.15 26.01 60.75
N LEU A 612 4.98 25.54 61.19
CA LEU A 612 3.80 25.56 60.32
C LEU A 612 3.08 26.89 60.37
N ARG A 613 3.19 27.61 61.49
CA ARG A 613 2.66 28.98 61.52
C ARG A 613 3.52 29.91 60.68
N GLN A 614 4.83 29.71 60.69
CA GLN A 614 5.73 30.44 59.80
C GLN A 614 5.97 29.66 58.50
N PHE A 615 4.90 29.22 57.86
CA PHE A 615 5.01 28.51 56.60
C PHE A 615 5.09 29.52 55.49
N HIS A 616 6.18 29.44 54.70
CA HIS A 616 6.57 30.36 53.63
C HIS A 616 6.85 31.77 54.13
N ARG A 617 6.98 31.97 55.44
CA ARG A 617 7.41 33.23 56.03
C ARG A 617 8.52 32.93 57.02
N PRO A 618 9.71 32.61 56.54
CA PRO A 618 10.78 32.19 57.44
C PRO A 618 11.44 33.38 58.11
N PRO A 619 11.52 33.40 59.43
CA PRO A 619 12.09 34.54 60.13
C PRO A 619 13.60 34.61 59.95
N LEU A 620 14.15 35.76 60.32
CA LEU A 620 15.57 36.00 60.15
C LEU A 620 16.30 35.35 61.33
N LYS A 621 16.95 34.21 61.11
CA LYS A 621 17.52 33.49 62.24
C LYS A 621 18.86 34.07 62.63
N LYS A 622 19.16 34.00 63.92
CA LYS A 622 20.45 34.40 64.44
C LYS A 622 21.41 33.22 64.32
N TYR A 623 22.61 33.49 63.82
CA TYR A 623 23.61 32.45 63.69
C TYR A 623 24.34 32.25 65.01
N SER A 624 24.73 31.01 65.26
CA SER A 624 25.52 30.70 66.45
C SER A 624 27.01 30.72 66.16
N PHE A 625 27.43 30.14 65.03
CA PHE A 625 28.81 30.22 64.57
C PHE A 625 28.84 30.85 63.19
N GLY A 626 29.93 31.55 62.90
CA GLY A 626 30.11 32.22 61.63
C GLY A 626 30.58 33.65 61.82
N ALA A 627 30.71 34.35 60.69
CA ALA A 627 31.14 35.75 60.74
C ALA A 627 30.03 36.67 61.18
N LEU A 628 28.79 36.38 60.81
CA LEU A 628 27.68 37.21 61.25
C LEU A 628 27.22 36.89 62.67
N SER A 629 27.68 35.76 63.24
CA SER A 629 27.31 35.43 64.61
C SER A 629 27.99 36.34 65.62
N GLN A 630 29.16 36.90 65.27
CA GLN A 630 29.83 37.87 66.17
C GLN A 630 29.09 39.21 66.09
N PRO A 631 28.64 39.80 67.22
CA PRO A 631 27.86 41.04 67.19
C PRO A 631 28.69 42.25 66.72
N GLY A 632 28.09 43.15 65.95
CA GLY A 632 28.78 44.37 65.50
C GLY A 632 28.31 44.84 64.14
N PRO A 633 28.88 45.91 63.56
CA PRO A 633 28.54 46.33 62.20
C PRO A 633 29.14 45.33 61.20
N HIS A 634 28.46 45.09 60.08
CA HIS A 634 28.95 44.13 59.06
C HIS A 634 28.81 44.73 57.67
N SER A 635 29.91 44.77 56.89
CA SER A 635 29.86 45.38 55.58
C SER A 635 29.09 44.50 54.60
N VAL A 636 28.23 45.12 53.80
CA VAL A 636 27.60 44.38 52.71
C VAL A 636 28.58 44.39 51.55
N GLN A 637 28.47 43.38 50.69
CA GLN A 637 29.42 43.22 49.61
C GLN A 637 28.70 43.26 48.28
N PRO A 638 29.13 44.09 47.34
CA PRO A 638 28.49 44.11 46.03
C PRO A 638 28.82 42.85 45.26
N LEU A 639 27.87 42.36 44.47
CA LEU A 639 28.13 41.14 43.66
C LEU A 639 27.73 41.34 42.19
N LEU A 640 28.46 42.18 41.44
CA LEU A 640 28.20 42.43 40.04
C LEU A 640 29.31 41.86 39.17
N LYS A 641 30.52 41.73 39.72
CA LYS A 641 31.52 40.93 39.04
C LYS A 641 31.15 39.46 39.14
N HIS A 642 30.51 39.05 40.24
CA HIS A 642 30.12 37.66 40.40
C HIS A 642 28.99 37.30 39.45
N ILE A 643 28.04 38.22 39.26
CA ILE A 643 26.90 37.97 38.40
C ILE A 643 27.33 37.85 36.95
N LYS A 644 28.14 38.81 36.48
CA LYS A 644 28.56 38.76 35.08
C LYS A 644 29.61 37.70 34.83
N LYS A 645 30.42 37.33 35.82
CA LYS A 645 31.33 36.20 35.65
C LYS A 645 30.57 34.89 35.54
N LYS A 646 29.54 34.70 36.37
CA LYS A 646 28.75 33.48 36.30
C LYS A 646 27.93 33.43 35.02
N ALA A 647 27.44 34.57 34.54
CA ALA A 647 26.65 34.57 33.31
C ALA A 647 27.53 34.31 32.10
N LYS A 648 28.74 34.89 32.08
CA LYS A 648 29.69 34.60 31.01
C LYS A 648 30.13 33.14 31.04
N MET A 649 30.29 32.57 32.23
CA MET A 649 30.67 31.17 32.34
C MET A 649 29.56 30.24 31.88
N ARG A 650 28.30 30.56 32.20
CA ARG A 650 27.18 29.76 31.72
C ARG A 650 26.98 29.90 30.21
N GLU A 651 27.27 31.07 29.65
CA GLU A 651 27.20 31.20 28.20
C GLU A 651 28.32 30.43 27.51
N GLN A 652 29.50 30.36 28.12
CA GLN A 652 30.56 29.52 27.59
C GLN A 652 30.19 28.04 27.65
N GLU A 653 29.54 27.62 28.74
CA GLU A 653 29.06 26.24 28.84
C GLU A 653 28.01 25.93 27.79
N ARG A 654 27.13 26.89 27.52
CA ARG A 654 26.06 26.65 26.55
C ARG A 654 26.61 26.63 25.13
N GLN A 655 27.56 27.51 24.81
CA GLN A 655 28.16 27.48 23.47
C GLN A 655 29.16 26.35 23.29
N ALA A 656 29.68 25.77 24.35
CA ALA A 656 30.52 24.60 24.21
C ALA A 656 29.70 23.34 24.02
N SER A 657 28.44 23.35 24.43
CA SER A 657 27.56 22.21 24.32
C SER A 657 26.70 22.23 23.08
N GLY A 658 27.06 23.03 22.09
CA GLY A 658 26.34 23.06 20.83
C GLY A 658 25.43 24.25 20.64
N GLY A 659 25.25 25.08 21.63
CA GLY A 659 24.55 26.33 21.45
C GLY A 659 23.06 26.29 21.72
N GLY A 660 22.49 25.13 21.99
CA GLY A 660 21.06 25.03 22.23
C GLY A 660 20.70 25.49 23.64
N GLU A 661 19.51 25.11 24.07
CA GLU A 661 19.14 25.46 25.44
C GLU A 661 19.63 24.34 26.35
N MET A 662 20.15 24.73 27.51
CA MET A 662 20.83 23.82 28.42
C MET A 662 20.07 23.75 29.73
N PHE A 663 20.42 22.77 30.54
CA PHE A 663 19.91 22.62 31.89
C PHE A 663 21.06 22.89 32.86
N PHE A 664 20.90 23.92 33.68
CA PHE A 664 21.99 24.42 34.51
C PHE A 664 21.85 24.11 35.99
N MET A 665 20.62 23.99 36.50
CA MET A 665 20.39 23.87 37.94
C MET A 665 20.58 22.42 38.37
N ARG A 666 21.84 22.04 38.56
CA ARG A 666 22.20 20.67 38.88
C ARG A 666 22.72 20.49 40.29
N THR A 667 23.00 21.57 41.01
CA THR A 667 23.62 21.56 42.32
C THR A 667 22.78 22.49 43.19
N PRO A 668 22.84 22.34 44.52
CA PRO A 668 22.21 23.35 45.38
C PRO A 668 22.83 24.73 45.25
N GLN A 669 24.13 24.81 44.96
CA GLN A 669 24.80 26.09 44.79
C GLN A 669 24.42 26.80 43.50
N ASP A 670 23.67 26.15 42.62
CA ASP A 670 23.09 26.85 41.48
C ASP A 670 21.86 27.65 41.87
N LEU A 671 21.24 27.34 43.00
CA LEU A 671 19.99 27.98 43.37
C LEU A 671 20.20 29.18 44.28
N THR A 672 21.40 29.75 44.30
CA THR A 672 21.63 30.94 45.09
C THR A 672 21.05 32.16 44.39
N GLY A 673 20.80 33.21 45.17
CA GLY A 673 20.40 34.47 44.61
C GLY A 673 21.54 35.33 44.14
N LYS A 674 22.77 34.88 44.34
CA LYS A 674 23.95 35.65 44.00
C LYS A 674 24.22 35.73 42.50
N ASP A 675 23.48 35.00 41.66
CA ASP A 675 23.76 35.00 40.23
C ASP A 675 22.44 34.86 39.48
N GLY A 676 22.49 35.14 38.18
CA GLY A 676 21.31 35.06 37.35
C GLY A 676 20.43 36.28 37.50
N ASP A 677 19.44 36.37 36.62
CA ASP A 677 18.53 37.51 36.60
C ASP A 677 17.35 37.22 37.52
N LEU A 678 17.36 37.86 38.69
CA LEU A 678 16.29 37.69 39.66
C LEU A 678 15.14 38.63 39.37
N ILE A 679 13.93 38.12 39.50
CA ILE A 679 12.72 38.94 39.59
C ILE A 679 12.07 38.61 40.92
N LEU A 680 11.18 39.48 41.35
CA LEU A 680 10.42 39.18 42.55
C LEU A 680 8.97 38.91 42.18
N ALA A 681 8.28 38.13 43.00
CA ALA A 681 6.90 37.76 42.75
C ALA A 681 6.12 37.85 44.06
N GLU A 682 5.21 38.82 44.13
CA GLU A 682 4.42 39.08 45.32
C GLU A 682 3.07 38.40 45.15
N TYR A 683 2.47 37.94 46.24
CA TYR A 683 1.20 37.25 46.15
C TYR A 683 0.08 38.11 46.71
N SER A 684 -1.09 38.05 46.07
CA SER A 684 -2.21 38.84 46.53
C SER A 684 -2.89 38.20 47.73
N GLU A 685 -3.09 36.90 47.70
CA GLU A 685 -3.70 36.20 48.82
C GLU A 685 -2.71 36.05 49.95
N GLU A 686 -3.23 35.93 51.17
CA GLU A 686 -2.37 35.69 52.33
C GLU A 686 -1.83 34.28 52.32
N ASN A 687 -2.70 33.29 52.30
CA ASN A 687 -2.32 31.88 52.26
C ASN A 687 -2.97 31.26 51.03
N GLY A 688 -2.18 31.02 49.99
CA GLY A 688 -2.66 30.40 48.78
C GLY A 688 -2.92 28.93 48.99
N PRO A 689 -3.72 28.33 48.11
CA PRO A 689 -3.98 26.88 48.22
C PRO A 689 -2.77 26.04 47.88
N LEU A 690 -1.90 26.53 47.00
CA LEU A 690 -0.69 25.81 46.64
C LEU A 690 0.43 26.84 46.49
N MET A 691 1.65 26.41 46.80
CA MET A 691 2.78 27.32 46.76
C MET A 691 4.06 26.53 46.55
N MET A 692 4.93 27.07 45.72
CA MET A 692 6.13 26.38 45.30
C MET A 692 7.18 26.36 46.41
N GLN A 693 7.89 25.24 46.52
CA GLN A 693 9.03 25.16 47.40
C GLN A 693 10.26 25.73 46.71
N VAL A 694 11.33 25.88 47.48
CA VAL A 694 12.58 26.41 46.94
C VAL A 694 13.23 25.36 46.06
N GLY A 695 13.55 25.73 44.84
CA GLY A 695 14.19 24.84 43.90
C GLY A 695 13.30 24.40 42.76
N MET A 696 12.01 24.74 42.81
CA MET A 696 11.07 24.32 41.80
C MET A 696 10.95 25.36 40.70
N ALA A 697 10.62 24.90 39.51
CA ALA A 697 10.56 25.75 38.34
C ALA A 697 9.14 26.15 38.01
N THR A 698 9.01 27.28 37.33
CA THR A 698 7.74 27.75 36.81
C THR A 698 8.02 28.49 35.51
N LYS A 699 7.00 28.63 34.68
CA LYS A 699 7.14 29.27 33.39
C LYS A 699 6.25 30.51 33.34
N ILE A 700 6.63 31.48 32.51
CA ILE A 700 5.79 32.64 32.27
C ILE A 700 5.23 32.54 30.86
N LYS A 701 3.90 32.44 30.77
CA LYS A 701 3.20 32.35 29.51
C LYS A 701 2.41 33.63 29.31
N ASN A 702 2.58 34.26 28.15
CA ASN A 702 1.87 35.48 27.81
C ASN A 702 0.72 35.11 26.88
N TYR A 703 -0.48 35.01 27.42
CA TYR A 703 -1.65 34.67 26.63
C TYR A 703 -2.14 35.92 25.91
N TYR A 704 -2.27 35.84 24.58
CA TYR A 704 -2.65 36.99 23.77
C TYR A 704 -3.77 36.61 22.83
N LYS A 705 -4.95 37.17 23.05
CA LYS A 705 -6.09 36.99 22.14
C LYS A 705 -6.00 38.02 21.04
N ARG A 706 -6.00 37.54 19.79
CA ARG A 706 -5.79 38.47 18.67
C ARG A 706 -7.02 39.38 18.56
N LYS A 707 -6.89 40.51 17.88
CA LYS A 707 -8.09 41.36 17.64
C LYS A 707 -8.94 40.70 16.58
N PRO A 708 -10.26 41.02 16.46
CA PRO A 708 -11.08 40.46 15.40
C PRO A 708 -10.45 40.88 14.07
N GLY A 709 -10.35 39.94 13.13
CA GLY A 709 -9.69 40.25 11.86
C GLY A 709 -8.22 40.63 12.04
N LYS A 710 -7.80 41.76 11.48
CA LYS A 710 -6.36 42.13 11.48
C LYS A 710 -5.86 42.51 12.88
N ASP A 711 -4.66 42.06 13.26
CA ASP A 711 -4.05 42.49 14.55
C ASP A 711 -2.56 42.72 14.32
N PRO A 712 -1.93 43.72 14.97
CA PRO A 712 -0.52 44.02 14.76
C PRO A 712 0.40 42.87 15.19
N GLY A 713 0.09 42.23 16.33
CA GLY A 713 0.95 41.16 16.90
C GLY A 713 0.99 41.32 18.41
N ALA A 714 1.44 40.31 19.15
CA ALA A 714 1.36 40.40 20.63
C ALA A 714 2.21 41.57 21.09
N PRO A 715 1.74 42.39 22.05
CA PRO A 715 2.59 43.45 22.54
C PRO A 715 3.76 42.62 23.08
N ASP A 716 5.00 42.99 22.73
CA ASP A 716 6.13 42.15 23.15
C ASP A 716 6.40 42.32 24.65
N CYS A 717 6.86 41.26 25.34
CA CYS A 717 7.12 41.33 26.80
C CYS A 717 8.51 40.82 27.12
N LYS A 718 9.15 41.39 28.14
CA LYS A 718 10.56 41.04 28.46
C LYS A 718 10.71 39.60 28.87
N TYR A 719 9.75 39.04 29.59
CA TYR A 719 9.88 37.69 30.17
C TYR A 719 8.77 36.78 29.73
N GLY A 720 9.06 35.52 29.50
CA GLY A 720 8.09 34.51 29.13
C GLY A 720 8.02 34.31 27.63
N GLU A 721 7.22 33.32 27.24
CA GLU A 721 6.94 33.08 25.84
C GLU A 721 5.47 33.39 25.55
N THR A 722 5.18 33.83 24.34
CA THR A 722 3.82 34.22 23.99
C THR A 722 3.07 33.04 23.37
N VAL A 723 1.80 32.91 23.73
CA VAL A 723 0.91 31.91 23.15
C VAL A 723 -0.42 32.57 22.89
N TYR A 724 -1.03 32.20 21.77
CA TYR A 724 -2.31 32.83 21.35
C TYR A 724 -3.47 32.00 21.88
N CYS A 725 -4.22 32.52 22.84
CA CYS A 725 -5.27 31.70 23.51
C CYS A 725 -6.68 32.05 23.04
N HIS A 726 -7.26 31.20 22.20
CA HIS A 726 -8.68 31.39 21.82
C HIS A 726 -9.52 31.04 23.04
N THR A 727 -9.16 29.94 23.71
CA THR A 727 -9.93 29.49 24.90
C THR A 727 -9.20 30.00 26.13
N SER A 728 -9.86 30.86 26.89
CA SER A 728 -9.17 31.49 28.04
C SER A 728 -8.79 30.40 29.03
N PRO A 729 -7.55 30.40 29.53
CA PRO A 729 -7.18 29.45 30.54
C PRO A 729 -7.93 29.79 31.82
N PHE A 730 -8.00 31.06 32.21
CA PHE A 730 -8.62 31.42 33.51
C PHE A 730 -10.14 31.38 33.47
N LEU A 731 -10.80 31.80 34.56
CA LEU A 731 -12.25 31.74 34.65
C LEU A 731 -12.91 32.72 33.69
N GLY A 732 -12.41 33.95 33.65
CA GLY A 732 -12.89 34.92 32.69
C GLY A 732 -12.29 34.66 31.32
N SER A 733 -12.71 35.49 30.36
CA SER A 733 -12.22 35.39 29.00
C SER A 733 -11.48 36.66 28.62
N LEU A 734 -10.41 36.50 27.86
CA LEU A 734 -9.58 37.62 27.47
C LEU A 734 -10.32 38.51 26.47
N HIS A 735 -10.09 39.82 26.57
CA HIS A 735 -10.61 40.75 25.59
C HIS A 735 -9.83 40.60 24.29
N PRO A 736 -10.39 41.03 23.17
CA PRO A 736 -9.60 41.06 21.92
C PRO A 736 -8.47 42.08 22.01
N GLY A 737 -7.26 41.63 21.73
CA GLY A 737 -6.10 42.49 21.82
C GLY A 737 -5.56 42.67 23.22
N GLN A 738 -5.88 41.77 24.13
CA GLN A 738 -5.41 41.86 25.51
C GLN A 738 -4.40 40.75 25.78
N LEU A 739 -3.19 41.15 26.15
CA LEU A 739 -2.15 40.22 26.58
C LEU A 739 -2.13 40.15 28.11
N LEU A 740 -2.18 38.92 28.62
CA LEU A 740 -2.13 38.67 30.06
C LEU A 740 -1.01 37.69 30.33
N GLN A 741 -0.05 38.09 31.14
CA GLN A 741 1.01 37.17 31.57
C GLN A 741 0.51 36.30 32.70
N ALA A 742 1.11 35.11 32.83
CA ALA A 742 0.71 34.20 33.88
C ALA A 742 1.83 33.25 34.24
N PHE A 743 1.97 32.99 35.55
CA PHE A 743 2.76 31.85 36.01
C PHE A 743 2.04 30.57 35.68
N GLU A 744 2.73 29.66 35.00
CA GLU A 744 2.21 28.35 34.65
C GLU A 744 3.22 27.30 35.09
N ASN A 745 2.76 26.36 35.90
CA ASN A 745 3.55 25.20 36.29
C ASN A 745 2.57 24.05 36.53
N ASN A 746 3.04 23.00 37.18
CA ASN A 746 2.17 21.87 37.48
C ASN A 746 1.27 22.14 38.68
N LEU A 747 1.62 23.10 39.52
CA LEU A 747 0.86 23.33 40.75
C LEU A 747 -0.36 24.19 40.49
N PHE A 748 -0.18 25.37 39.90
CA PHE A 748 -1.29 26.27 39.67
C PHE A 748 -1.09 26.98 38.34
N ARG A 749 -1.97 27.93 38.07
CA ARG A 749 -1.78 28.87 36.97
C ARG A 749 -2.37 30.19 37.46
N ALA A 750 -1.57 31.25 37.45
CA ALA A 750 -2.07 32.44 38.08
C ALA A 750 -1.66 33.68 37.30
N PRO A 751 -2.57 34.65 37.15
CA PRO A 751 -2.25 35.86 36.38
C PRO A 751 -1.30 36.76 37.15
N ILE A 752 -0.22 37.15 36.49
CA ILE A 752 0.82 37.98 37.07
C ILE A 752 0.85 39.32 36.35
N TYR A 753 1.30 40.34 37.05
CA TYR A 753 1.26 41.71 36.55
C TYR A 753 2.59 42.38 36.86
N LEU A 754 3.30 42.80 35.84
CA LEU A 754 4.63 43.36 36.03
C LEU A 754 4.53 44.79 36.53
N HIS A 755 5.17 45.07 37.66
CA HIS A 755 5.32 46.40 38.20
C HIS A 755 6.80 46.70 38.36
N LYS A 756 7.15 47.97 38.25
CA LYS A 756 8.51 48.37 38.53
C LYS A 756 8.72 48.46 40.04
N MET A 757 9.95 48.20 40.45
CA MET A 757 10.29 48.20 41.86
C MET A 757 10.22 49.60 42.43
N PRO A 758 10.07 49.73 43.76
CA PRO A 758 10.25 51.04 44.39
C PRO A 758 11.69 51.52 44.23
N GLU A 759 11.87 52.83 44.31
CA GLU A 759 13.19 53.38 44.09
C GLU A 759 14.08 53.28 45.31
N THR A 760 13.55 52.82 46.44
CA THR A 760 14.28 52.77 47.70
C THR A 760 14.69 51.37 48.11
N ASP A 761 14.11 50.33 47.52
CA ASP A 761 14.27 48.98 48.01
C ASP A 761 15.37 48.24 47.25
N PHE A 762 16.26 47.61 48.00
CA PHE A 762 17.29 46.72 47.49
C PHE A 762 17.08 45.35 48.10
N LEU A 763 17.84 44.36 47.65
CA LEU A 763 17.68 42.99 48.13
C LEU A 763 18.97 42.54 48.79
N ILE A 764 18.91 42.26 50.09
CA ILE A 764 20.07 41.82 50.85
C ILE A 764 19.98 40.32 51.06
N ILE A 765 20.94 39.60 50.53
CA ILE A 765 21.08 38.17 50.70
C ILE A 765 22.09 37.98 51.83
N ARG A 766 21.63 37.53 52.99
CA ARG A 766 22.55 37.24 54.08
C ARG A 766 22.78 35.74 54.15
N THR A 767 24.03 35.36 54.35
CA THR A 767 24.45 34.02 54.64
C THR A 767 25.29 34.07 55.90
N ARG A 768 25.95 32.96 56.22
CA ARG A 768 26.74 32.89 57.44
C ARG A 768 27.97 33.77 57.35
N GLN A 769 28.47 34.01 56.13
CA GLN A 769 29.73 34.71 55.93
C GLN A 769 29.55 36.22 55.86
N GLY A 770 28.48 36.71 55.24
CA GLY A 770 28.29 38.14 55.17
C GLY A 770 27.02 38.50 54.44
N TYR A 771 26.82 39.80 54.29
CA TYR A 771 25.70 40.37 53.56
C TYR A 771 26.10 40.66 52.13
N TYR A 772 25.16 40.47 51.21
CA TYR A 772 25.36 40.76 49.80
C TYR A 772 24.16 41.54 49.31
N ILE A 773 24.36 42.47 48.37
CA ILE A 773 23.27 43.33 47.95
C ILE A 773 23.11 43.27 46.44
N ARG A 774 21.87 43.10 45.99
CA ARG A 774 21.49 43.27 44.60
C ARG A 774 20.47 44.39 44.50
N GLU A 775 20.39 45.01 43.34
CA GLU A 775 19.19 45.78 43.07
C GLU A 775 18.17 44.88 42.39
N LEU A 776 16.91 45.25 42.54
CA LEU A 776 15.83 44.66 41.77
C LEU A 776 15.17 45.72 40.93
N VAL A 777 14.72 45.33 39.75
CA VAL A 777 13.99 46.24 38.87
C VAL A 777 12.61 45.72 38.48
N ASP A 778 12.36 44.41 38.56
CA ASP A 778 11.10 43.82 38.13
C ASP A 778 10.43 43.08 39.28
N ILE A 779 9.18 43.42 39.56
CA ILE A 779 8.42 42.71 40.57
C ILE A 779 7.01 42.46 40.04
N PHE A 780 6.61 41.20 40.04
CA PHE A 780 5.30 40.81 39.56
C PHE A 780 4.35 40.74 40.74
N VAL A 781 3.08 41.02 40.49
CA VAL A 781 2.02 40.78 41.45
C VAL A 781 1.20 39.63 40.93
N VAL A 782 1.05 38.60 41.75
CA VAL A 782 0.41 37.37 41.35
C VAL A 782 -1.03 37.42 41.83
N GLY A 783 -1.96 37.26 40.91
CA GLY A 783 -3.36 37.29 41.26
C GLY A 783 -3.84 36.04 41.96
N GLN A 784 -5.14 35.80 41.91
CA GLN A 784 -5.71 34.62 42.55
C GLN A 784 -5.33 33.38 41.74
N GLN A 785 -4.80 32.38 42.43
CA GLN A 785 -4.33 31.18 41.75
C GLN A 785 -5.48 30.33 41.27
N CYS A 786 -5.29 29.69 40.11
CA CYS A 786 -6.20 28.68 39.61
C CYS A 786 -5.52 27.34 39.83
N PRO A 787 -5.95 26.54 40.80
CA PRO A 787 -5.19 25.35 41.18
C PRO A 787 -5.35 24.23 40.17
N LEU A 788 -4.21 23.61 39.82
CA LEU A 788 -4.20 22.48 38.91
C LEU A 788 -3.90 21.16 39.63
N PHE A 789 -3.53 21.21 40.89
CA PHE A 789 -3.28 20.02 41.70
C PHE A 789 -4.22 20.04 42.89
N GLU A 790 -4.77 18.89 43.23
CA GLU A 790 -5.72 18.80 44.33
C GLU A 790 -4.97 18.53 45.63
N VAL A 791 -5.10 19.46 46.57
CA VAL A 791 -4.57 19.23 47.92
C VAL A 791 -5.39 18.14 48.58
N PRO A 792 -4.77 17.12 49.17
CA PRO A 792 -5.56 16.09 49.86
C PRO A 792 -6.13 16.63 51.15
N GLY A 793 -7.12 15.92 51.67
CA GLY A 793 -7.66 16.25 52.97
C GLY A 793 -6.86 15.59 54.07
N PRO A 794 -7.13 16.00 55.30
CA PRO A 794 -6.49 15.34 56.44
C PRO A 794 -7.08 13.97 56.67
N ASN A 795 -6.21 13.02 57.03
CA ASN A 795 -6.50 11.59 57.16
C ASN A 795 -7.05 10.96 55.90
N SER A 796 -6.80 11.55 54.73
CA SER A 796 -7.29 10.98 53.49
C SER A 796 -6.45 9.76 53.12
N LYS A 797 -6.88 9.05 52.09
CA LYS A 797 -6.07 7.93 51.60
C LYS A 797 -4.85 8.44 50.85
N ARG A 798 -5.02 9.51 50.07
CA ARG A 798 -3.90 10.13 49.37
C ARG A 798 -2.92 10.75 50.34
N ALA A 799 -3.41 11.28 51.47
CA ALA A 799 -2.55 11.86 52.48
C ALA A 799 -1.66 10.82 53.13
N ASN A 800 -2.26 9.72 53.60
CA ASN A 800 -1.49 8.64 54.23
C ASN A 800 -0.56 7.96 53.24
N THR A 801 -0.99 7.86 51.97
CA THR A 801 -0.13 7.30 50.94
C THR A 801 1.09 8.19 50.70
N HIS A 802 0.91 9.51 50.73
CA HIS A 802 2.06 10.40 50.55
C HIS A 802 3.01 10.34 51.73
N ILE A 803 2.47 10.26 52.95
CA ILE A 803 3.33 10.13 54.14
C ILE A 803 4.16 8.85 54.08
N ARG A 804 3.52 7.73 53.73
CA ARG A 804 4.23 6.46 53.63
C ARG A 804 5.27 6.47 52.52
N ASP A 805 4.94 7.05 51.36
CA ASP A 805 5.88 7.08 50.24
C ASP A 805 7.05 8.02 50.50
N PHE A 806 6.80 9.14 51.19
CA PHE A 806 7.86 10.06 51.55
C PHE A 806 8.84 9.41 52.53
N LEU A 807 8.32 8.69 53.51
CA LEU A 807 9.18 7.98 54.46
C LEU A 807 9.98 6.88 53.75
N GLN A 808 9.37 6.21 52.79
CA GLN A 808 10.08 5.16 52.05
C GLN A 808 11.18 5.74 51.17
N VAL A 809 10.93 6.88 50.55
CA VAL A 809 11.94 7.52 49.71
C VAL A 809 13.11 8.00 50.56
N PHE A 810 12.82 8.57 51.74
CA PHE A 810 13.89 8.98 52.65
C PHE A 810 14.72 7.79 53.13
N ILE A 811 14.07 6.65 53.36
CA ILE A 811 14.79 5.45 53.80
C ILE A 811 15.68 4.91 52.69
N TYR A 812 15.18 4.91 51.46
CA TYR A 812 15.99 4.46 50.31
C TYR A 812 17.18 5.38 50.08
N ARG A 813 16.99 6.69 50.24
CA ARG A 813 18.10 7.60 50.02
C ARG A 813 19.10 7.56 51.16
N LEU A 814 18.68 7.17 52.36
CA LEU A 814 19.65 6.92 53.41
C LEU A 814 20.42 5.63 53.16
N PHE A 815 19.78 4.64 52.53
CA PHE A 815 20.51 3.42 52.20
C PHE A 815 21.51 3.67 51.07
N TRP A 816 21.16 4.56 50.12
CA TRP A 816 22.09 4.88 49.05
C TRP A 816 23.29 5.65 49.56
N LYS A 817 23.10 6.50 50.57
CA LYS A 817 24.18 7.29 51.14
C LYS A 817 25.11 6.48 52.02
N SER A 818 24.75 5.25 52.36
CA SER A 818 25.55 4.45 53.29
C SER A 818 26.80 3.93 52.60
N LYS A 819 27.95 4.04 53.27
CA LYS A 819 29.23 3.66 52.62
C LYS A 819 29.58 2.21 52.94
N ASP A 820 28.93 1.64 53.95
CA ASP A 820 29.24 0.25 54.38
C ASP A 820 28.88 -0.72 53.24
N ARG A 821 29.72 -1.72 52.99
CA ARG A 821 29.51 -2.66 51.86
C ARG A 821 28.23 -3.50 51.98
N PRO A 822 27.81 -3.99 53.16
CA PRO A 822 26.40 -4.31 53.38
C PRO A 822 25.79 -2.97 53.80
N ARG A 823 24.97 -2.37 52.95
CA ARG A 823 24.40 -1.03 53.24
C ARG A 823 23.62 -1.09 54.55
N ARG A 824 23.89 -0.16 55.47
CA ARG A 824 23.27 -0.20 56.77
C ARG A 824 22.96 1.22 57.22
N ILE A 825 21.82 1.39 57.90
CA ILE A 825 21.39 2.67 58.42
C ILE A 825 21.11 2.53 59.90
N ARG A 826 20.89 3.66 60.55
CA ARG A 826 20.50 3.70 61.95
C ARG A 826 19.06 4.19 62.06
N MET A 827 18.37 3.70 63.09
CA MET A 827 16.96 4.03 63.25
C MET A 827 16.76 5.47 63.72
N GLU A 828 17.63 5.96 64.60
CA GLU A 828 17.44 7.30 65.13
C GLU A 828 17.83 8.42 64.16
N ASP A 829 18.43 8.10 63.02
CA ASP A 829 18.46 9.07 61.92
C ASP A 829 17.06 9.32 61.38
N ILE A 830 16.30 8.24 61.18
CA ILE A 830 14.93 8.36 60.72
C ILE A 830 14.05 8.95 61.81
N LYS A 831 14.36 8.67 63.07
CA LYS A 831 13.60 9.27 64.16
C LYS A 831 13.91 10.75 64.32
N LYS A 832 15.11 11.18 63.91
CA LYS A 832 15.41 12.60 63.89
C LYS A 832 14.70 13.30 62.73
N ALA A 833 14.56 12.62 61.60
CA ALA A 833 13.90 13.23 60.46
C ALA A 833 12.39 13.30 60.64
N PHE A 834 11.78 12.20 61.03
CA PHE A 834 10.34 12.09 61.23
C PHE A 834 10.06 11.83 62.70
N PRO A 835 10.04 12.85 63.56
CA PRO A 835 9.85 12.58 64.99
C PRO A 835 8.40 12.44 65.41
N SER A 836 7.46 12.85 64.59
CA SER A 836 6.05 12.65 64.90
C SER A 836 5.59 11.24 64.57
N HIS A 837 6.36 10.51 63.79
CA HIS A 837 5.99 9.14 63.42
C HIS A 837 6.15 8.22 64.61
N SER A 838 5.15 7.37 64.82
CA SER A 838 5.33 6.24 65.71
C SER A 838 6.34 5.30 65.10
N GLU A 839 7.14 4.67 65.95
CA GLU A 839 8.21 3.81 65.45
C GLU A 839 7.70 2.50 64.87
N SER A 840 6.43 2.17 65.08
CA SER A 840 5.83 1.03 64.41
C SER A 840 5.72 1.24 62.91
N SER A 841 5.45 2.48 62.49
CA SER A 841 5.34 2.77 61.06
C SER A 841 6.71 2.75 60.40
N ILE A 842 7.73 3.27 61.08
CA ILE A 842 9.09 3.23 60.56
C ILE A 842 9.59 1.80 60.47
N ARG A 843 9.29 0.99 61.48
CA ARG A 843 9.67 -0.42 61.43
C ARG A 843 8.87 -1.18 60.37
N LYS A 844 7.66 -0.74 60.07
CA LYS A 844 6.90 -1.32 58.96
C LYS A 844 7.57 -1.01 57.63
N ARG A 845 8.11 0.20 57.48
CA ARG A 845 8.80 0.52 56.23
C ARG A 845 10.13 -0.22 56.12
N LEU A 846 10.79 -0.45 57.26
CA LEU A 846 12.06 -1.16 57.25
C LEU A 846 11.92 -2.68 57.29
N LYS A 847 10.71 -3.19 57.46
CA LYS A 847 10.52 -4.63 57.63
C LYS A 847 10.86 -5.37 56.34
N LEU A 848 10.13 -5.09 55.28
CA LEU A 848 10.66 -5.33 53.96
C LEU A 848 11.81 -4.36 53.72
N CYS A 849 12.85 -4.83 53.04
CA CYS A 849 14.10 -4.21 52.57
C CYS A 849 15.20 -4.08 53.61
N ALA A 850 15.01 -4.47 54.86
CA ALA A 850 16.07 -4.37 55.85
C ALA A 850 15.82 -5.36 56.96
N ASP A 851 16.87 -5.63 57.73
CA ASP A 851 16.74 -6.43 58.94
C ASP A 851 17.69 -5.91 60.01
N PHE A 852 17.29 -6.11 61.26
CA PHE A 852 18.00 -5.56 62.41
C PHE A 852 19.03 -6.57 62.88
N LYS A 853 20.28 -6.13 63.02
CA LYS A 853 21.31 -6.98 63.59
C LYS A 853 21.55 -6.55 65.03
N ARG A 854 21.34 -7.46 65.97
CA ARG A 854 21.53 -7.16 67.38
C ARG A 854 22.94 -7.43 67.85
N THR A 855 23.54 -8.53 67.41
CA THR A 855 24.82 -8.98 67.93
C THR A 855 25.83 -9.13 66.80
N GLY A 856 27.10 -9.26 67.20
CA GLY A 856 28.17 -9.43 66.23
C GLY A 856 28.49 -8.14 65.51
N MET A 857 28.93 -8.28 64.28
CA MET A 857 29.15 -7.13 63.42
C MET A 857 27.81 -6.53 63.02
N ASP A 858 27.84 -5.25 62.64
CA ASP A 858 26.68 -4.45 62.24
C ASP A 858 25.62 -4.37 63.34
N SER A 859 26.05 -4.45 64.60
CA SER A 859 25.12 -4.51 65.71
C SER A 859 24.45 -3.17 65.93
N ASN A 860 23.14 -3.21 66.22
CA ASN A 860 22.25 -2.06 66.32
C ASN A 860 22.15 -1.27 65.02
N TRP A 861 22.33 -1.96 63.89
CA TRP A 861 22.13 -1.37 62.58
C TRP A 861 21.06 -2.14 61.83
N TRP A 862 20.42 -1.45 60.89
CA TRP A 862 19.43 -2.04 59.99
C TRP A 862 20.11 -2.28 58.66
N VAL A 863 20.65 -3.48 58.48
CA VAL A 863 21.35 -3.76 57.24
C VAL A 863 20.34 -4.04 56.13
N LEU A 864 20.77 -3.79 54.89
CA LEU A 864 19.93 -4.06 53.74
C LEU A 864 19.95 -5.55 53.44
N LYS A 865 18.78 -6.09 53.08
CA LYS A 865 18.68 -7.50 52.73
C LYS A 865 19.44 -7.77 51.44
N SER A 866 20.08 -8.94 51.39
CA SER A 866 20.98 -9.26 50.29
C SER A 866 20.21 -9.55 49.00
N ASP A 867 18.98 -10.04 49.12
CA ASP A 867 18.16 -10.28 47.93
C ASP A 867 17.47 -9.02 47.45
N PHE A 868 17.39 -7.99 48.27
CA PHE A 868 16.67 -6.77 47.91
C PHE A 868 17.52 -5.93 46.96
N ARG A 869 16.98 -5.63 45.79
CA ARG A 869 17.59 -4.68 44.89
C ARG A 869 17.13 -3.28 45.29
N LEU A 870 18.06 -2.46 45.73
CA LEU A 870 17.77 -1.07 46.04
C LEU A 870 17.37 -0.35 44.75
N PRO A 871 16.27 0.40 44.75
CA PRO A 871 15.79 1.02 43.51
C PRO A 871 16.74 2.08 42.99
N THR A 872 16.77 2.23 41.67
CA THR A 872 17.63 3.20 41.02
C THR A 872 17.11 4.61 41.27
N GLU A 873 17.85 5.60 40.76
CA GLU A 873 17.52 7.00 41.04
C GLU A 873 16.21 7.41 40.37
N GLU A 874 15.97 6.92 39.16
CA GLU A 874 14.74 7.29 38.46
C GLU A 874 13.51 6.62 39.05
N GLU A 875 13.67 5.43 39.64
CA GLU A 875 12.52 4.81 40.32
C GLU A 875 12.17 5.55 41.59
N ILE A 876 13.19 5.99 42.36
CA ILE A 876 12.95 6.78 43.56
C ILE A 876 12.35 8.13 43.20
N ARG A 877 12.73 8.70 42.05
CA ARG A 877 12.09 9.92 41.59
C ARG A 877 10.66 9.67 41.14
N ALA A 878 10.37 8.49 40.61
CA ALA A 878 9.01 8.18 40.20
C ALA A 878 8.12 7.83 41.39
N MET A 879 8.69 7.57 42.55
CA MET A 879 7.88 7.28 43.74
C MET A 879 7.10 8.51 44.20
N VAL A 880 7.81 9.58 44.59
CA VAL A 880 7.18 10.83 45.03
C VAL A 880 7.65 11.95 44.12
N SER A 881 6.71 12.78 43.71
CA SER A 881 6.78 14.02 42.94
C SER A 881 6.88 15.21 43.88
N PRO A 882 7.54 16.30 43.47
CA PRO A 882 7.63 17.47 44.36
C PRO A 882 6.31 18.19 44.55
N GLU A 883 5.42 18.15 43.55
CA GLU A 883 4.12 18.80 43.68
C GLU A 883 3.24 18.11 44.70
N GLN A 884 3.38 16.80 44.86
CA GLN A 884 2.68 16.10 45.94
C GLN A 884 3.18 16.54 47.30
N CYS A 885 4.48 16.84 47.42
CA CYS A 885 5.01 17.37 48.67
C CYS A 885 4.49 18.76 48.94
N CYS A 886 4.34 19.59 47.90
CA CYS A 886 3.75 20.92 48.10
C CYS A 886 2.29 20.85 48.50
N ALA A 887 1.54 19.91 47.92
CA ALA A 887 0.15 19.72 48.31
C ALA A 887 0.03 19.22 49.75
N TYR A 888 0.94 18.34 50.17
CA TYR A 888 0.94 17.88 51.55
C TYR A 888 1.30 18.99 52.51
N TYR A 889 2.25 19.85 52.14
CA TYR A 889 2.64 20.96 53.01
C TYR A 889 1.52 21.98 53.13
N SER A 890 0.78 22.20 52.04
CA SER A 890 -0.39 23.07 52.09
C SER A 890 -1.47 22.50 53.01
N MET A 891 -1.66 21.17 52.95
CA MET A 891 -2.66 20.54 53.81
C MET A 891 -2.28 20.65 55.28
N ILE A 892 -1.02 20.41 55.63
CA ILE A 892 -0.69 20.42 57.05
C ILE A 892 -0.60 21.85 57.59
N ALA A 893 -0.23 22.82 56.75
CA ALA A 893 -0.25 24.22 57.17
C ALA A 893 -1.67 24.69 57.40
N ALA A 894 -2.60 24.29 56.54
CA ALA A 894 -3.99 24.67 56.71
C ALA A 894 -4.63 23.96 57.91
N GLU A 895 -4.23 22.71 58.14
CA GLU A 895 -4.60 21.99 59.35
C GLU A 895 -4.19 22.76 60.60
N GLN A 896 -2.97 23.28 60.61
CA GLN A 896 -2.49 24.06 61.80
C GLN A 896 -3.30 25.33 61.95
N ARG A 897 -3.51 26.08 60.86
CA ARG A 897 -4.22 27.38 60.95
C ARG A 897 -5.66 27.15 61.43
N LEU A 898 -6.34 26.15 60.88
CA LEU A 898 -7.72 25.81 61.32
C LEU A 898 -7.69 25.36 62.78
N LYS A 899 -6.72 24.53 63.15
CA LYS A 899 -6.65 24.00 64.54
C LYS A 899 -6.45 25.16 65.50
N ASP A 900 -5.57 26.09 65.17
CA ASP A 900 -5.31 27.27 66.04
C ASP A 900 -6.58 28.12 66.15
N ALA A 901 -7.28 28.33 65.04
CA ALA A 901 -8.55 29.10 65.06
C ALA A 901 -9.72 28.17 65.39
N GLY A 902 -9.76 27.64 66.62
CA GLY A 902 -10.85 26.73 67.04
C GLY A 902 -11.07 25.60 66.04
N ASP A 924 -18.11 26.39 60.07
CA ASP A 924 -17.91 25.58 58.84
C ASP A 924 -17.42 26.48 57.70
N ASP A 925 -17.56 27.79 57.86
CA ASP A 925 -17.13 28.73 56.78
C ASP A 925 -15.63 28.60 56.58
N GLU A 926 -14.86 28.55 57.68
CA GLU A 926 -13.39 28.43 57.60
C GLU A 926 -13.04 27.09 56.95
N VAL A 927 -13.77 26.03 57.28
CA VAL A 927 -13.50 24.67 56.71
C VAL A 927 -13.70 24.71 55.20
N ARG A 928 -14.68 25.47 54.71
CA ARG A 928 -14.89 25.61 53.25
C ARG A 928 -13.65 26.27 52.61
N THR A 929 -13.01 27.21 53.32
CA THR A 929 -11.83 27.93 52.78
C THR A 929 -10.57 27.07 52.88
N ALA A 930 -10.69 25.82 53.35
CA ALA A 930 -9.53 24.94 53.41
C ALA A 930 -9.16 24.47 52.02
N PRO A 931 -7.86 24.36 51.70
CA PRO A 931 -7.44 24.12 50.33
C PRO A 931 -7.84 22.78 49.74
N TRP A 932 -8.15 21.77 50.56
CA TRP A 932 -8.63 20.53 49.96
C TRP A 932 -10.01 20.74 49.35
N ASN A 933 -10.87 21.48 50.06
CA ASN A 933 -12.20 21.80 49.55
C ASN A 933 -12.13 22.71 48.34
N THR A 934 -11.32 23.76 48.39
CA THR A 934 -11.27 24.72 47.28
C THR A 934 -10.59 24.14 46.05
N THR A 935 -9.57 23.30 46.25
CA THR A 935 -8.93 22.68 45.09
C THR A 935 -9.84 21.64 44.45
N ARG A 936 -10.57 20.86 45.26
CA ARG A 936 -11.55 19.94 44.70
C ARG A 936 -12.64 20.68 43.95
N ALA A 937 -13.09 21.81 44.49
CA ALA A 937 -14.14 22.60 43.85
C ALA A 937 -13.68 23.17 42.52
N PHE A 938 -12.46 23.70 42.46
CA PHE A 938 -12.00 24.30 41.22
C PHE A 938 -11.71 23.25 40.16
N ILE A 939 -11.11 22.13 40.53
CA ILE A 939 -10.81 21.12 39.52
C ILE A 939 -12.09 20.47 39.01
N ALA A 940 -13.09 20.29 39.89
CA ALA A 940 -14.39 19.79 39.45
C ALA A 940 -15.11 20.79 38.56
N ALA A 941 -14.95 22.09 38.84
CA ALA A 941 -15.53 23.09 37.94
C ALA A 941 -14.85 23.11 36.59
N MET A 942 -13.56 22.80 36.55
CA MET A 942 -12.86 22.78 35.27
C MET A 942 -13.25 21.55 34.44
N LYS A 943 -13.59 20.43 35.08
CA LYS A 943 -14.11 19.35 34.23
C LYS A 943 -15.56 19.58 33.82
N GLY A 944 -16.26 20.53 34.44
CA GLY A 944 -17.66 20.74 34.16
C GLY A 944 -18.61 19.95 35.03
N LYS A 945 -18.11 19.26 36.06
CA LYS A 945 -18.95 18.60 37.06
C LYS A 945 -19.94 19.55 37.67
N CYS A 946 -19.48 20.68 38.19
CA CYS A 946 -20.30 21.55 39.00
C CYS A 946 -19.88 22.99 38.77
N LEU A 947 -20.66 23.90 39.34
CA LEU A 947 -20.34 25.31 39.26
C LEU A 947 -19.92 25.83 40.62
N LEU A 948 -19.32 27.02 40.63
CA LEU A 948 -18.85 27.64 41.85
C LEU A 948 -19.58 28.96 42.06
N GLU A 949 -19.98 29.20 43.30
CA GLU A 949 -20.43 30.54 43.66
C GLU A 949 -19.23 31.47 43.69
N VAL A 950 -19.19 32.43 42.77
CA VAL A 950 -18.00 33.27 42.67
C VAL A 950 -17.97 34.36 43.72
N THR A 951 -19.10 34.64 44.36
CA THR A 951 -19.14 35.48 45.55
C THR A 951 -19.55 34.62 46.74
N GLY A 952 -18.69 34.62 47.76
CA GLY A 952 -18.93 33.76 48.90
C GLY A 952 -17.98 34.09 50.03
N VAL A 953 -17.72 33.09 50.87
CA VAL A 953 -16.82 33.29 52.00
C VAL A 953 -15.44 32.68 51.76
N ALA A 954 -15.27 31.86 50.73
CA ALA A 954 -13.95 31.33 50.39
C ALA A 954 -13.08 32.32 49.65
N ASP A 955 -13.62 33.50 49.32
CA ASP A 955 -13.00 34.67 48.73
C ASP A 955 -11.77 35.09 49.55
N PRO A 956 -10.56 34.98 49.00
CA PRO A 956 -9.37 35.29 49.80
C PRO A 956 -9.15 36.77 50.02
N THR A 957 -9.86 37.64 49.30
CA THR A 957 -9.74 39.07 49.51
C THR A 957 -10.53 39.52 50.74
N GLY A 958 -11.74 38.99 50.90
CA GLY A 958 -12.64 39.51 51.91
C GLY A 958 -13.52 40.63 51.43
N CYS A 959 -13.35 41.05 50.17
CA CYS A 959 -14.22 42.02 49.51
C CYS A 959 -14.70 41.42 48.19
N GLY A 960 -15.27 42.25 47.33
CA GLY A 960 -15.82 41.77 46.07
C GLY A 960 -14.78 41.32 45.06
N GLU A 961 -13.53 41.72 45.22
CA GLU A 961 -12.48 41.28 44.33
C GLU A 961 -12.12 39.83 44.61
N GLY A 962 -11.74 39.10 43.57
CA GLY A 962 -11.36 37.71 43.73
C GLY A 962 -12.56 36.77 43.75
N PHE A 963 -12.27 35.50 43.48
CA PHE A 963 -13.27 34.45 43.37
C PHE A 963 -13.35 33.67 44.67
N SER A 964 -14.38 32.83 44.77
CA SER A 964 -14.50 31.84 45.85
C SER A 964 -14.73 30.49 45.22
N TYR A 965 -13.87 29.52 45.55
CA TYR A 965 -13.94 28.19 44.93
C TYR A 965 -14.62 27.24 45.90
N VAL A 966 -15.95 27.29 45.92
CA VAL A 966 -16.74 26.29 46.64
C VAL A 966 -17.88 25.86 45.74
N LYS A 967 -18.20 24.56 45.81
CA LYS A 967 -19.08 23.93 44.84
C LYS A 967 -20.53 24.36 45.02
N ILE A 968 -21.18 24.64 43.91
CA ILE A 968 -22.63 24.84 43.88
C ILE A 968 -23.13 23.81 42.86
N PRO A 969 -24.34 23.29 42.99
CA PRO A 969 -24.86 22.41 41.92
C PRO A 969 -25.12 23.21 40.66
N ASN A 970 -25.02 22.47 39.57
CA ASN A 970 -25.31 23.07 38.24
C ASN A 970 -26.84 23.22 38.06
N LYS A 971 -27.63 22.97 39.11
CA LYS A 971 -29.11 23.15 39.04
C LYS A 971 -29.64 23.85 40.29
N ASP A 992 -52.38 31.40 31.30
CA ASP A 992 -52.35 30.74 29.95
C ASP A 992 -53.80 30.48 29.52
N ALA A 993 -54.60 29.82 30.36
CA ALA A 993 -56.03 29.62 30.05
C ALA A 993 -56.72 30.99 29.98
N ASP A 994 -56.34 31.91 30.87
CA ASP A 994 -56.91 33.28 30.84
C ASP A 994 -56.55 33.96 29.51
N LEU A 995 -55.32 33.78 29.04
CA LEU A 995 -54.88 34.36 27.74
C LEU A 995 -55.69 33.72 26.59
N ARG A 996 -55.96 32.41 26.68
CA ARG A 996 -56.79 31.72 25.67
C ARG A 996 -58.19 32.33 25.65
N ARG A 997 -58.76 32.60 26.83
CA ARG A 997 -60.10 33.25 26.91
C ARG A 997 -60.02 34.66 26.30
N LEU A 998 -58.92 35.38 26.56
CA LEU A 998 -58.72 36.77 26.07
C LEU A 998 -59.23 36.98 24.64
N SER A 999 -59.27 35.94 23.77
CA SER A 999 -59.91 36.09 22.44
C SER A 999 -58.94 36.85 21.50
N LEU A 1000 -59.10 36.72 20.19
CA LEU A 1000 -58.12 37.37 19.27
C LEU A 1000 -58.18 38.88 19.43
N LYS A 1001 -59.37 39.47 19.53
CA LYS A 1001 -59.53 40.94 19.56
C LYS A 1001 -58.74 41.62 20.68
N ASN A 1002 -58.71 41.07 21.89
CA ASN A 1002 -58.10 41.77 23.00
C ASN A 1002 -56.61 41.44 23.13
N ALA A 1003 -56.20 40.24 22.72
CA ALA A 1003 -54.79 39.90 22.68
C ALA A 1003 -54.05 40.70 21.62
N LYS A 1004 -54.70 40.94 20.48
CA LYS A 1004 -54.19 41.84 19.45
C LYS A 1004 -53.96 43.24 20.00
N GLN A 1005 -54.95 43.77 20.73
CA GLN A 1005 -54.79 45.09 21.35
C GLN A 1005 -53.69 45.10 22.42
N LEU A 1006 -53.52 43.99 23.14
CA LEU A 1006 -52.45 43.91 24.14
C LEU A 1006 -51.07 43.87 23.48
N LEU A 1007 -50.93 43.10 22.38
CA LEU A 1007 -49.68 43.11 21.63
C LEU A 1007 -49.36 44.48 21.07
N ARG A 1008 -50.40 45.22 20.64
CA ARG A 1008 -50.20 46.61 20.23
C ARG A 1008 -49.74 47.47 21.41
N LYS A 1009 -50.27 47.20 22.61
CA LYS A 1009 -49.90 47.99 23.79
C LYS A 1009 -48.47 47.75 24.23
N PHE A 1010 -48.01 46.49 24.19
CA PHE A 1010 -46.64 46.18 24.63
C PHE A 1010 -45.58 46.71 23.69
N GLY A 1011 -45.91 46.99 22.44
CA GLY A 1011 -44.91 47.37 21.45
C GLY A 1011 -44.39 46.24 20.61
N VAL A 1012 -45.12 45.14 20.53
CA VAL A 1012 -44.79 44.02 19.62
C VAL A 1012 -44.87 44.51 18.18
N PRO A 1013 -43.92 44.17 17.31
CA PRO A 1013 -43.96 44.62 15.91
C PRO A 1013 -45.19 44.12 15.15
N GLU A 1014 -45.61 44.91 14.15
CA GLU A 1014 -46.87 44.71 13.46
C GLU A 1014 -46.95 43.44 12.63
N GLU A 1015 -45.82 42.78 12.36
CA GLU A 1015 -45.86 41.51 11.63
C GLU A 1015 -46.52 40.42 12.46
N GLU A 1016 -46.12 40.30 13.73
CA GLU A 1016 -46.71 39.30 14.63
C GLU A 1016 -48.17 39.61 14.93
N ILE A 1017 -48.51 40.89 15.08
CA ILE A 1017 -49.90 41.32 15.20
C ILE A 1017 -50.67 41.00 13.91
N LYS A 1018 -49.98 41.05 12.77
CA LYS A 1018 -50.63 40.97 11.46
C LYS A 1018 -50.98 39.52 11.11
N LYS A 1019 -50.08 38.57 11.39
CA LYS A 1019 -50.34 37.15 11.03
C LYS A 1019 -51.75 36.77 11.48
N LEU A 1020 -52.33 37.49 12.45
CA LEU A 1020 -53.72 37.26 12.92
C LEU A 1020 -53.93 35.79 13.33
N SER A 1021 -52.91 35.18 13.96
CA SER A 1021 -53.08 33.80 14.47
C SER A 1021 -53.24 33.89 15.98
N ARG A 1022 -54.44 33.62 16.50
CA ARG A 1022 -54.70 33.76 17.97
C ARG A 1022 -53.73 32.88 18.77
N TRP A 1023 -53.53 31.62 18.35
CA TRP A 1023 -52.69 30.67 19.12
C TRP A 1023 -51.25 31.20 19.18
N GLU A 1024 -50.70 31.63 18.04
CA GLU A 1024 -49.32 32.19 18.00
C GLU A 1024 -49.28 33.50 18.79
N VAL A 1025 -50.33 34.33 18.66
CA VAL A 1025 -50.35 35.66 19.35
C VAL A 1025 -50.28 35.44 20.86
N ILE A 1026 -51.03 34.46 21.37
CA ILE A 1026 -51.06 34.19 22.85
C ILE A 1026 -49.67 33.75 23.33
N ASP A 1027 -49.00 32.90 22.54
CA ASP A 1027 -47.65 32.41 22.94
C ASP A 1027 -46.71 33.62 23.03
N VAL A 1028 -46.78 34.52 22.04
CA VAL A 1028 -45.92 35.74 22.06
C VAL A 1028 -46.31 36.65 23.24
N VAL A 1029 -47.62 36.81 23.49
CA VAL A 1029 -48.07 37.70 24.61
C VAL A 1029 -47.62 37.11 25.95
N ARG A 1030 -47.64 35.77 26.08
CA ARG A 1030 -47.18 35.11 27.34
C ARG A 1030 -45.67 35.36 27.48
N THR A 1031 -44.92 35.26 26.37
CA THR A 1031 -43.47 35.54 26.40
C THR A 1031 -43.24 37.02 26.75
N MET A 1032 -44.05 37.91 26.17
CA MET A 1032 -43.91 39.37 26.43
C MET A 1032 -44.19 39.65 27.91
N SER A 1033 -45.23 39.02 28.47
CA SER A 1033 -45.56 39.20 29.90
C SER A 1033 -44.40 38.66 30.76
N THR A 1034 -43.83 37.52 30.38
CA THR A 1034 -42.71 36.91 31.15
C THR A 1034 -41.51 37.86 31.14
N GLU A 1035 -41.21 38.48 30.00
CA GLU A 1035 -40.07 39.43 29.90
C GLU A 1035 -40.22 40.51 30.98
N ARG A 1052 -38.67 29.66 34.17
CA ARG A 1052 -38.15 28.89 35.33
C ARG A 1052 -36.86 28.18 34.89
N PHE A 1053 -35.95 28.90 34.26
CA PHE A 1053 -34.77 28.21 33.68
C PHE A 1053 -33.94 27.53 34.77
N SER A 1054 -33.57 26.27 34.53
CA SER A 1054 -32.66 25.56 35.47
C SER A 1054 -31.36 25.24 34.73
N VAL A 1055 -31.18 25.73 33.49
CA VAL A 1055 -30.00 25.31 32.67
C VAL A 1055 -29.20 26.49 32.10
N ALA A 1056 -29.66 27.18 31.04
CA ALA A 1056 -28.82 28.21 30.43
C ALA A 1056 -28.78 29.36 31.41
N GLU A 1057 -29.86 29.67 32.13
CA GLU A 1057 -29.82 30.87 33.00
C GLU A 1057 -28.69 30.72 34.02
N HIS A 1058 -28.64 29.62 34.75
CA HIS A 1058 -27.61 29.45 35.81
C HIS A 1058 -26.25 29.45 35.13
N GLN A 1059 -26.12 28.71 34.03
CA GLN A 1059 -24.75 28.63 33.47
C GLN A 1059 -24.28 30.02 33.03
N GLU A 1060 -25.11 30.80 32.33
CA GLU A 1060 -24.70 32.12 31.79
C GLU A 1060 -24.45 33.07 32.93
N ARG A 1061 -25.27 32.99 33.96
CA ARG A 1061 -25.10 33.91 35.10
C ARG A 1061 -23.72 33.64 35.72
N TYR A 1062 -23.39 32.36 35.91
CA TYR A 1062 -22.09 32.04 36.52
C TYR A 1062 -20.99 32.56 35.58
N LYS A 1063 -21.15 32.35 34.29
CA LYS A 1063 -20.09 32.75 33.34
C LYS A 1063 -19.88 34.26 33.41
N GLU A 1064 -20.96 35.04 33.41
CA GLU A 1064 -20.77 36.50 33.36
C GLU A 1064 -20.19 36.93 34.69
N GLU A 1065 -20.61 36.35 35.80
CA GLU A 1065 -20.00 36.83 37.06
C GLU A 1065 -18.50 36.51 37.02
N CYS A 1066 -18.14 35.36 36.46
CA CYS A 1066 -16.71 35.02 36.31
C CYS A 1066 -16.01 36.08 35.45
N GLN A 1067 -16.54 36.46 34.28
CA GLN A 1067 -15.79 37.46 33.50
C GLN A 1067 -15.73 38.79 34.26
N ARG A 1068 -16.80 39.14 34.93
CA ARG A 1068 -16.72 40.43 35.62
C ARG A 1068 -15.63 40.36 36.68
N ILE A 1069 -15.56 39.31 37.50
CA ILE A 1069 -14.55 39.31 38.59
C ILE A 1069 -13.16 39.27 37.96
N PHE A 1070 -13.00 38.50 36.89
CA PHE A 1070 -11.64 38.39 36.33
C PHE A 1070 -11.22 39.79 35.92
N ASP A 1071 -12.11 40.52 35.22
CA ASP A 1071 -11.77 41.88 34.71
C ASP A 1071 -11.62 42.91 35.84
N LEU A 1072 -12.33 42.79 36.97
CA LEU A 1072 -12.10 43.74 38.07
C LEU A 1072 -10.73 43.46 38.67
N GLN A 1073 -10.38 42.19 38.86
CA GLN A 1073 -9.08 41.88 39.49
C GLN A 1073 -7.97 42.35 38.57
N ASN A 1074 -8.09 42.12 37.27
CA ASN A 1074 -6.97 42.55 36.42
C ASN A 1074 -6.79 44.05 36.60
N LYS A 1075 -7.88 44.80 36.53
CA LYS A 1075 -7.68 46.25 36.59
C LYS A 1075 -7.08 46.66 37.93
N VAL A 1076 -7.64 46.18 39.03
CA VAL A 1076 -7.15 46.71 40.33
C VAL A 1076 -5.68 46.34 40.47
N LEU A 1077 -5.32 45.12 40.12
CA LEU A 1077 -3.92 44.71 40.36
C LEU A 1077 -2.98 45.50 39.45
N SER A 1078 -3.31 45.69 38.18
CA SER A 1078 -2.31 46.40 37.33
C SER A 1078 -2.32 47.92 37.57
N SER A 1079 -3.26 48.44 38.36
CA SER A 1079 -3.24 49.90 38.70
C SER A 1079 -1.90 50.44 39.24
N THR A 1080 -1.33 51.44 38.56
CA THR A 1080 -0.11 52.09 39.10
C THR A 1080 -0.54 53.35 39.85
N GLU A 1081 -1.85 53.50 40.09
CA GLU A 1081 -2.35 54.67 40.87
C GLU A 1081 -1.86 54.54 42.31
N VAL A 1082 -1.40 55.65 42.90
CA VAL A 1082 -0.97 55.63 44.33
C VAL A 1082 -2.23 55.49 45.20
N LEU A 1083 -2.16 54.66 46.24
CA LEU A 1083 -3.30 54.50 47.19
C LEU A 1083 -2.94 55.17 48.52
N SER A 1084 -3.81 56.05 49.02
CA SER A 1084 -3.51 56.79 50.28
C SER A 1084 -3.44 55.84 51.47
N THR A 1085 -2.48 56.05 52.37
CA THR A 1085 -2.41 55.23 53.62
C THR A 1085 -3.69 55.54 54.41
N ASP A 1086 -4.32 54.53 55.00
CA ASP A 1086 -5.60 54.76 55.71
C ASP A 1086 -5.37 54.74 57.22
N ALA A 1160 -20.27 35.11 73.09
CA ALA A 1160 -21.72 35.10 72.94
C ALA A 1160 -22.40 35.41 74.27
N THR A 1161 -21.83 34.86 75.34
CA THR A 1161 -22.36 35.02 76.69
C THR A 1161 -21.97 36.37 77.32
N GLY A 1162 -21.02 37.09 76.72
CA GLY A 1162 -20.55 38.34 77.35
C GLY A 1162 -20.01 38.05 78.74
N ARG A 1163 -19.26 36.95 78.88
CA ARG A 1163 -18.77 36.53 80.23
C ARG A 1163 -17.24 36.45 80.25
N CYS A 1164 -16.60 37.12 81.21
CA CYS A 1164 -15.12 37.03 81.38
C CYS A 1164 -14.78 35.81 82.25
N LEU A 1165 -13.48 35.48 82.36
CA LEU A 1165 -13.04 34.29 83.14
C LEU A 1165 -12.18 34.75 84.32
N LYS A 1166 -12.49 34.30 85.54
CA LYS A 1166 -11.65 34.66 86.72
C LYS A 1166 -11.12 33.39 87.40
N ILE A 1167 -9.82 33.34 87.72
CA ILE A 1167 -9.20 32.12 88.32
C ILE A 1167 -8.62 32.44 89.69
N TYR A 1168 -8.91 31.60 90.70
CA TYR A 1168 -8.31 31.79 92.05
C TYR A 1168 -7.19 30.75 92.23
N ARG A 1169 -5.99 31.18 92.61
CA ARG A 1169 -4.83 30.25 92.72
C ARG A 1169 -4.30 30.25 94.16
N THR A 1170 -4.11 29.05 94.74
CA THR A 1170 -3.59 28.93 96.13
C THR A 1170 -2.15 28.40 96.07
N PHE A 1171 -1.20 29.12 96.67
CA PHE A 1171 0.22 28.68 96.64
C PHE A 1171 0.86 28.84 98.03
N ARG A 1172 2.00 28.19 98.25
CA ARG A 1172 2.73 28.33 99.54
C ARG A 1172 4.01 29.14 99.34
N ASP A 1173 4.19 30.23 100.09
CA ASP A 1173 5.39 31.09 99.98
C ASP A 1173 6.56 30.47 100.76
N GLU A 1174 7.78 30.99 100.59
CA GLU A 1174 8.97 30.51 101.36
C GLU A 1174 8.68 30.57 102.87
N GLU A 1175 9.41 29.80 103.68
CA GLU A 1175 9.07 29.71 105.13
C GLU A 1175 7.65 29.14 105.23
N GLY A 1176 6.73 29.83 105.93
CA GLY A 1176 5.33 29.36 105.94
C GLY A 1176 4.34 30.45 105.56
N LYS A 1177 3.60 30.25 104.48
CA LYS A 1177 2.52 31.21 104.10
C LYS A 1177 1.52 30.51 103.17
N GLU A 1178 0.27 30.97 103.11
CA GLU A 1178 -0.72 30.39 102.16
C GLU A 1178 -1.48 31.52 101.45
N TYR A 1179 -0.79 32.29 100.59
CA TYR A 1179 -1.44 33.40 99.85
C TYR A 1179 -2.33 32.84 98.73
N VAL A 1180 -3.42 33.55 98.41
CA VAL A 1180 -4.34 33.11 97.31
C VAL A 1180 -4.39 34.24 96.26
N ARG A 1181 -4.23 33.90 94.98
CA ARG A 1181 -4.21 34.94 93.91
C ARG A 1181 -5.48 34.83 93.06
N CYS A 1182 -6.27 35.91 92.98
CA CYS A 1182 -7.47 35.88 92.09
C CYS A 1182 -7.11 36.65 90.82
N GLU A 1183 -7.11 35.98 89.66
CA GLU A 1183 -6.69 36.62 88.40
C GLU A 1183 -7.85 36.59 87.40
N THR A 1184 -8.19 37.73 86.81
CA THR A 1184 -9.35 37.80 85.89
C THR A 1184 -8.86 37.92 84.45
N VAL A 1185 -9.34 37.03 83.57
CA VAL A 1185 -8.95 37.07 82.12
C VAL A 1185 -10.10 37.70 81.32
N ARG A 1186 -9.88 38.88 80.75
CA ARG A 1186 -10.96 39.58 79.99
C ARG A 1186 -10.79 39.32 78.49
N LYS A 1187 -9.73 38.61 78.10
CA LYS A 1187 -9.49 38.27 76.69
C LYS A 1187 -10.23 36.98 76.32
N PRO A 1188 -11.28 37.11 75.49
CA PRO A 1188 -12.16 35.98 75.15
C PRO A 1188 -11.44 34.91 74.36
N ALA A 1189 -10.29 35.26 73.79
CA ALA A 1189 -9.44 34.33 73.07
C ALA A 1189 -8.68 33.42 74.05
N VAL A 1190 -8.10 34.04 75.08
CA VAL A 1190 -7.44 33.32 76.15
C VAL A 1190 -8.43 32.42 76.89
N ILE A 1191 -9.63 32.94 77.10
CA ILE A 1191 -10.73 32.18 77.70
C ILE A 1191 -10.97 30.85 76.99
N ASP A 1192 -11.25 30.91 75.69
CA ASP A 1192 -11.60 29.74 74.89
C ASP A 1192 -10.55 28.64 74.98
N ALA A 1193 -9.28 29.02 74.81
CA ALA A 1193 -8.19 28.06 74.84
C ALA A 1193 -7.95 27.48 76.23
N TYR A 1194 -8.13 28.32 77.24
CA TYR A 1194 -7.99 27.89 78.64
C TYR A 1194 -9.03 26.83 78.99
N VAL A 1195 -10.31 27.21 78.89
CA VAL A 1195 -11.43 26.33 79.22
C VAL A 1195 -11.39 25.00 78.45
N ARG A 1196 -11.04 25.06 77.16
CA ARG A 1196 -11.04 23.84 76.30
C ARG A 1196 -10.08 22.77 76.85
N ILE A 1197 -8.98 23.18 77.49
CA ILE A 1197 -8.05 22.22 78.08
C ILE A 1197 -8.66 21.57 79.34
N ARG A 1198 -9.26 22.39 80.20
CA ARG A 1198 -9.92 21.87 81.42
C ARG A 1198 -10.99 20.87 81.01
N THR A 1199 -11.94 21.27 80.15
CA THR A 1199 -13.00 20.39 79.67
C THR A 1199 -12.43 19.09 79.08
N THR A 1200 -11.25 19.19 78.46
CA THR A 1200 -10.56 18.03 77.92
C THR A 1200 -9.92 17.21 79.05
N LYS A 1201 -9.23 17.90 79.95
CA LYS A 1201 -8.60 17.26 81.09
C LYS A 1201 -9.64 16.70 82.07
N ASP A 1202 -10.83 17.29 82.07
CA ASP A 1202 -11.94 16.79 82.88
C ASP A 1202 -12.46 15.47 82.31
N GLU A 1203 -12.35 15.31 80.99
CA GLU A 1203 -12.74 14.08 80.32
C GLU A 1203 -11.54 13.15 80.15
N GLU A 1204 -10.34 13.67 80.40
CA GLU A 1204 -9.11 12.91 80.22
C GLU A 1204 -8.90 11.92 81.37
N PHE A 1205 -9.69 12.07 82.43
CA PHE A 1205 -9.66 11.11 83.54
C PHE A 1205 -10.15 9.75 83.07
N HIS A 1216 1.23 9.62 80.41
CA HIS A 1216 1.55 10.04 81.80
C HIS A 1216 2.89 9.41 82.22
N ARG A 1217 3.78 10.21 82.80
CA ARG A 1217 5.09 9.67 83.27
C ARG A 1217 4.85 8.64 84.37
N GLU A 1218 3.88 8.91 85.25
CA GLU A 1218 3.55 7.94 86.34
C GLU A 1218 3.04 6.64 85.70
N GLU A 1219 2.20 6.76 84.68
CA GLU A 1219 1.66 5.55 84.01
C GLU A 1219 2.79 4.77 83.35
N MET A 1220 3.75 5.48 82.75
CA MET A 1220 4.91 4.82 82.09
C MET A 1220 5.72 4.07 83.16
N ARG A 1221 5.90 4.70 84.32
CA ARG A 1221 6.64 4.03 85.43
C ARG A 1221 5.85 2.78 85.85
N LYS A 1222 4.53 2.88 85.90
CA LYS A 1222 3.68 1.73 86.31
C LYS A 1222 3.88 0.61 85.28
N GLU A 1223 3.92 0.96 84.00
CA GLU A 1223 4.09 -0.04 82.92
C GLU A 1223 5.46 -0.70 83.08
N ARG A 1224 6.48 0.09 83.43
CA ARG A 1224 7.84 -0.48 83.65
C ARG A 1224 7.79 -1.47 84.80
N ARG A 1225 7.09 -1.10 85.88
CA ARG A 1225 6.98 -2.01 87.05
C ARG A 1225 6.28 -3.30 86.60
N ARG A 1226 5.25 -3.15 85.78
CA ARG A 1226 4.46 -4.33 85.31
C ARG A 1226 5.40 -5.22 84.50
N ILE A 1227 6.22 -4.63 83.63
CA ILE A 1227 7.13 -5.42 82.78
C ILE A 1227 8.13 -6.15 83.69
N GLN A 1228 8.63 -5.46 84.73
CA GLN A 1228 9.62 -6.11 85.62
C GLN A 1228 8.94 -7.31 86.28
N GLU A 1229 7.71 -7.12 86.74
CA GLU A 1229 7.03 -8.23 87.46
C GLU A 1229 6.84 -9.39 86.49
N GLN A 1230 6.43 -9.09 85.26
CA GLN A 1230 6.16 -10.15 84.27
C GLN A 1230 7.45 -10.91 83.99
N LEU A 1231 8.57 -10.19 83.85
CA LEU A 1231 9.88 -10.83 83.54
C LEU A 1231 10.29 -11.72 84.71
N ARG A 1232 10.07 -11.26 85.93
CA ARG A 1232 10.44 -12.07 87.12
C ARG A 1232 9.59 -13.34 87.12
N ARG A 1233 8.31 -13.20 86.78
CA ARG A 1233 7.41 -14.37 86.75
C ARG A 1233 7.90 -15.34 85.68
N LEU A 1234 8.33 -14.83 84.53
CA LEU A 1234 8.83 -15.67 83.42
C LEU A 1234 10.09 -16.40 83.88
N LYS A 1235 10.97 -15.71 84.59
CA LYS A 1235 12.23 -16.33 85.09
C LYS A 1235 11.87 -17.43 86.08
N ARG A 1236 10.86 -17.19 86.93
CA ARG A 1236 10.42 -18.21 87.91
C ARG A 1236 9.88 -19.41 87.13
N ASN A 1237 9.16 -19.17 86.04
CA ASN A 1237 8.60 -20.25 85.20
C ASN A 1237 9.76 -21.06 84.61
N GLN A 1238 10.81 -20.37 84.15
CA GLN A 1238 12.00 -21.04 83.58
C GLN A 1238 12.63 -21.91 84.66
N GLU A 1239 12.75 -21.39 85.88
CA GLU A 1239 13.37 -22.16 86.99
C GLU A 1239 12.51 -23.41 87.25
N LYS A 1240 11.19 -23.25 87.25
CA LYS A 1240 10.27 -24.39 87.51
C LYS A 1240 10.47 -25.44 86.42
N GLU A 1241 10.59 -25.01 85.16
CA GLU A 1241 10.78 -25.95 84.03
C GLU A 1241 12.12 -26.69 84.18
N LYS A 1242 13.19 -25.98 84.56
CA LYS A 1242 14.53 -26.63 84.61
C LYS A 1242 14.64 -27.49 85.87
N GLY B 19 36.83 13.62 23.48
CA GLY B 19 38.18 13.75 22.99
C GLY B 19 38.58 12.66 22.03
N PHE B 20 39.12 13.04 20.88
CA PHE B 20 39.52 12.10 19.85
C PHE B 20 41.03 12.20 19.65
N GLU B 21 41.73 11.10 19.88
CA GLU B 21 43.15 10.95 19.59
C GLU B 21 43.30 9.95 18.47
N SER B 22 44.10 10.30 17.45
CA SER B 22 44.19 9.47 16.26
C SER B 22 44.97 8.19 16.55
N PRO B 23 44.57 7.07 15.95
CA PRO B 23 45.42 5.88 15.96
C PRO B 23 46.57 5.98 14.97
N ARG B 24 46.46 6.82 13.97
CA ARG B 24 47.52 7.08 13.00
C ARG B 24 48.51 8.09 13.58
N PRO B 25 49.80 7.96 13.27
CA PRO B 25 50.78 8.94 13.74
C PRO B 25 50.86 10.20 12.87
N TYR B 26 50.05 10.31 11.83
CA TYR B 26 50.00 11.48 10.99
C TYR B 26 48.57 11.99 10.92
N LYS B 27 48.40 13.23 10.51
CA LYS B 27 47.08 13.82 10.30
C LYS B 27 46.97 14.27 8.85
N LEU B 28 45.95 13.77 8.17
CA LEU B 28 45.75 14.06 6.76
C LEU B 28 44.88 15.29 6.61
N THR B 29 45.35 16.25 5.80
CA THR B 29 44.73 17.56 5.67
C THR B 29 43.91 17.69 4.39
N HIS B 30 44.47 17.28 3.27
CA HIS B 30 43.91 17.51 1.95
C HIS B 30 44.26 16.31 1.09
N GLN B 31 43.35 15.95 0.19
CA GLN B 31 43.65 14.89 -0.76
C GLN B 31 43.14 15.26 -2.13
N VAL B 32 44.00 15.08 -3.13
CA VAL B 32 43.65 15.29 -4.53
C VAL B 32 43.51 13.91 -5.17
N VAL B 33 42.36 13.66 -5.77
CA VAL B 33 42.12 12.43 -6.51
C VAL B 33 41.88 12.83 -7.96
N CYS B 34 42.81 12.46 -8.84
CA CYS B 34 42.70 12.75 -10.25
C CYS B 34 42.59 11.44 -11.00
N ILE B 35 41.58 11.33 -11.85
CA ILE B 35 41.33 10.13 -12.64
C ILE B 35 41.37 10.52 -14.10
N ASN B 36 42.24 9.87 -14.85
CA ASN B 36 42.33 10.01 -16.31
C ASN B 36 41.97 8.68 -16.94
N ASN B 37 41.74 8.72 -18.26
CA ASN B 37 41.76 7.54 -19.13
C ASN B 37 40.81 6.43 -18.69
N ILE B 38 39.57 6.80 -18.38
CA ILE B 38 38.58 5.78 -18.04
C ILE B 38 38.23 5.04 -19.32
N ASN B 39 38.80 3.86 -19.48
CA ASN B 39 38.61 3.06 -20.68
C ASN B 39 37.51 2.06 -20.42
N PHE B 40 36.42 2.16 -21.18
CA PHE B 40 35.27 1.30 -20.96
C PHE B 40 35.39 -0.03 -21.68
N GLN B 41 36.11 -0.07 -22.80
CA GLN B 41 36.33 -1.32 -23.51
C GLN B 41 37.24 -2.24 -22.70
N ARG B 42 38.30 -1.69 -22.14
CA ARG B 42 39.28 -2.49 -21.40
C ARG B 42 39.01 -2.53 -19.90
N LYS B 43 38.04 -1.73 -19.42
CA LYS B 43 37.64 -1.64 -18.01
C LYS B 43 38.82 -1.27 -17.12
N SER B 44 39.33 -0.07 -17.37
CA SER B 44 40.62 0.34 -16.82
C SER B 44 40.61 1.83 -16.52
N VAL B 45 41.14 2.21 -15.37
CA VAL B 45 41.36 3.62 -15.08
C VAL B 45 42.82 3.82 -14.70
N VAL B 46 43.32 5.02 -14.99
CA VAL B 46 44.66 5.46 -14.60
C VAL B 46 44.48 6.73 -13.79
N GLY B 47 45.34 6.95 -12.81
CA GLY B 47 45.23 8.22 -12.12
C GLY B 47 46.36 8.41 -11.15
N PHE B 48 46.27 9.51 -10.40
CA PHE B 48 47.12 9.71 -9.25
C PHE B 48 46.31 10.18 -8.06
N VAL B 49 46.99 10.22 -6.94
CA VAL B 49 46.49 10.61 -5.63
C VAL B 49 47.59 11.37 -4.95
N GLU B 50 47.29 12.55 -4.44
CA GLU B 50 48.27 13.35 -3.73
C GLU B 50 47.72 13.73 -2.36
N LEU B 51 48.34 13.18 -1.32
CA LEU B 51 47.96 13.40 0.07
C LEU B 51 48.89 14.41 0.72
N THR B 52 48.33 15.16 1.66
CA THR B 52 49.04 16.23 2.37
C THR B 52 48.97 15.90 3.86
N ILE B 53 49.99 15.25 4.38
CA ILE B 53 49.96 14.79 5.77
C ILE B 53 50.89 15.65 6.61
N PHE B 54 50.48 15.86 7.86
CA PHE B 54 51.31 16.49 8.88
C PHE B 54 51.66 15.43 9.91
N PRO B 55 52.93 15.08 10.09
CA PRO B 55 53.28 14.10 11.12
C PRO B 55 53.07 14.66 12.51
N THR B 56 52.46 13.85 13.37
CA THR B 56 52.25 14.27 14.76
C THR B 56 53.33 13.76 15.69
N VAL B 57 53.99 12.68 15.28
CA VAL B 57 55.10 12.13 16.08
C VAL B 57 56.32 12.28 15.20
N ALA B 58 57.46 12.59 15.78
CA ALA B 58 58.71 12.65 15.01
C ALA B 58 59.21 11.25 14.72
N ASN B 59 60.20 11.10 13.84
CA ASN B 59 60.67 9.77 13.43
C ASN B 59 59.52 9.00 12.80
N LEU B 60 58.73 9.65 11.95
CA LEU B 60 57.56 8.94 11.39
C LEU B 60 58.08 7.76 10.60
N ASN B 61 59.12 7.92 9.78
CA ASN B 61 59.55 6.73 9.01
C ASN B 61 58.34 6.20 8.25
N ARG B 62 57.97 4.94 8.31
CA ARG B 62 56.89 4.40 7.45
C ARG B 62 55.55 5.11 7.58
N ILE B 63 54.81 5.29 6.48
CA ILE B 63 53.42 5.84 6.46
C ILE B 63 52.57 4.71 5.89
N LYS B 64 51.49 4.29 6.55
CA LYS B 64 50.71 3.11 6.11
C LYS B 64 49.35 3.49 5.56
N LEU B 65 49.11 3.33 4.25
CA LEU B 65 47.88 3.69 3.56
C LEU B 65 47.13 2.44 3.15
N ASN B 66 45.88 2.63 2.77
CA ASN B 66 45.00 1.53 2.39
C ASN B 66 44.85 1.49 0.89
N SER B 67 44.99 0.30 0.31
CA SER B 67 44.84 0.13 -1.13
C SER B 67 44.51 -1.31 -1.42
N LYS B 68 43.48 -1.53 -2.22
CA LYS B 68 43.16 -2.84 -2.75
C LYS B 68 42.94 -2.71 -4.24
N GLN B 69 43.40 -3.70 -5.00
CA GLN B 69 43.23 -3.90 -6.43
C GLN B 69 43.95 -2.88 -7.31
N CYS B 70 44.60 -1.87 -6.74
CA CYS B 70 45.27 -0.86 -7.53
C CYS B 70 46.72 -1.25 -7.72
N ARG B 71 47.18 -1.14 -8.95
CA ARG B 71 48.60 -1.40 -9.24
C ARG B 71 49.33 -0.10 -8.99
N ILE B 72 50.20 -0.04 -8.00
CA ILE B 72 50.90 1.18 -7.63
C ILE B 72 52.14 1.33 -8.49
N TYR B 73 52.17 2.35 -9.34
CA TYR B 73 53.30 2.53 -10.24
C TYR B 73 54.48 3.19 -9.55
N ARG B 74 54.31 4.42 -9.08
CA ARG B 74 55.37 5.10 -8.38
C ARG B 74 54.79 5.95 -7.24
N VAL B 75 55.62 6.18 -6.23
CA VAL B 75 55.29 6.98 -5.08
C VAL B 75 56.42 7.97 -4.86
N ARG B 76 56.10 9.26 -4.80
CA ARG B 76 57.08 10.30 -4.55
C ARG B 76 56.65 11.10 -3.33
N ILE B 77 57.52 11.19 -2.32
CA ILE B 77 57.24 11.97 -1.13
C ILE B 77 58.06 13.25 -1.20
N ASN B 78 57.38 14.40 -1.26
CA ASN B 78 57.97 15.73 -1.43
C ASN B 78 58.85 15.77 -2.68
N ASP B 79 58.34 15.19 -3.77
CA ASP B 79 59.01 15.04 -5.08
C ASP B 79 60.31 14.26 -5.00
N LEU B 80 60.48 13.44 -3.97
CA LEU B 80 61.62 12.53 -3.86
C LEU B 80 61.11 11.11 -3.95
N GLU B 81 61.83 10.27 -4.71
CA GLU B 81 61.37 8.91 -4.96
C GLU B 81 61.48 8.07 -3.70
N ALA B 82 60.37 7.42 -3.33
CA ALA B 82 60.28 6.63 -2.11
C ALA B 82 59.99 5.18 -2.47
N ALA B 83 60.28 4.30 -1.52
CA ALA B 83 60.11 2.86 -1.69
C ALA B 83 58.90 2.40 -0.90
N PHE B 84 58.02 1.64 -1.55
CA PHE B 84 56.84 1.10 -0.92
C PHE B 84 56.88 -0.42 -0.98
N ILE B 85 56.18 -1.05 -0.05
CA ILE B 85 55.93 -2.49 -0.09
C ILE B 85 54.45 -2.74 0.13
N TYR B 86 53.88 -3.59 -0.69
CA TYR B 86 52.47 -3.91 -0.65
C TYR B 86 52.30 -5.37 -0.25
N ASN B 87 51.42 -5.61 0.72
CA ASN B 87 50.96 -6.96 1.01
C ASN B 87 49.55 -6.90 1.58
N ASP B 88 48.67 -7.74 1.06
CA ASP B 88 47.30 -7.83 1.51
C ASP B 88 47.06 -9.19 2.15
N PRO B 89 46.96 -9.28 3.47
CA PRO B 89 46.70 -10.58 4.10
C PRO B 89 45.28 -11.08 3.92
N THR B 90 44.35 -10.25 3.47
CA THR B 90 42.97 -10.68 3.27
C THR B 90 42.71 -11.23 1.88
N LEU B 91 43.76 -11.43 1.08
CA LEU B 91 43.55 -12.05 -0.23
C LEU B 91 43.34 -13.54 -0.09
N GLU B 92 44.24 -14.21 0.63
CA GLU B 92 44.09 -15.61 1.01
C GLU B 92 44.26 -15.67 2.51
N VAL B 93 43.15 -15.88 3.23
CA VAL B 93 43.14 -15.66 4.67
C VAL B 93 43.95 -16.73 5.39
N CYS B 94 43.65 -17.99 5.12
CA CYS B 94 44.47 -19.10 5.60
C CYS B 94 45.28 -19.67 4.44
N HIS B 95 46.36 -20.37 4.78
CA HIS B 95 47.23 -20.94 3.78
C HIS B 95 46.51 -22.05 3.01
N SER B 96 46.97 -22.30 1.78
CA SER B 96 46.34 -23.33 0.97
C SER B 96 46.68 -24.72 1.46
N GLU B 97 47.85 -24.89 2.08
CA GLU B 97 48.34 -26.19 2.51
C GLU B 97 48.09 -26.46 3.99
N SER B 98 47.15 -25.73 4.61
CA SER B 98 46.70 -26.09 5.95
C SER B 98 45.45 -26.94 5.83
N LYS B 99 45.42 -28.03 6.58
CA LYS B 99 44.33 -28.98 6.49
C LYS B 99 43.20 -28.68 7.47
N GLN B 100 43.19 -27.49 8.07
CA GLN B 100 42.09 -27.09 8.93
C GLN B 100 40.84 -26.87 8.10
N ARG B 101 39.69 -27.31 8.64
CA ARG B 101 38.42 -27.14 7.95
C ARG B 101 37.31 -26.66 8.87
N ASN B 102 37.60 -26.32 10.12
CA ASN B 102 36.60 -25.76 11.00
C ASN B 102 36.46 -24.26 10.78
N LEU B 103 35.30 -23.74 11.17
CA LEU B 103 34.97 -22.35 10.87
C LEU B 103 35.48 -21.37 11.91
N ASN B 104 35.67 -21.81 13.16
CA ASN B 104 36.21 -20.90 14.18
C ASN B 104 37.64 -20.49 13.86
N TYR B 105 38.42 -21.41 13.27
CA TYR B 105 39.76 -21.08 12.79
C TYR B 105 39.71 -20.02 11.70
N PHE B 106 38.79 -20.15 10.74
CA PHE B 106 38.70 -19.17 9.68
C PHE B 106 38.18 -17.84 10.19
N SER B 107 37.28 -17.85 11.17
CA SER B 107 36.76 -16.59 11.68
C SER B 107 37.82 -15.83 12.46
N ASN B 108 38.64 -16.54 13.23
CA ASN B 108 39.74 -15.87 13.94
C ASN B 108 40.80 -15.38 12.97
N ALA B 109 41.12 -16.19 11.95
CA ALA B 109 42.13 -15.77 10.98
C ALA B 109 41.64 -14.62 10.12
N TYR B 110 40.34 -14.60 9.79
CA TYR B 110 39.77 -13.52 9.00
C TYR B 110 39.67 -12.24 9.81
N ALA B 111 39.36 -12.35 11.10
CA ALA B 111 39.36 -11.17 11.96
C ALA B 111 40.77 -10.62 12.14
N ALA B 112 41.77 -11.50 12.25
CA ALA B 112 43.14 -11.04 12.38
C ALA B 112 43.65 -10.41 11.08
N ALA B 113 43.21 -10.95 9.94
CA ALA B 113 43.63 -10.40 8.65
C ALA B 113 43.00 -9.04 8.39
N VAL B 114 41.73 -8.88 8.74
CA VAL B 114 41.07 -7.59 8.58
C VAL B 114 41.62 -6.58 9.60
N SER B 115 41.99 -7.04 10.79
CA SER B 115 42.63 -6.14 11.74
C SER B 115 44.05 -5.79 11.36
N ALA B 116 44.70 -6.58 10.50
CA ALA B 116 46.04 -6.24 10.05
C ALA B 116 46.06 -5.23 8.93
N VAL B 117 44.93 -5.01 8.25
CA VAL B 117 44.81 -3.95 7.26
C VAL B 117 43.94 -2.82 7.75
N ASP B 118 43.61 -2.82 9.03
CA ASP B 118 42.66 -1.86 9.58
C ASP B 118 43.29 -0.49 9.68
N PRO B 119 42.69 0.55 9.08
CA PRO B 119 43.15 1.91 9.35
C PRO B 119 42.65 2.47 10.67
N ASP B 120 41.78 1.75 11.36
CA ASP B 120 41.34 2.17 12.69
C ASP B 120 42.34 1.78 13.77
N ALA B 121 43.23 0.84 13.46
CA ALA B 121 44.49 0.72 14.16
C ALA B 121 45.51 1.54 13.38
N GLY B 122 46.79 1.39 13.68
CA GLY B 122 47.74 2.14 12.88
C GLY B 122 48.04 1.56 11.52
N ASN B 123 47.45 0.43 11.17
CA ASN B 123 47.94 -0.40 10.08
C ASN B 123 47.41 0.08 8.74
N GLY B 124 47.68 -0.73 7.72
CA GLY B 124 47.37 -0.41 6.35
C GLY B 124 48.11 -1.38 5.47
N GLU B 125 47.71 -1.40 4.20
CA GLU B 125 48.18 -2.42 3.28
C GLU B 125 49.40 -1.98 2.50
N LEU B 126 49.48 -0.70 2.17
CA LEU B 126 50.61 -0.13 1.45
C LEU B 126 51.51 0.58 2.45
N CYS B 127 52.74 0.12 2.60
CA CYS B 127 53.67 0.68 3.55
C CYS B 127 54.74 1.44 2.78
N ILE B 128 54.73 2.77 2.89
CA ILE B 128 55.66 3.64 2.18
C ILE B 128 56.74 4.07 3.16
N LYS B 129 58.00 4.01 2.72
CA LYS B 129 59.12 4.38 3.55
C LYS B 129 59.54 5.80 3.23
N VAL B 130 59.63 6.62 4.26
CA VAL B 130 60.05 8.02 4.08
C VAL B 130 61.54 8.05 3.71
N PRO B 131 61.92 8.80 2.68
CA PRO B 131 63.34 8.90 2.31
C PRO B 131 64.17 9.54 3.42
N SER B 132 65.48 9.30 3.36
CA SER B 132 66.35 9.64 4.48
C SER B 132 66.52 11.15 4.63
N GLU B 133 66.64 11.87 3.53
CA GLU B 133 66.86 13.32 3.55
C GLU B 133 65.67 14.10 4.09
N LEU B 134 64.50 13.48 4.20
CA LEU B 134 63.33 14.13 4.77
C LEU B 134 63.19 13.87 6.26
N TRP B 135 64.14 13.17 6.88
CA TRP B 135 63.99 12.92 8.32
C TRP B 135 64.16 14.20 9.13
N LYS B 136 65.06 15.09 8.71
CA LYS B 136 65.12 16.41 9.28
C LYS B 136 63.92 17.28 8.93
N HIS B 137 63.13 16.87 7.94
CA HIS B 137 61.84 17.52 7.67
C HIS B 137 60.71 16.90 8.45
N VAL B 138 60.89 15.70 9.01
CA VAL B 138 59.77 15.04 9.67
C VAL B 138 59.91 15.13 11.19
N ASP B 139 61.11 15.34 11.71
CA ASP B 139 61.30 15.37 13.16
C ASP B 139 60.75 16.66 13.77
N GLU B 140 61.12 17.80 13.20
CA GLU B 140 60.39 19.03 13.44
C GLU B 140 59.23 19.09 12.45
N LEU B 141 58.02 18.95 12.99
CA LEU B 141 56.87 18.38 12.30
C LEU B 141 56.35 19.27 11.19
N LYS B 142 56.82 19.03 9.96
CA LYS B 142 56.47 19.83 8.82
C LYS B 142 55.83 18.93 7.76
N VAL B 143 55.26 19.58 6.74
CA VAL B 143 54.30 18.92 5.87
C VAL B 143 55.00 17.94 4.92
N LEU B 144 54.27 16.88 4.55
CA LEU B 144 54.73 15.89 3.60
C LEU B 144 53.66 15.71 2.55
N LYS B 145 54.05 15.78 1.28
CA LYS B 145 53.12 15.64 0.16
C LYS B 145 53.46 14.37 -0.61
N ILE B 146 52.58 13.37 -0.51
CA ILE B 146 52.81 12.05 -1.06
C ILE B 146 52.03 11.93 -2.35
N HIS B 147 52.72 11.67 -3.45
CA HIS B 147 52.15 11.58 -4.78
C HIS B 147 52.28 10.14 -5.24
N ILE B 148 51.20 9.39 -5.13
CA ILE B 148 51.11 8.03 -5.65
C ILE B 148 50.40 8.11 -6.99
N ASN B 149 50.89 7.39 -7.99
CA ASN B 149 50.07 7.22 -9.18
C ASN B 149 49.84 5.75 -9.44
N PHE B 150 48.59 5.43 -9.78
CA PHE B 150 48.11 4.06 -9.77
C PHE B 150 47.30 3.78 -11.03
N SER B 151 46.80 2.55 -11.11
CA SER B 151 46.04 2.09 -12.24
C SER B 151 45.19 0.89 -11.86
N LEU B 152 43.90 0.91 -12.16
CA LEU B 152 43.06 -0.26 -12.01
C LEU B 152 42.93 -0.92 -13.37
N ASP B 153 43.43 -2.16 -13.46
CA ASP B 153 43.61 -2.82 -14.74
C ASP B 153 42.31 -3.43 -15.23
N GLN B 154 41.59 -4.12 -14.34
CA GLN B 154 40.24 -4.66 -14.64
C GLN B 154 39.60 -4.94 -13.29
N PRO B 155 39.03 -3.93 -12.60
CA PRO B 155 38.58 -4.11 -11.23
C PRO B 155 37.49 -5.16 -10.95
N LYS B 156 37.69 -5.98 -9.92
CA LYS B 156 36.68 -6.99 -9.52
C LYS B 156 35.86 -6.42 -8.35
N GLY B 157 36.20 -5.22 -7.89
CA GLY B 157 35.47 -4.58 -6.78
C GLY B 157 35.65 -3.08 -6.79
N GLY B 158 34.83 -2.34 -6.06
CA GLY B 158 35.04 -0.88 -5.99
C GLY B 158 34.33 -0.21 -7.14
N LEU B 159 35.03 0.00 -8.25
CA LEU B 159 34.36 0.56 -9.44
C LEU B 159 33.69 -0.57 -10.21
N HIS B 160 32.40 -0.43 -10.49
CA HIS B 160 31.68 -1.45 -11.31
C HIS B 160 31.43 -0.85 -12.69
N PHE B 161 31.93 -1.51 -13.73
CA PHE B 161 31.72 -1.03 -15.12
C PHE B 161 30.53 -1.75 -15.73
N VAL B 162 29.42 -1.05 -15.94
CA VAL B 162 28.27 -1.60 -16.64
C VAL B 162 28.41 -1.20 -18.10
N VAL B 163 28.88 -2.14 -18.93
CA VAL B 163 29.06 -1.88 -20.36
C VAL B 163 28.13 -2.80 -21.14
N PRO B 164 27.06 -2.28 -21.72
CA PRO B 164 26.16 -3.14 -22.51
C PRO B 164 26.82 -3.52 -23.83
N SER B 165 26.26 -4.55 -24.45
CA SER B 165 26.83 -5.07 -25.68
C SER B 165 26.11 -4.60 -26.93
N VAL B 166 25.41 -3.48 -26.87
CA VAL B 166 24.96 -2.80 -28.08
C VAL B 166 26.13 -2.06 -28.69
N GLU B 167 26.20 -2.04 -30.02
CA GLU B 167 27.25 -1.29 -30.69
C GLU B 167 26.90 0.19 -30.79
N GLY B 168 27.90 0.97 -31.14
CA GLY B 168 27.86 2.42 -31.07
C GLY B 168 28.94 2.93 -30.14
N SER B 169 28.91 4.25 -29.94
CA SER B 169 29.76 4.88 -28.95
C SER B 169 29.33 4.48 -27.55
N MET B 170 30.23 4.67 -26.58
CA MET B 170 29.96 4.28 -25.20
C MET B 170 28.81 5.07 -24.57
N ALA B 171 28.58 6.30 -25.03
CA ALA B 171 27.38 7.01 -24.62
C ALA B 171 26.14 6.56 -25.39
N GLU B 172 26.32 6.03 -26.61
CA GLU B 172 25.18 5.59 -27.39
C GLU B 172 24.67 4.22 -26.97
N ARG B 173 25.49 3.42 -26.30
CA ARG B 173 25.07 2.12 -25.81
C ARG B 173 24.69 2.14 -24.34
N GLY B 174 25.08 3.16 -23.59
CA GLY B 174 24.64 3.31 -22.22
C GLY B 174 25.57 2.71 -21.19
N ALA B 175 26.85 2.91 -21.37
CA ALA B 175 27.87 2.34 -20.49
C ALA B 175 28.23 3.33 -19.40
N HIS B 176 28.37 2.82 -18.17
CA HIS B 176 28.63 3.72 -17.06
C HIS B 176 29.45 3.00 -15.99
N VAL B 177 30.03 3.80 -15.10
CA VAL B 177 30.83 3.32 -13.98
C VAL B 177 30.23 3.90 -12.72
N PHE B 178 30.26 3.13 -11.63
CA PHE B 178 29.91 3.70 -10.34
C PHE B 178 30.70 3.00 -9.25
N SER B 179 30.96 3.70 -8.16
CA SER B 179 31.67 3.14 -7.02
C SER B 179 30.71 2.35 -6.14
N CYS B 180 30.95 1.05 -6.00
CA CYS B 180 30.07 0.17 -5.21
C CYS B 180 30.80 -0.28 -3.95
N GLY B 181 30.10 -0.95 -3.04
CA GLY B 181 30.71 -1.40 -1.78
C GLY B 181 30.00 -0.83 -0.57
N TYR B 182 30.36 -1.30 0.63
CA TYR B 182 29.73 -0.80 1.87
C TYR B 182 30.81 -0.46 2.90
N GLN B 183 30.53 0.49 3.78
CA GLN B 183 31.50 0.92 4.81
C GLN B 183 32.80 1.42 4.18
N ASN B 184 33.95 0.96 4.64
CA ASN B 184 35.26 1.42 4.14
C ASN B 184 35.66 0.62 2.90
N SER B 185 35.17 1.02 1.72
CA SER B 185 35.47 0.26 0.47
C SER B 185 35.96 1.22 -0.61
N THR B 186 36.46 2.39 -0.21
CA THR B 186 37.05 3.35 -1.12
C THR B 186 38.52 3.02 -1.38
N ARG B 187 39.10 2.13 -0.57
CA ARG B 187 40.42 1.59 -0.83
C ARG B 187 40.45 0.73 -2.10
N PHE B 188 39.29 0.31 -2.59
CA PHE B 188 39.17 -0.53 -3.76
C PHE B 188 39.33 0.23 -5.06
N TRP B 189 39.33 1.56 -5.04
CA TRP B 189 39.55 2.27 -6.29
C TRP B 189 40.51 3.46 -6.23
N PHE B 190 40.91 3.96 -5.06
CA PHE B 190 42.13 4.75 -4.99
C PHE B 190 42.79 4.57 -3.63
N PRO B 191 44.10 4.75 -3.53
CA PRO B 191 44.77 4.62 -2.23
C PRO B 191 44.44 5.80 -1.32
N CYS B 192 44.07 5.48 -0.09
CA CYS B 192 43.59 6.49 0.85
C CYS B 192 43.84 6.01 2.27
N VAL B 193 43.38 6.80 3.23
CA VAL B 193 43.27 6.37 4.62
C VAL B 193 41.79 6.09 4.81
N ASP B 194 41.41 4.83 4.63
CA ASP B 194 40.01 4.46 4.47
C ASP B 194 39.34 4.19 5.82
N SER B 195 39.35 5.21 6.66
CA SER B 195 38.63 5.17 7.93
C SER B 195 37.67 6.33 7.98
N TYR B 196 36.65 6.20 8.81
CA TYR B 196 35.65 7.24 8.98
C TYR B 196 36.12 8.36 9.88
N SER B 197 37.30 8.23 10.49
CA SER B 197 37.81 9.20 11.43
C SER B 197 38.88 10.11 10.85
N GLU B 198 39.34 9.84 9.65
CA GLU B 198 40.36 10.65 9.00
C GLU B 198 39.65 11.59 8.04
N LEU B 199 39.27 12.75 8.56
CA LEU B 199 38.56 13.75 7.80
C LEU B 199 39.55 14.71 7.16
N CYS B 200 39.31 15.04 5.89
CA CYS B 200 40.18 15.95 5.15
C CYS B 200 39.34 16.66 4.10
N THR B 201 39.91 17.71 3.53
CA THR B 201 39.23 18.34 2.41
C THR B 201 39.71 17.73 1.10
N TRP B 202 38.90 17.88 0.07
CA TRP B 202 39.06 17.06 -1.13
C TRP B 202 39.07 17.89 -2.39
N LYS B 203 39.82 17.40 -3.39
CA LYS B 203 39.85 18.00 -4.72
C LYS B 203 39.81 16.86 -5.72
N LEU B 204 38.75 16.78 -6.51
CA LEU B 204 38.47 15.60 -7.33
C LEU B 204 38.37 15.98 -8.79
N GLU B 205 39.26 15.46 -9.61
CA GLU B 205 39.22 15.73 -11.05
C GLU B 205 39.01 14.43 -11.81
N PHE B 206 38.09 14.45 -12.77
CA PHE B 206 37.78 13.28 -13.57
C PHE B 206 37.74 13.66 -15.04
N THR B 207 38.62 13.06 -15.85
CA THR B 207 38.69 13.35 -17.27
C THR B 207 37.91 12.27 -18.02
N VAL B 208 36.69 12.61 -18.42
CA VAL B 208 35.79 11.64 -19.03
C VAL B 208 35.56 12.01 -20.48
N ASP B 209 34.80 11.18 -21.20
CA ASP B 209 34.42 11.46 -22.57
C ASP B 209 33.54 12.71 -22.64
N ALA B 210 33.48 13.30 -23.83
CA ALA B 210 32.77 14.56 -23.99
C ALA B 210 31.26 14.38 -23.91
N ALA B 211 30.75 13.18 -24.19
CA ALA B 211 29.33 12.92 -24.14
C ALA B 211 28.89 12.37 -22.79
N MET B 212 29.80 12.24 -21.84
CA MET B 212 29.52 11.70 -20.53
C MET B 212 29.65 12.78 -19.46
N VAL B 213 29.07 12.51 -18.30
CA VAL B 213 29.12 13.40 -17.15
C VAL B 213 29.64 12.59 -15.96
N ALA B 214 30.50 13.21 -15.15
CA ALA B 214 31.11 12.61 -13.97
C ALA B 214 30.53 13.28 -12.73
N VAL B 215 29.81 12.50 -11.93
CA VAL B 215 29.14 12.98 -10.73
C VAL B 215 29.96 12.50 -9.53
N SER B 216 30.21 13.38 -8.58
CA SER B 216 30.99 13.01 -7.42
C SER B 216 30.64 13.96 -6.27
N ASN B 217 31.42 13.89 -5.21
CA ASN B 217 31.15 14.64 -4.00
C ASN B 217 31.74 16.03 -4.07
N GLY B 218 31.08 16.97 -3.43
CA GLY B 218 31.50 18.36 -3.43
C GLY B 218 30.62 19.18 -4.36
N ASP B 219 31.13 20.34 -4.74
CA ASP B 219 30.48 21.11 -5.79
C ASP B 219 31.43 21.26 -6.96
N LEU B 220 30.84 21.16 -8.16
CA LEU B 220 31.56 21.24 -9.42
C LEU B 220 32.00 22.67 -9.65
N VAL B 221 33.30 22.93 -9.56
CA VAL B 221 33.75 24.31 -9.71
C VAL B 221 33.86 24.69 -11.18
N GLU B 222 34.28 23.77 -12.05
CA GLU B 222 34.34 24.05 -13.47
C GLU B 222 34.31 22.74 -14.26
N THR B 223 34.24 22.88 -15.57
CA THR B 223 34.31 21.76 -16.50
C THR B 223 35.03 22.25 -17.75
N VAL B 224 36.30 21.90 -17.88
CA VAL B 224 37.11 22.37 -18.99
C VAL B 224 37.21 21.27 -20.02
N TYR B 225 37.34 21.66 -21.28
CA TYR B 225 37.60 20.76 -22.39
C TYR B 225 39.08 20.41 -22.49
N THR B 226 39.36 19.31 -23.19
CA THR B 226 40.70 18.93 -23.55
C THR B 226 41.02 19.57 -24.91
N HIS B 227 42.31 19.63 -25.27
CA HIS B 227 42.75 20.36 -26.45
C HIS B 227 42.27 19.75 -27.75
N ASP B 228 41.85 18.48 -27.76
CA ASP B 228 41.21 17.90 -28.92
C ASP B 228 39.70 18.02 -28.88
N MET B 229 39.15 18.51 -27.76
CA MET B 229 37.71 18.62 -27.50
C MET B 229 36.98 17.29 -27.60
N ARG B 230 37.68 16.18 -27.34
CA ARG B 230 37.05 14.87 -27.31
C ARG B 230 36.80 14.38 -25.89
N LYS B 231 37.45 14.99 -24.90
CA LYS B 231 37.28 14.66 -23.51
C LYS B 231 37.12 15.95 -22.72
N LYS B 232 36.52 15.86 -21.55
CA LYS B 232 36.45 17.01 -20.68
C LYS B 232 36.71 16.60 -19.24
N THR B 233 37.27 17.53 -18.47
CA THR B 233 37.66 17.30 -17.10
C THR B 233 36.66 17.98 -16.17
N PHE B 234 36.06 17.21 -15.29
CA PHE B 234 35.19 17.73 -14.25
C PHE B 234 36.02 17.95 -12.99
N HIS B 235 36.00 19.19 -12.49
CA HIS B 235 36.68 19.55 -11.26
C HIS B 235 35.66 19.72 -10.15
N TYR B 236 35.78 18.93 -9.09
CA TYR B 236 34.96 19.01 -7.90
C TYR B 236 35.82 19.47 -6.74
N MET B 237 35.21 20.22 -5.84
CA MET B 237 35.93 20.61 -4.63
C MET B 237 35.03 20.36 -3.43
N LEU B 238 35.60 19.79 -2.38
CA LEU B 238 34.86 19.48 -1.16
C LEU B 238 35.55 20.17 -0.01
N THR B 239 34.97 21.27 0.45
CA THR B 239 35.53 22.05 1.54
C THR B 239 35.05 21.61 2.90
N ILE B 240 33.90 20.93 2.98
CA ILE B 240 33.47 20.28 4.21
C ILE B 240 34.35 19.05 4.39
N PRO B 241 35.07 18.93 5.51
CA PRO B 241 35.97 17.79 5.68
C PRO B 241 35.26 16.47 5.90
N THR B 242 35.27 15.63 4.88
CA THR B 242 34.71 14.30 4.92
C THR B 242 35.81 13.26 4.99
N ALA B 243 35.41 12.04 5.30
CA ALA B 243 36.31 10.90 5.29
C ALA B 243 36.48 10.38 3.88
N ALA B 244 37.48 9.53 3.70
CA ALA B 244 37.69 8.89 2.40
C ALA B 244 36.60 7.90 2.08
N SER B 245 35.96 7.32 3.09
CA SER B 245 34.93 6.32 2.89
C SER B 245 33.63 6.91 2.36
N ASN B 246 33.46 8.22 2.43
CA ASN B 246 32.27 8.89 1.95
C ASN B 246 32.43 9.49 0.57
N ILE B 247 33.52 9.19 -0.13
CA ILE B 247 33.81 9.76 -1.43
C ILE B 247 33.34 8.77 -2.50
N SER B 248 32.56 9.25 -3.45
CA SER B 248 32.00 8.39 -4.47
C SER B 248 32.22 8.92 -5.88
N LEU B 249 31.65 8.22 -6.86
CA LEU B 249 31.88 8.50 -8.27
C LEU B 249 30.83 7.82 -9.12
N ALA B 250 30.27 8.53 -10.09
CA ALA B 250 29.37 7.95 -11.07
C ALA B 250 29.62 8.62 -12.41
N ILE B 251 30.17 7.89 -13.36
CA ILE B 251 30.51 8.42 -14.67
C ILE B 251 29.63 7.75 -15.69
N GLY B 252 28.86 8.52 -16.45
CA GLY B 252 28.01 7.93 -17.44
C GLY B 252 27.32 8.93 -18.33
N PRO B 253 26.54 8.46 -19.29
CA PRO B 253 25.81 9.38 -20.19
C PRO B 253 24.46 9.80 -19.61
N PHE B 254 24.51 10.37 -18.41
CA PHE B 254 23.31 10.59 -17.62
C PHE B 254 22.49 11.75 -18.17
N GLU B 255 21.17 11.60 -18.11
CA GLU B 255 20.24 12.68 -18.36
C GLU B 255 20.15 13.50 -17.08
N ILE B 256 20.47 14.78 -17.20
CA ILE B 256 20.49 15.71 -16.09
C ILE B 256 19.11 16.34 -15.93
N LEU B 257 18.64 16.45 -14.68
CA LEU B 257 17.39 17.13 -14.39
C LEU B 257 17.59 17.95 -13.14
N VAL B 258 17.48 19.25 -13.26
CA VAL B 258 17.51 20.11 -12.09
C VAL B 258 16.15 20.06 -11.42
N ASP B 259 16.15 19.98 -10.09
CA ASP B 259 14.90 19.96 -9.33
C ASP B 259 14.17 21.28 -9.50
N PRO B 260 12.91 21.27 -9.93
CA PRO B 260 12.21 22.54 -10.15
C PRO B 260 11.80 23.23 -8.87
N TYR B 261 11.89 22.57 -7.71
CA TYR B 261 11.56 23.19 -6.41
C TYR B 261 12.81 23.66 -5.67
N MET B 262 13.80 22.81 -5.52
CA MET B 262 15.06 23.14 -4.80
C MET B 262 16.08 23.19 -5.90
N HIS B 263 16.90 24.22 -5.97
CA HIS B 263 17.75 24.37 -7.17
C HIS B 263 19.20 23.99 -6.96
N GLU B 264 19.57 23.43 -5.82
CA GLU B 264 20.94 22.94 -5.70
C GLU B 264 20.87 21.44 -5.85
N VAL B 265 19.71 20.88 -6.14
CA VAL B 265 19.58 19.40 -6.20
C VAL B 265 19.44 19.00 -7.66
N THR B 266 20.37 18.21 -8.18
CA THR B 266 20.36 17.70 -9.55
C THR B 266 20.14 16.21 -9.51
N HIS B 267 19.31 15.66 -10.36
CA HIS B 267 18.97 14.26 -10.48
C HIS B 267 19.51 13.73 -11.80
N PHE B 268 20.23 12.63 -11.75
CA PHE B 268 20.86 12.04 -12.92
C PHE B 268 20.23 10.68 -13.16
N CYS B 269 19.80 10.42 -14.39
CA CYS B 269 19.27 9.10 -14.69
C CYS B 269 19.96 8.53 -15.92
N LEU B 270 19.70 7.27 -16.19
CA LEU B 270 20.18 6.65 -17.41
C LEU B 270 19.35 7.15 -18.59
N PRO B 271 19.88 7.11 -19.80
CA PRO B 271 19.12 7.61 -20.96
C PRO B 271 17.84 6.83 -21.23
N GLN B 272 16.85 7.57 -21.74
CA GLN B 272 15.45 7.20 -21.99
C GLN B 272 14.61 7.05 -20.74
N LEU B 273 15.12 7.43 -19.57
CA LEU B 273 14.35 7.31 -18.34
C LEU B 273 14.10 8.65 -17.66
N LEU B 274 14.13 9.73 -18.42
CA LEU B 274 13.83 11.06 -17.89
C LEU B 274 12.40 11.29 -17.40
N PRO B 275 11.32 10.79 -18.05
CA PRO B 275 9.99 11.01 -17.43
C PRO B 275 9.78 10.27 -16.13
N LEU B 276 10.34 9.07 -16.01
CA LEU B 276 10.29 8.32 -14.77
C LEU B 276 11.07 9.05 -13.68
N LEU B 277 12.17 9.69 -14.04
CA LEU B 277 12.95 10.45 -13.07
C LEU B 277 12.21 11.69 -12.61
N LYS B 278 11.55 12.38 -13.55
CA LYS B 278 10.71 13.53 -13.23
C LYS B 278 9.60 13.18 -12.26
N HIS B 279 8.91 12.06 -12.50
CA HIS B 279 7.83 11.71 -11.59
C HIS B 279 8.34 11.19 -10.26
N THR B 280 9.42 10.41 -10.28
CA THR B 280 9.89 9.74 -9.08
C THR B 280 10.51 10.73 -8.10
N THR B 281 11.40 11.59 -8.57
CA THR B 281 12.11 12.52 -7.69
C THR B 281 11.36 13.83 -7.50
N SER B 282 10.04 13.83 -7.64
CA SER B 282 9.25 15.03 -7.46
C SER B 282 8.81 15.21 -6.01
N TYR B 283 8.98 14.21 -5.16
CA TYR B 283 8.58 14.28 -3.77
C TYR B 283 9.69 14.77 -2.86
N LEU B 284 10.95 14.71 -3.32
CA LEU B 284 12.13 14.83 -2.46
C LEU B 284 12.25 16.17 -1.75
N HIS B 285 11.63 17.24 -2.28
CA HIS B 285 11.70 18.53 -1.61
C HIS B 285 10.92 18.52 -0.30
N GLU B 286 9.87 17.70 -0.21
CA GLU B 286 9.16 17.57 1.05
C GLU B 286 9.96 16.80 2.09
N VAL B 287 10.79 15.86 1.64
CA VAL B 287 11.68 15.15 2.55
C VAL B 287 12.75 16.09 3.07
N PHE B 288 13.29 16.95 2.20
CA PHE B 288 14.24 17.98 2.60
C PHE B 288 13.63 18.93 3.62
N GLU B 289 12.39 19.37 3.37
CA GLU B 289 11.72 20.31 4.27
C GLU B 289 11.43 19.69 5.63
N PHE B 290 11.07 18.40 5.65
CA PHE B 290 10.86 17.71 6.93
C PHE B 290 12.15 17.62 7.71
N TYR B 291 13.22 17.11 7.09
CA TYR B 291 14.45 16.89 7.84
C TYR B 291 15.13 18.18 8.24
N GLU B 292 14.82 19.29 7.57
CA GLU B 292 15.30 20.58 8.01
C GLU B 292 14.34 21.30 8.94
N GLU B 293 13.13 20.79 9.18
CA GLU B 293 12.36 21.48 10.21
C GLU B 293 12.25 20.69 11.51
N ILE B 294 12.48 19.37 11.53
CA ILE B 294 12.52 18.70 12.83
C ILE B 294 13.87 18.93 13.51
N LEU B 295 14.97 18.71 12.79
CA LEU B 295 16.22 19.33 13.14
C LEU B 295 16.15 20.78 12.73
N THR B 296 16.97 21.63 13.35
CA THR B 296 16.95 23.03 12.95
C THR B 296 18.17 23.43 12.13
N CYS B 297 19.03 22.49 11.78
CA CYS B 297 20.11 22.76 10.86
C CYS B 297 19.61 22.63 9.43
N ARG B 298 20.08 23.51 8.55
CA ARG B 298 19.89 23.32 7.12
C ARG B 298 20.76 22.16 6.64
N TYR B 299 20.53 21.77 5.40
CA TYR B 299 21.30 20.70 4.78
C TYR B 299 22.75 21.14 4.67
N PRO B 300 23.69 20.35 5.19
CA PRO B 300 25.06 20.88 5.40
C PRO B 300 25.86 21.06 4.12
N TYR B 301 25.61 20.25 3.11
CA TYR B 301 26.38 20.34 1.87
C TYR B 301 25.75 21.36 0.94
N SER B 302 26.56 21.85 0.01
CA SER B 302 26.12 22.90 -0.88
C SER B 302 25.32 22.40 -2.07
N CYS B 303 25.41 21.11 -2.40
CA CYS B 303 24.61 20.51 -3.45
C CYS B 303 24.07 19.18 -2.97
N PHE B 304 23.14 18.63 -3.73
CA PHE B 304 22.70 17.26 -3.55
C PHE B 304 22.50 16.63 -4.91
N LYS B 305 22.99 15.41 -5.08
CA LYS B 305 22.96 14.72 -6.35
C LYS B 305 22.42 13.31 -6.15
N THR B 306 21.39 12.95 -6.90
CA THR B 306 20.82 11.61 -6.88
C THR B 306 21.09 10.95 -8.22
N VAL B 307 21.82 9.85 -8.20
CA VAL B 307 22.20 9.13 -9.40
C VAL B 307 21.46 7.80 -9.42
N PHE B 308 20.82 7.49 -10.55
CA PHE B 308 20.10 6.24 -10.73
C PHE B 308 20.83 5.42 -11.79
N ILE B 309 21.22 4.20 -11.41
CA ILE B 309 22.17 3.40 -12.17
C ILE B 309 21.62 1.99 -12.31
N ASP B 310 22.33 1.19 -13.11
CA ASP B 310 21.97 -0.19 -13.35
C ASP B 310 22.97 -1.13 -12.67
N GLU B 311 22.47 -2.29 -12.25
CA GLU B 311 23.23 -3.32 -11.54
C GLU B 311 23.87 -2.78 -10.27
N ALA B 312 23.04 -2.16 -9.44
CA ALA B 312 23.53 -1.51 -8.23
C ALA B 312 23.93 -2.52 -7.18
N TYR B 313 24.83 -2.10 -6.29
CA TYR B 313 25.27 -2.94 -5.19
C TYR B 313 24.15 -3.10 -4.17
N VAL B 314 23.76 -2.00 -3.55
CA VAL B 314 22.61 -1.96 -2.67
C VAL B 314 21.54 -1.12 -3.35
N GLU B 315 20.32 -1.21 -2.82
CA GLU B 315 19.20 -0.47 -3.40
C GLU B 315 19.35 1.03 -3.21
N VAL B 316 20.00 1.44 -2.13
CA VAL B 316 20.27 2.84 -1.87
C VAL B 316 21.58 3.00 -1.09
N ALA B 317 22.52 3.75 -1.66
CA ALA B 317 23.77 4.06 -0.99
C ALA B 317 23.87 5.56 -0.81
N ALA B 318 24.37 6.00 0.33
CA ALA B 318 24.45 7.41 0.66
C ALA B 318 25.89 7.77 0.95
N TYR B 319 26.43 8.72 0.20
CA TYR B 319 27.77 9.25 0.38
C TYR B 319 27.66 10.72 0.75
N ALA B 320 28.79 11.39 0.83
CA ALA B 320 28.80 12.81 1.15
C ALA B 320 28.28 13.60 -0.05
N SER B 321 27.15 14.29 0.15
CA SER B 321 26.52 15.17 -0.84
C SER B 321 26.06 14.42 -2.08
N MET B 322 25.74 13.14 -1.97
CA MET B 322 25.46 12.31 -3.13
C MET B 322 24.76 11.04 -2.65
N SER B 323 23.87 10.53 -3.47
CA SER B 323 23.23 9.26 -3.21
C SER B 323 23.14 8.49 -4.51
N ILE B 324 23.34 7.19 -4.44
CA ILE B 324 23.32 6.31 -5.59
C ILE B 324 22.22 5.30 -5.39
N PHE B 325 21.15 5.42 -6.16
CA PHE B 325 20.02 4.50 -6.15
C PHE B 325 20.06 3.64 -7.40
N SER B 326 19.34 2.52 -7.37
CA SER B 326 19.21 1.73 -8.56
C SER B 326 18.06 2.26 -9.40
N THR B 327 18.12 2.00 -10.71
CA THR B 327 17.06 2.45 -11.60
C THR B 327 15.75 1.71 -11.39
N ASN B 328 15.77 0.56 -10.71
CA ASN B 328 14.56 -0.21 -10.46
C ASN B 328 13.60 0.48 -9.50
N LEU B 329 14.00 1.59 -8.88
CA LEU B 329 13.11 2.42 -8.09
C LEU B 329 12.29 3.38 -8.93
N LEU B 330 12.68 3.61 -10.18
CA LEU B 330 12.01 4.58 -11.02
C LEU B 330 10.69 4.02 -11.52
N HIS B 331 9.60 4.71 -11.20
CA HIS B 331 8.27 4.33 -11.61
C HIS B 331 7.61 5.52 -12.29
N SER B 332 6.48 5.27 -12.95
CA SER B 332 5.75 6.35 -13.58
C SER B 332 4.57 6.75 -12.71
N ALA B 333 3.70 7.60 -13.24
CA ALA B 333 2.58 8.10 -12.45
C ALA B 333 1.48 7.07 -12.26
N MET B 334 1.42 6.07 -13.11
CA MET B 334 0.37 5.08 -13.07
C MET B 334 0.78 3.82 -12.32
N ILE B 335 1.90 3.87 -11.60
CA ILE B 335 2.40 2.72 -10.84
C ILE B 335 2.16 2.99 -9.37
N ILE B 336 1.29 2.19 -8.77
CA ILE B 336 1.12 2.17 -7.34
C ILE B 336 1.75 0.88 -6.83
N ASP B 337 1.81 0.75 -5.50
CA ASP B 337 2.51 -0.28 -4.72
C ASP B 337 4.04 -0.17 -4.83
N GLU B 338 4.54 0.82 -5.58
CA GLU B 338 5.95 1.14 -5.68
C GLU B 338 6.26 2.56 -5.23
N THR B 339 5.29 3.46 -5.27
CA THR B 339 5.46 4.82 -4.74
C THR B 339 5.89 4.90 -3.27
N PRO B 340 5.30 4.17 -2.30
CA PRO B 340 5.80 4.29 -0.93
C PRO B 340 7.19 3.73 -0.73
N LEU B 341 7.55 2.65 -1.45
CA LEU B 341 8.85 2.04 -1.26
C LEU B 341 9.98 2.93 -1.77
N THR B 342 9.81 3.49 -2.97
CA THR B 342 10.78 4.43 -3.50
C THR B 342 10.83 5.70 -2.67
N ARG B 343 9.67 6.14 -2.17
CA ARG B 343 9.60 7.32 -1.33
C ARG B 343 10.39 7.15 -0.04
N ARG B 344 10.27 5.98 0.59
CA ARG B 344 11.02 5.77 1.81
C ARG B 344 12.48 5.44 1.56
N CYS B 345 12.84 4.92 0.39
CA CYS B 345 14.27 4.83 0.06
C CYS B 345 14.93 6.19 -0.07
N LEU B 346 14.25 7.13 -0.75
CA LEU B 346 14.75 8.52 -0.80
C LEU B 346 14.86 9.12 0.59
N ALA B 347 13.88 8.84 1.45
CA ALA B 347 13.88 9.41 2.79
C ALA B 347 15.02 8.87 3.66
N GLN B 348 15.31 7.57 3.58
CA GLN B 348 16.40 7.08 4.41
C GLN B 348 17.77 7.43 3.83
N SER B 349 17.86 7.65 2.51
CA SER B 349 19.11 8.19 1.98
C SER B 349 19.37 9.60 2.49
N LEU B 350 18.32 10.41 2.60
CA LEU B 350 18.51 11.77 3.12
C LEU B 350 18.80 11.77 4.63
N ALA B 351 18.19 10.84 5.38
CA ALA B 351 18.51 10.71 6.80
C ALA B 351 19.96 10.31 7.01
N GLN B 352 20.48 9.42 6.16
CA GLN B 352 21.89 9.08 6.23
C GLN B 352 22.79 10.20 5.71
N GLN B 353 22.27 11.09 4.85
CA GLN B 353 23.02 12.28 4.48
C GLN B 353 23.25 13.17 5.70
N PHE B 354 22.23 13.29 6.54
CA PHE B 354 22.38 14.12 7.73
C PHE B 354 23.28 13.45 8.77
N PHE B 355 23.04 12.17 9.07
CA PHE B 355 23.65 11.56 10.24
C PHE B 355 24.48 10.33 9.95
N GLY B 356 25.01 10.18 8.75
CA GLY B 356 26.01 9.17 8.53
C GLY B 356 27.22 9.72 7.80
N CYS B 357 27.01 10.83 7.11
CA CYS B 357 28.00 11.45 6.24
C CYS B 357 28.49 12.78 6.75
N PHE B 358 27.64 13.57 7.40
CA PHE B 358 28.10 14.82 7.98
C PHE B 358 28.69 14.58 9.36
N ILE B 359 27.87 14.04 10.27
CA ILE B 359 28.39 13.54 11.53
C ILE B 359 28.78 12.10 11.34
N SER B 360 30.06 11.81 11.52
CA SER B 360 30.62 10.49 11.27
C SER B 360 30.93 9.81 12.60
N ARG B 361 31.62 8.68 12.48
CA ARG B 361 31.84 7.72 13.55
C ARG B 361 33.22 7.93 14.15
N MET B 362 33.33 7.80 15.47
CA MET B 362 34.64 7.94 16.08
C MET B 362 35.41 6.62 16.13
N SER B 363 34.72 5.49 16.31
CA SER B 363 35.35 4.18 16.31
C SER B 363 34.46 3.26 15.49
N TRP B 364 34.70 1.94 15.54
CA TRP B 364 33.67 1.05 15.01
C TRP B 364 32.56 0.87 16.03
N SER B 365 32.90 0.82 17.32
CA SER B 365 31.92 1.17 18.33
C SER B 365 31.52 2.63 18.12
N ASP B 366 30.34 2.99 18.64
CA ASP B 366 29.59 4.23 18.41
C ASP B 366 29.00 4.27 17.00
N GLU B 367 28.88 3.12 16.34
CA GLU B 367 28.15 3.03 15.08
C GLU B 367 26.66 2.94 15.34
N TRP B 368 26.29 2.37 16.48
CA TRP B 368 24.89 2.27 16.87
C TRP B 368 24.27 3.64 17.05
N VAL B 369 25.07 4.65 17.43
CA VAL B 369 24.57 6.01 17.58
C VAL B 369 24.11 6.55 16.23
N LEU B 370 24.95 6.42 15.21
CA LEU B 370 24.62 6.99 13.91
C LEU B 370 23.50 6.21 13.23
N LYS B 371 23.57 4.87 13.27
CA LYS B 371 22.50 4.06 12.69
C LYS B 371 21.17 4.28 13.41
N GLY B 372 21.21 4.50 14.73
CA GLY B 372 20.00 4.75 15.47
C GLY B 372 19.39 6.10 15.17
N ILE B 373 20.23 7.13 15.02
CA ILE B 373 19.70 8.47 14.73
C ILE B 373 19.13 8.51 13.31
N SER B 374 19.80 7.86 12.36
CA SER B 374 19.30 7.78 10.99
C SER B 374 17.96 7.06 10.93
N GLY B 375 17.88 5.86 11.53
CA GLY B 375 16.63 5.12 11.54
C GLY B 375 15.53 5.79 12.32
N TYR B 376 15.89 6.51 13.40
CA TYR B 376 14.87 7.16 14.21
C TYR B 376 14.27 8.37 13.50
N ILE B 377 15.09 9.22 12.88
CA ILE B 377 14.51 10.35 12.17
C ILE B 377 13.81 9.91 10.90
N TYR B 378 14.21 8.78 10.31
CA TYR B 378 13.46 8.24 9.19
C TYR B 378 12.12 7.69 9.64
N GLY B 379 12.05 7.15 10.85
CA GLY B 379 10.75 6.76 11.40
C GLY B 379 9.86 7.93 11.74
N LEU B 380 10.45 9.05 12.16
CA LEU B 380 9.67 10.26 12.36
C LEU B 380 9.12 10.80 11.05
N TRP B 381 9.91 10.70 9.97
CA TRP B 381 9.42 11.04 8.65
C TRP B 381 8.28 10.15 8.23
N MET B 382 8.41 8.84 8.47
CA MET B 382 7.34 7.91 8.14
C MET B 382 6.08 8.18 8.95
N LYS B 383 6.24 8.60 10.21
CA LYS B 383 5.09 8.96 11.04
C LYS B 383 4.35 10.16 10.46
N LYS B 384 5.07 11.24 10.15
CA LYS B 384 4.41 12.41 9.57
C LYS B 384 3.82 12.14 8.19
N THR B 385 4.53 11.38 7.34
CA THR B 385 4.08 11.19 5.97
C THR B 385 2.93 10.18 5.88
N PHE B 386 3.14 8.97 6.39
CA PHE B 386 2.17 7.91 6.22
C PHE B 386 1.28 7.71 7.43
N GLY B 387 1.34 8.57 8.44
CA GLY B 387 0.44 8.41 9.55
C GLY B 387 1.05 7.63 10.72
N VAL B 388 0.51 7.93 11.89
CA VAL B 388 0.88 7.26 13.13
C VAL B 388 0.58 5.77 13.10
N ASN B 389 -0.47 5.34 12.40
CA ASN B 389 -0.81 3.93 12.35
C ASN B 389 0.21 3.13 11.55
N GLU B 390 0.66 3.69 10.42
CA GLU B 390 1.74 3.06 9.66
C GLU B 390 3.05 3.08 10.44
N TYR B 391 3.26 4.13 11.24
CA TYR B 391 4.43 4.14 12.14
C TYR B 391 4.38 3.01 13.17
N ARG B 392 3.23 2.80 13.81
CA ARG B 392 3.10 1.74 14.81
C ARG B 392 3.25 0.37 14.18
N HIS B 393 2.70 0.18 12.97
CA HIS B 393 2.82 -1.09 12.28
C HIS B 393 4.27 -1.37 11.89
N TRP B 394 4.98 -0.34 11.45
CA TRP B 394 6.39 -0.49 11.11
C TRP B 394 7.24 -0.81 12.34
N ILE B 395 7.00 -0.12 13.44
CA ILE B 395 7.73 -0.36 14.68
C ILE B 395 7.48 -1.76 15.20
N LYS B 396 6.24 -2.25 15.09
CA LYS B 396 5.94 -3.60 15.52
C LYS B 396 6.59 -4.64 14.62
N GLU B 397 6.66 -4.39 13.31
CA GLU B 397 7.28 -5.38 12.45
C GLU B 397 8.79 -5.41 12.64
N GLU B 398 9.40 -4.27 12.98
CA GLU B 398 10.84 -4.27 13.27
C GLU B 398 11.13 -4.96 14.60
N LEU B 399 10.26 -4.77 15.59
CA LEU B 399 10.45 -5.42 16.88
C LEU B 399 10.26 -6.93 16.78
N ASP B 400 9.29 -7.38 15.98
CA ASP B 400 9.12 -8.81 15.75
C ASP B 400 10.30 -9.41 15.01
N LYS B 401 10.85 -8.64 14.06
CA LYS B 401 12.06 -9.06 13.34
C LYS B 401 13.23 -9.28 14.29
N ILE B 402 13.46 -8.34 15.22
CA ILE B 402 14.61 -8.48 16.10
C ILE B 402 14.40 -9.55 17.15
N VAL B 403 13.17 -9.71 17.65
CA VAL B 403 13.02 -10.77 18.65
C VAL B 403 13.11 -12.15 17.98
N ALA B 404 12.69 -12.27 16.72
CA ALA B 404 12.90 -13.51 15.98
C ALA B 404 14.37 -13.78 15.74
N TYR B 405 15.15 -12.76 15.37
CA TYR B 405 16.57 -12.97 15.11
C TYR B 405 17.35 -13.23 16.39
N GLU B 406 17.05 -12.52 17.47
CA GLU B 406 17.80 -12.70 18.70
C GLU B 406 17.44 -13.99 19.42
N LEU B 407 16.21 -14.46 19.32
CA LEU B 407 15.91 -15.79 19.84
C LEU B 407 16.42 -16.88 18.91
N LYS B 408 16.61 -16.59 17.63
CA LYS B 408 17.15 -17.59 16.71
C LYS B 408 18.62 -17.84 16.97
N THR B 409 19.43 -16.79 16.99
CA THR B 409 20.88 -16.93 17.16
C THR B 409 21.43 -15.83 18.06
N GLY B 410 21.61 -16.15 19.34
CA GLY B 410 22.39 -15.31 20.23
C GLY B 410 21.79 -13.96 20.54
N GLY B 411 22.36 -12.92 19.93
CA GLY B 411 21.81 -11.58 20.07
C GLY B 411 22.66 -10.55 19.40
N VAL B 412 22.08 -9.39 19.12
CA VAL B 412 22.80 -8.26 18.54
C VAL B 412 23.32 -7.40 19.68
N LEU B 413 24.61 -7.10 19.66
CA LEU B 413 25.26 -6.31 20.69
C LEU B 413 25.63 -4.96 20.11
N LEU B 414 24.81 -3.94 20.38
CA LEU B 414 25.22 -2.58 20.10
C LEU B 414 26.27 -2.16 21.11
N HIS B 415 27.26 -1.41 20.65
CA HIS B 415 28.40 -0.93 21.43
C HIS B 415 29.13 -2.05 22.18
N PRO B 416 29.90 -2.88 21.49
CA PRO B 416 30.76 -3.82 22.20
C PRO B 416 32.05 -3.14 22.65
N ILE B 417 32.75 -3.80 23.55
CA ILE B 417 33.96 -3.26 24.16
C ILE B 417 35.09 -4.22 23.88
N PHE B 418 36.12 -3.74 23.20
CA PHE B 418 37.29 -4.56 22.91
C PHE B 418 38.49 -4.11 23.74
N ASN B 426 36.62 -12.16 22.92
CA ASN B 426 35.62 -11.39 22.20
C ASN B 426 34.39 -11.08 23.06
N PRO B 427 33.77 -9.93 22.85
CA PRO B 427 32.58 -9.58 23.66
C PRO B 427 31.36 -10.42 23.34
N ALA B 428 31.20 -10.85 22.11
CA ALA B 428 30.09 -11.71 21.71
C ALA B 428 30.67 -12.98 21.10
N SER B 429 30.65 -14.06 21.87
CA SER B 429 31.22 -15.33 21.46
C SER B 429 30.17 -16.39 21.19
N HIS B 430 28.89 -16.00 21.18
CA HIS B 430 27.81 -16.91 20.89
C HIS B 430 27.52 -17.03 19.41
N LEU B 431 28.31 -16.40 18.55
CA LEU B 431 27.99 -16.30 17.14
C LEU B 431 29.27 -16.40 16.33
N HIS B 432 29.14 -16.92 15.12
CA HIS B 432 30.26 -17.54 14.41
C HIS B 432 31.18 -16.55 13.70
N PHE B 433 31.03 -15.25 13.92
CA PHE B 433 31.89 -14.26 13.29
C PHE B 433 32.34 -13.27 14.34
N SER B 434 33.30 -12.42 13.99
CA SER B 434 33.79 -11.45 14.94
C SER B 434 33.14 -10.10 14.66
N ILE B 435 32.75 -9.41 15.72
CA ILE B 435 32.04 -8.17 15.61
C ILE B 435 32.97 -6.97 15.81
N LYS B 436 34.27 -7.17 15.63
CA LYS B 436 35.24 -6.09 15.79
C LYS B 436 35.30 -5.17 14.60
N HIS B 437 34.87 -5.63 13.42
CA HIS B 437 35.00 -4.88 12.19
C HIS B 437 33.72 -5.06 11.38
N PRO B 438 33.32 -4.03 10.62
CA PRO B 438 32.10 -4.16 9.82
C PRO B 438 32.18 -5.17 8.69
N HIS B 439 33.38 -5.49 8.24
CA HIS B 439 33.56 -6.35 7.07
C HIS B 439 33.67 -7.82 7.44
N THR B 440 33.56 -8.15 8.73
CA THR B 440 33.43 -9.52 9.15
C THR B 440 32.03 -9.87 9.60
N LEU B 441 31.14 -8.89 9.67
CA LEU B 441 29.77 -9.14 10.09
C LEU B 441 29.01 -9.87 9.00
N SER B 442 28.10 -10.75 9.43
CA SER B 442 27.13 -11.30 8.51
C SER B 442 26.17 -10.20 8.08
N TRP B 443 25.57 -10.37 6.91
CA TRP B 443 24.71 -9.32 6.37
C TRP B 443 23.39 -9.24 7.12
N GLU B 444 22.88 -10.39 7.58
CA GLU B 444 21.69 -10.39 8.43
C GLU B 444 21.97 -9.76 9.78
N TYR B 445 23.19 -9.92 10.30
CA TYR B 445 23.56 -9.24 11.53
C TYR B 445 23.67 -7.73 11.33
N TYR B 446 24.14 -7.30 10.17
CA TYR B 446 24.22 -5.88 9.88
C TYR B 446 22.84 -5.25 9.78
N SER B 447 21.91 -5.96 9.14
CA SER B 447 20.53 -5.49 9.03
C SER B 447 19.85 -5.42 10.39
N MET B 448 20.02 -6.46 11.21
CA MET B 448 19.44 -6.44 12.55
C MET B 448 20.14 -5.46 13.47
N PHE B 449 21.41 -5.14 13.20
CA PHE B 449 22.11 -4.11 13.96
C PHE B 449 21.47 -2.76 13.74
N GLN B 450 21.22 -2.39 12.48
CA GLN B 450 20.58 -1.10 12.22
C GLN B 450 19.16 -1.06 12.77
N CYS B 451 18.46 -2.19 12.69
CA CYS B 451 17.09 -2.28 13.19
C CYS B 451 17.03 -2.08 14.71
N LYS B 452 17.90 -2.78 15.45
CA LYS B 452 17.95 -2.64 16.90
C LYS B 452 18.43 -1.27 17.32
N ALA B 453 19.31 -0.65 16.54
CA ALA B 453 19.78 0.69 16.89
C ALA B 453 18.66 1.71 16.84
N HIS B 454 17.82 1.64 15.80
CA HIS B 454 16.74 2.63 15.77
C HIS B 454 15.63 2.31 16.77
N LEU B 455 15.46 1.04 17.16
CA LEU B 455 14.47 0.79 18.21
C LEU B 455 14.96 1.23 19.59
N VAL B 456 16.26 1.08 19.86
CA VAL B 456 16.82 1.58 21.11
C VAL B 456 16.78 3.11 21.14
N MET B 457 16.92 3.78 20.00
CA MET B 457 16.74 5.23 20.00
C MET B 457 15.30 5.64 20.25
N ARG B 458 14.33 4.84 19.78
CA ARG B 458 12.94 5.09 20.17
C ARG B 458 12.73 4.90 21.68
N LEU B 459 13.46 3.95 22.28
CA LEU B 459 13.38 3.77 23.73
C LEU B 459 13.97 4.97 24.50
N ILE B 460 15.08 5.52 23.99
CA ILE B 460 15.65 6.73 24.60
C ILE B 460 14.70 7.92 24.45
N GLU B 461 13.97 7.99 23.33
CA GLU B 461 12.93 9.00 23.21
C GLU B 461 11.78 8.75 24.20
N ASN B 462 11.48 7.48 24.50
CA ASN B 462 10.44 7.20 25.47
C ASN B 462 10.84 7.65 26.87
N ARG B 463 12.12 7.48 27.23
CA ARG B 463 12.53 7.95 28.56
C ARG B 463 12.70 9.46 28.60
N ILE B 464 13.33 10.04 27.59
CA ILE B 464 13.59 11.47 27.52
C ILE B 464 12.88 11.99 26.29
N SER B 465 11.94 12.94 26.49
CA SER B 465 10.89 13.26 25.54
C SER B 465 11.42 13.73 24.19
N MET B 466 10.54 13.70 23.18
CA MET B 466 10.95 13.84 21.78
C MET B 466 11.55 15.21 21.48
N GLU B 467 11.06 16.26 22.12
CA GLU B 467 11.63 17.59 21.90
C GLU B 467 13.04 17.71 22.45
N PHE B 468 13.32 17.06 23.59
CA PHE B 468 14.69 17.01 24.08
C PHE B 468 15.58 16.17 23.18
N MET B 469 15.01 15.13 22.56
CA MET B 469 15.77 14.30 21.63
C MET B 469 16.17 15.08 20.39
N LEU B 470 15.23 15.83 19.82
CA LEU B 470 15.55 16.68 18.68
C LEU B 470 16.51 17.80 19.06
N GLN B 471 16.48 18.24 20.33
CA GLN B 471 17.48 19.20 20.77
C GLN B 471 18.87 18.57 20.87
N VAL B 472 18.96 17.29 21.27
CA VAL B 472 20.24 16.58 21.25
C VAL B 472 20.80 16.53 19.83
N PHE B 473 19.94 16.18 18.88
CA PHE B 473 20.39 16.03 17.49
C PHE B 473 20.81 17.37 16.91
N ASN B 474 20.07 18.43 17.26
CA ASN B 474 20.44 19.77 16.81
C ASN B 474 21.73 20.24 17.44
N LYS B 475 22.01 19.85 18.69
CA LYS B 475 23.28 20.23 19.31
C LYS B 475 24.45 19.52 18.64
N LEU B 476 24.27 18.25 18.28
CA LEU B 476 25.32 17.51 17.55
C LEU B 476 25.58 18.13 16.19
N LEU B 477 24.51 18.41 15.44
CA LEU B 477 24.64 19.06 14.13
C LEU B 477 25.24 20.45 14.22
N SER B 478 24.94 21.20 15.28
CA SER B 478 25.47 22.55 15.40
C SER B 478 26.94 22.55 15.78
N LEU B 479 27.37 21.61 16.63
CA LEU B 479 28.80 21.45 16.89
C LEU B 479 29.54 21.05 15.62
N ALA B 480 28.95 20.16 14.83
CA ALA B 480 29.57 19.73 13.59
C ALA B 480 29.65 20.85 12.56
N SER B 481 28.65 21.71 12.50
CA SER B 481 28.67 22.78 11.51
C SER B 481 29.50 23.98 11.94
N THR B 482 29.71 24.19 13.24
CA THR B 482 30.75 25.13 13.63
C THR B 482 32.13 24.55 13.39
N ALA B 483 32.26 23.23 13.51
CA ALA B 483 33.51 22.54 13.22
C ALA B 483 33.82 22.51 11.73
N SER B 484 32.79 22.44 10.90
CA SER B 484 32.95 22.20 9.47
C SER B 484 33.50 23.40 8.71
N SER B 485 33.51 24.58 9.31
CA SER B 485 33.97 25.79 8.65
C SER B 485 35.36 26.22 9.07
N GLN B 486 35.93 25.66 10.12
CA GLN B 486 37.31 26.01 10.52
C GLN B 486 38.28 25.48 9.47
N LYS B 487 39.52 25.94 9.50
CA LYS B 487 40.56 25.45 8.58
C LYS B 487 41.61 24.67 9.35
N PHE B 488 41.56 24.74 10.68
CA PHE B 488 42.60 24.09 11.52
C PHE B 488 42.52 22.61 11.22
N GLN B 489 43.66 21.98 11.03
CA GLN B 489 43.63 20.59 10.55
C GLN B 489 43.24 19.67 11.70
N SER B 490 41.96 19.62 12.03
CA SER B 490 41.45 18.68 13.07
C SER B 490 41.66 19.18 14.48
N HIS B 491 42.13 20.43 14.70
CA HIS B 491 42.11 20.89 16.09
C HIS B 491 40.62 20.85 16.38
N MET B 492 39.80 21.26 15.42
CA MET B 492 38.35 21.34 15.66
C MET B 492 37.56 20.46 14.72
N TRP B 493 38.17 19.67 13.85
CA TRP B 493 37.40 18.90 12.84
C TRP B 493 36.94 17.60 13.45
N SER B 494 37.27 17.34 14.70
CA SER B 494 36.90 16.07 15.37
C SER B 494 35.67 16.32 16.18
N GLN B 495 35.07 17.48 16.02
CA GLN B 495 33.79 17.73 16.71
C GLN B 495 32.75 17.27 15.74
N MET B 496 33.14 16.90 14.53
CA MET B 496 32.23 16.30 13.58
C MET B 496 32.10 14.80 13.75
N LEU B 497 32.87 14.22 14.68
CA LEU B 497 32.82 12.80 14.97
C LEU B 497 32.11 12.60 16.31
N VAL B 498 31.07 11.79 16.32
CA VAL B 498 30.31 11.52 17.53
C VAL B 498 30.81 10.22 18.15
N SER B 499 30.69 10.11 19.46
CA SER B 499 30.99 8.90 20.19
C SER B 499 29.81 8.55 21.07
N THR B 500 29.90 7.44 21.80
CA THR B 500 28.84 7.10 22.73
C THR B 500 28.89 8.01 23.95
N SER B 501 30.09 8.25 24.49
CA SER B 501 30.22 9.09 25.68
C SER B 501 29.82 10.53 25.39
N GLY B 502 30.16 11.03 24.20
CA GLY B 502 29.73 12.37 23.82
C GLY B 502 28.25 12.48 23.61
N PHE B 503 27.63 11.43 23.08
CA PHE B 503 26.18 11.42 22.87
C PHE B 503 25.43 11.39 24.19
N LEU B 504 25.89 10.54 25.12
CA LEU B 504 25.28 10.49 26.45
C LEU B 504 25.53 11.78 27.24
N LYS B 505 26.69 12.42 27.03
CA LYS B 505 26.95 13.69 27.70
C LYS B 505 26.08 14.80 27.15
N SER B 506 25.81 14.80 25.84
CA SER B 506 24.93 15.81 25.28
C SER B 506 23.48 15.60 25.72
N ILE B 507 23.08 14.32 25.88
CA ILE B 507 21.77 14.00 26.42
C ILE B 507 21.64 14.51 27.85
N SER B 508 22.66 14.25 28.67
CA SER B 508 22.68 14.73 30.05
C SER B 508 22.77 16.24 30.14
N ASN B 509 23.34 16.89 29.13
CA ASN B 509 23.37 18.35 29.11
C ASN B 509 21.99 18.92 28.82
N VAL B 510 21.26 18.34 27.89
CA VAL B 510 20.00 18.98 27.53
C VAL B 510 18.87 18.59 28.48
N SER B 511 18.96 17.45 29.17
CA SER B 511 17.82 16.98 29.92
C SER B 511 18.03 16.96 31.42
N GLY B 512 19.25 16.74 31.88
CA GLY B 512 19.50 16.58 33.30
C GLY B 512 19.29 15.19 33.83
N LYS B 513 18.69 14.31 33.04
CA LYS B 513 18.58 12.90 33.35
C LYS B 513 19.64 12.15 32.56
N ASP B 514 20.26 11.15 33.17
CA ASP B 514 21.12 10.25 32.40
C ASP B 514 20.42 8.91 32.21
N ILE B 515 20.73 8.27 31.10
CA ILE B 515 20.02 7.09 30.65
C ILE B 515 20.85 5.82 30.86
N GLN B 516 21.88 5.90 31.69
CA GLN B 516 22.84 4.83 31.95
C GLN B 516 22.24 3.48 32.37
N PRO B 517 21.13 3.40 33.11
CA PRO B 517 20.47 2.09 33.23
C PRO B 517 19.87 1.58 31.92
N LEU B 518 19.27 2.46 31.13
CA LEU B 518 18.69 2.04 29.85
C LEU B 518 19.78 1.68 28.86
N ILE B 519 20.88 2.42 28.87
CA ILE B 519 22.05 2.11 28.04
C ILE B 519 22.67 0.80 28.49
N LYS B 520 22.76 0.59 29.80
CA LYS B 520 23.34 -0.65 30.31
C LYS B 520 22.47 -1.86 30.00
N GLN B 521 21.15 -1.68 29.94
CA GLN B 521 20.29 -2.82 29.69
C GLN B 521 20.18 -3.14 28.20
N TRP B 522 19.88 -2.15 27.38
CA TRP B 522 19.53 -2.46 26.00
C TRP B 522 20.67 -2.28 25.01
N VAL B 523 21.77 -1.67 25.42
CA VAL B 523 22.88 -1.51 24.49
C VAL B 523 23.99 -2.49 24.87
N ASP B 524 24.54 -2.36 26.07
CA ASP B 524 25.70 -3.14 26.47
C ASP B 524 25.43 -4.62 26.75
N GLN B 525 24.19 -5.11 26.68
CA GLN B 525 23.90 -6.41 27.25
C GLN B 525 23.43 -7.48 26.29
N SER B 526 22.89 -7.11 25.11
CA SER B 526 22.58 -8.03 24.00
C SER B 526 21.57 -9.11 24.37
N GLY B 527 20.33 -8.68 24.61
CA GLY B 527 19.24 -9.63 24.76
C GLY B 527 17.90 -8.94 24.72
N VAL B 528 16.87 -9.73 24.43
CA VAL B 528 15.48 -9.28 24.49
C VAL B 528 14.79 -10.06 25.61
N VAL B 529 13.62 -9.61 26.01
CA VAL B 529 12.92 -10.24 27.13
C VAL B 529 11.66 -10.94 26.63
N LYS B 530 11.25 -11.96 27.38
CA LYS B 530 10.08 -12.78 27.05
C LYS B 530 9.13 -12.74 28.23
N PHE B 531 7.89 -12.35 28.00
CA PHE B 531 6.90 -12.21 29.05
C PHE B 531 5.78 -13.22 28.85
N TYR B 532 5.47 -13.99 29.89
CA TYR B 532 4.34 -14.89 29.91
C TYR B 532 3.39 -14.39 30.98
N GLY B 533 2.20 -13.94 30.56
CA GLY B 533 1.25 -13.36 31.47
C GLY B 533 -0.05 -14.15 31.51
N SER B 534 -0.64 -14.20 32.70
CA SER B 534 -1.96 -14.76 32.88
C SER B 534 -2.63 -14.07 34.04
N PHE B 535 -3.92 -13.83 33.93
CA PHE B 535 -4.62 -13.07 34.95
C PHE B 535 -5.66 -13.92 35.65
N ALA B 536 -6.13 -13.43 36.78
CA ALA B 536 -7.30 -13.98 37.46
C ALA B 536 -8.00 -12.86 38.20
N PHE B 537 -9.31 -12.78 38.05
CA PHE B 537 -10.08 -11.71 38.67
C PHE B 537 -10.63 -12.17 40.01
N ASN B 538 -10.23 -11.50 41.09
CA ASN B 538 -10.77 -11.75 42.42
C ASN B 538 -12.04 -10.94 42.60
N ARG B 539 -13.17 -11.64 42.62
CA ARG B 539 -14.49 -11.02 42.72
C ARG B 539 -14.76 -10.49 44.12
N LYS B 540 -14.15 -11.10 45.14
CA LYS B 540 -14.44 -10.73 46.52
C LYS B 540 -13.86 -9.35 46.87
N ARG B 541 -12.56 -9.18 46.58
CA ARG B 541 -11.80 -7.92 46.85
C ARG B 541 -11.75 -7.03 45.62
N ASN B 542 -12.40 -7.39 44.53
CA ASN B 542 -12.49 -6.61 43.29
C ASN B 542 -11.12 -6.25 42.73
N VAL B 543 -10.20 -7.21 42.73
CA VAL B 543 -8.86 -6.93 42.23
C VAL B 543 -8.57 -7.83 41.03
N LEU B 544 -7.55 -7.45 40.29
CA LEU B 544 -7.07 -8.19 39.14
C LEU B 544 -5.67 -8.67 39.46
N GLU B 545 -5.50 -9.98 39.60
CA GLU B 545 -4.24 -10.58 39.98
C GLU B 545 -3.54 -11.04 38.71
N LEU B 546 -2.58 -10.25 38.26
CA LEU B 546 -1.75 -10.62 37.13
C LEU B 546 -0.62 -11.53 37.59
N GLU B 547 -0.14 -12.33 36.66
CA GLU B 547 0.92 -13.30 36.92
C GLU B 547 1.84 -13.23 35.71
N ILE B 548 2.96 -12.54 35.85
CA ILE B 548 3.90 -12.30 34.77
C ILE B 548 5.21 -12.97 35.14
N LYS B 549 5.60 -13.96 34.34
CA LYS B 549 6.86 -14.66 34.54
C LYS B 549 7.70 -14.57 33.28
N GLN B 550 9.00 -14.48 33.45
CA GLN B 550 9.92 -14.32 32.33
C GLN B 550 10.68 -15.61 32.07
N ASP B 551 10.91 -15.90 30.79
CA ASP B 551 11.81 -16.96 30.38
C ASP B 551 13.16 -16.33 30.15
N TYR B 552 14.07 -16.50 31.10
CA TYR B 552 15.38 -15.87 31.06
C TYR B 552 16.49 -16.90 30.90
N THR B 553 16.15 -18.15 30.64
CA THR B 553 17.12 -19.23 30.46
C THR B 553 17.25 -19.66 29.02
N SER B 554 16.48 -19.09 28.11
CA SER B 554 16.67 -19.30 26.69
C SER B 554 17.98 -18.64 26.24
N PRO B 555 18.56 -19.07 25.11
CA PRO B 555 19.87 -18.52 24.71
C PRO B 555 19.85 -17.04 24.34
N GLY B 556 18.74 -16.51 23.85
CA GLY B 556 18.72 -15.13 23.42
C GLY B 556 18.22 -14.12 24.43
N THR B 557 17.79 -14.56 25.61
CA THR B 557 17.00 -13.76 26.51
C THR B 557 17.84 -13.13 27.62
N GLN B 558 17.25 -12.15 28.30
CA GLN B 558 17.83 -11.53 29.47
C GLN B 558 16.73 -11.20 30.45
N LYS B 559 17.11 -10.81 31.65
CA LYS B 559 16.10 -10.60 32.71
C LYS B 559 15.81 -9.14 32.90
N TYR B 560 14.55 -8.78 32.88
CA TYR B 560 14.07 -7.42 33.02
C TYR B 560 13.67 -7.18 34.47
N VAL B 561 14.12 -6.06 35.04
CA VAL B 561 13.80 -5.74 36.43
C VAL B 561 13.23 -4.34 36.59
N GLY B 562 12.95 -3.67 35.48
CA GLY B 562 12.47 -2.31 35.55
C GLY B 562 10.98 -2.22 35.83
N PRO B 563 10.37 -1.08 35.52
CA PRO B 563 8.91 -0.97 35.55
C PRO B 563 8.29 -1.41 34.25
N LEU B 564 7.00 -1.70 34.30
CA LEU B 564 6.27 -2.28 33.17
C LEU B 564 4.86 -1.70 33.16
N LYS B 565 4.48 -1.12 32.03
CA LYS B 565 3.14 -0.56 31.91
C LYS B 565 2.16 -1.64 31.46
N VAL B 566 0.96 -1.63 32.02
CA VAL B 566 -0.11 -2.51 31.60
C VAL B 566 -1.39 -1.68 31.48
N THR B 567 -2.15 -1.91 30.43
CA THR B 567 -3.37 -1.15 30.18
C THR B 567 -4.57 -2.09 30.27
N VAL B 568 -5.47 -1.80 31.19
CA VAL B 568 -6.66 -2.62 31.41
C VAL B 568 -7.88 -1.83 30.97
N GLN B 569 -8.65 -2.39 30.04
CA GLN B 569 -9.92 -1.83 29.62
C GLN B 569 -11.01 -2.55 30.40
N GLU B 570 -11.63 -1.83 31.33
CA GLU B 570 -12.79 -2.25 32.08
C GLU B 570 -13.99 -1.47 31.57
N LEU B 571 -15.17 -1.78 32.12
CA LEU B 571 -16.40 -1.12 31.73
C LEU B 571 -16.39 0.37 32.04
N ASP B 572 -15.64 0.81 33.04
CA ASP B 572 -15.56 2.22 33.35
C ASP B 572 -14.54 2.96 32.49
N GLY B 573 -13.74 2.25 31.69
CA GLY B 573 -12.82 2.94 30.80
C GLY B 573 -11.50 2.22 30.74
N SER B 574 -10.50 2.93 30.20
CA SER B 574 -9.16 2.39 30.02
C SER B 574 -8.23 3.01 31.06
N PHE B 575 -7.59 2.16 31.86
CA PHE B 575 -6.71 2.61 32.93
C PHE B 575 -5.33 2.00 32.76
N ASN B 576 -4.30 2.81 32.95
CA ASN B 576 -2.91 2.38 32.88
C ASN B 576 -2.38 2.15 34.29
N HIS B 577 -1.55 1.12 34.43
CA HIS B 577 -0.94 0.78 35.70
C HIS B 577 0.53 0.48 35.46
N THR B 578 1.38 0.91 36.38
CA THR B 578 2.80 0.61 36.33
C THR B 578 3.13 -0.45 37.36
N LEU B 579 3.76 -1.53 36.92
CA LEU B 579 4.09 -2.68 37.73
C LEU B 579 5.60 -2.73 37.90
N GLN B 580 6.05 -3.05 39.10
CA GLN B 580 7.48 -3.20 39.37
C GLN B 580 7.79 -4.68 39.43
N ILE B 581 8.50 -5.08 38.37
CA ILE B 581 8.78 -6.51 38.13
C ILE B 581 10.19 -6.87 38.56
N GLU B 582 10.42 -7.01 39.85
CA GLU B 582 11.72 -7.42 40.40
C GLU B 582 11.93 -8.90 40.16
N GLU B 583 13.11 -9.43 40.44
CA GLU B 583 13.46 -10.84 40.13
C GLU B 583 12.54 -11.83 40.82
N ASN B 584 12.19 -11.60 42.08
CA ASN B 584 11.39 -12.58 42.86
C ASN B 584 9.90 -12.33 42.69
N SER B 585 9.49 -11.42 41.82
CA SER B 585 8.06 -11.04 41.68
C SER B 585 7.29 -12.02 40.82
N LEU B 586 6.07 -12.37 41.22
CA LEU B 586 5.23 -13.15 40.31
C LEU B 586 3.80 -12.66 40.26
N LYS B 587 3.21 -12.31 41.40
CA LYS B 587 1.78 -11.92 41.39
C LYS B 587 1.66 -10.42 41.64
N HIS B 588 0.97 -9.71 40.79
CA HIS B 588 0.77 -8.28 40.85
C HIS B 588 -0.72 -8.01 40.96
N ASP B 589 -1.15 -7.48 42.10
CA ASP B 589 -2.56 -7.20 42.34
C ASP B 589 -2.83 -5.74 42.01
N ILE B 590 -3.65 -5.51 40.98
CA ILE B 590 -4.02 -4.15 40.62
C ILE B 590 -5.52 -3.98 40.92
N PRO B 591 -6.00 -2.80 41.24
CA PRO B 591 -7.41 -2.65 41.58
C PRO B 591 -8.29 -2.45 40.35
N CYS B 592 -9.54 -2.90 40.49
CA CYS B 592 -10.53 -2.81 39.43
C CYS B 592 -11.65 -1.88 39.85
N HIS B 593 -12.31 -1.30 38.86
CA HIS B 593 -13.35 -0.31 39.05
C HIS B 593 -14.73 -0.98 39.04
N SER B 594 -15.78 -0.17 38.92
CA SER B 594 -17.16 -0.63 39.03
C SER B 594 -17.59 -1.40 37.78
N LYS B 595 -18.85 -1.85 37.80
CA LYS B 595 -19.52 -2.43 36.65
C LYS B 595 -20.89 -1.82 36.50
N SER B 596 -20.99 -0.52 36.70
CA SER B 596 -22.27 0.19 36.63
C SER B 596 -22.63 0.62 35.23
N ARG B 597 -21.77 0.41 34.25
CA ARG B 597 -22.13 0.58 32.85
C ARG B 597 -22.72 -0.69 32.26
N ARG B 598 -22.91 -1.73 33.06
CA ARG B 598 -23.73 -2.85 32.67
C ARG B 598 -25.11 -2.80 33.33
N ASN B 599 -25.24 -2.07 34.44
CA ASN B 599 -26.55 -1.80 35.03
C ASN B 599 -27.41 -0.95 34.11
N LYS B 600 -26.97 0.27 33.82
CA LYS B 600 -27.56 1.01 32.70
C LYS B 600 -26.76 0.70 31.45
N LYS B 601 -27.44 0.66 30.31
CA LYS B 601 -26.76 0.80 29.03
C LYS B 601 -26.23 2.21 28.88
N LYS B 602 -24.95 2.38 29.14
CA LYS B 602 -24.18 3.55 28.77
C LYS B 602 -23.06 3.11 27.85
N LYS B 603 -22.48 4.09 27.17
CA LYS B 603 -21.36 3.79 26.27
C LYS B 603 -20.11 3.60 27.11
N ILE B 604 -19.22 2.70 26.72
CA ILE B 604 -17.99 2.39 27.43
C ILE B 604 -16.88 3.26 26.85
N PRO B 605 -16.19 4.07 27.65
CA PRO B 605 -15.17 4.97 27.11
C PRO B 605 -13.87 4.24 26.80
N LEU B 606 -13.26 4.64 25.70
CA LEU B 606 -12.13 3.93 25.12
C LEU B 606 -10.80 4.53 25.54
N MET B 607 -9.72 4.09 24.89
CA MET B 607 -8.39 4.61 25.18
C MET B 607 -8.26 6.06 24.77
N ASN B 608 -8.84 6.44 23.63
CA ASN B 608 -8.95 7.83 23.26
C ASN B 608 -10.18 8.42 23.94
N GLY B 609 -10.55 9.64 23.58
CA GLY B 609 -11.66 10.29 24.26
C GLY B 609 -13.04 9.79 23.90
N GLU B 610 -13.16 8.94 22.87
CA GLU B 610 -14.46 8.55 22.38
C GLU B 610 -15.03 7.42 23.24
N GLU B 611 -16.28 7.05 22.93
CA GLU B 611 -16.96 5.96 23.60
C GLU B 611 -17.87 5.27 22.60
N VAL B 612 -18.07 3.96 22.79
CA VAL B 612 -18.80 3.15 21.82
C VAL B 612 -19.82 2.29 22.53
N ASP B 613 -20.76 1.75 21.74
CA ASP B 613 -21.69 0.74 22.21
C ASP B 613 -21.07 -0.63 21.99
N MET B 614 -20.96 -1.41 23.06
CA MET B 614 -20.43 -2.75 22.98
C MET B 614 -21.52 -3.76 23.30
N ASP B 615 -21.46 -4.92 22.65
CA ASP B 615 -22.38 -5.99 22.94
C ASP B 615 -21.79 -6.80 24.09
N LEU B 616 -22.33 -6.62 25.29
CA LEU B 616 -21.75 -7.21 26.49
C LEU B 616 -22.32 -8.60 26.80
N SER B 617 -22.89 -9.28 25.81
CA SER B 617 -23.47 -10.59 26.07
C SER B 617 -22.40 -11.67 26.22
N ALA B 618 -21.24 -11.47 25.62
CA ALA B 618 -20.17 -12.45 25.72
C ALA B 618 -19.33 -12.27 26.97
N MET B 619 -19.40 -11.12 27.61
CA MET B 619 -18.59 -10.83 28.78
C MET B 619 -19.08 -11.64 29.98
N ASP B 620 -18.15 -11.90 30.90
CA ASP B 620 -18.51 -12.52 32.17
C ASP B 620 -19.37 -11.58 32.99
N ALA B 621 -20.25 -12.16 33.81
CA ALA B 621 -21.12 -11.34 34.62
C ALA B 621 -20.40 -10.74 35.82
N ASP B 622 -19.37 -11.42 36.32
CA ASP B 622 -18.73 -11.00 37.57
C ASP B 622 -17.53 -10.09 37.37
N SER B 623 -16.92 -10.08 36.18
CA SER B 623 -15.72 -9.29 35.95
C SER B 623 -16.04 -8.06 35.13
N PRO B 624 -15.55 -6.88 35.50
CA PRO B 624 -15.77 -5.70 34.67
C PRO B 624 -14.78 -5.56 33.52
N LEU B 625 -13.66 -6.27 33.57
CA LEU B 625 -12.56 -5.98 32.67
C LEU B 625 -12.77 -6.66 31.33
N LEU B 626 -12.60 -5.87 30.28
CA LEU B 626 -12.86 -6.27 28.90
C LEU B 626 -11.62 -6.78 28.19
N TRP B 627 -10.48 -6.12 28.36
CA TRP B 627 -9.22 -6.70 27.87
C TRP B 627 -8.05 -6.13 28.64
N ILE B 628 -6.92 -6.83 28.58
CA ILE B 628 -5.68 -6.44 29.23
C ILE B 628 -4.57 -6.46 28.19
N ARG B 629 -3.71 -5.45 28.20
CA ARG B 629 -2.54 -5.41 27.32
C ARG B 629 -1.30 -5.15 28.14
N ILE B 630 -0.38 -6.11 28.13
CA ILE B 630 0.90 -5.96 28.81
C ILE B 630 1.88 -5.29 27.88
N ASP B 631 2.48 -4.18 28.35
CA ASP B 631 3.36 -3.27 27.62
C ASP B 631 2.75 -2.81 26.31
N PRO B 632 1.78 -1.90 26.35
CA PRO B 632 1.11 -1.50 25.10
C PRO B 632 1.97 -0.62 24.21
N ASP B 633 2.81 0.23 24.79
CA ASP B 633 3.55 1.23 24.02
C ASP B 633 4.86 0.69 23.45
N MET B 634 5.11 -0.61 23.59
CA MET B 634 6.34 -1.29 23.16
C MET B 634 7.59 -0.63 23.75
N SER B 635 7.53 -0.33 25.04
CA SER B 635 8.58 0.42 25.71
C SER B 635 9.77 -0.44 26.11
N VAL B 636 9.72 -1.75 25.87
CA VAL B 636 10.86 -2.62 26.03
C VAL B 636 10.98 -3.48 24.77
N LEU B 637 12.11 -4.15 24.61
CA LEU B 637 12.33 -5.05 23.49
C LEU B 637 11.86 -6.43 23.92
N ARG B 638 10.59 -6.73 23.64
CA ARG B 638 9.90 -7.81 24.33
C ARG B 638 9.09 -8.67 23.37
N LYS B 639 8.73 -9.85 23.86
CA LYS B 639 7.80 -10.75 23.19
C LYS B 639 6.79 -11.20 24.24
N VAL B 640 5.53 -10.81 24.07
CA VAL B 640 4.53 -11.03 25.10
C VAL B 640 3.69 -12.23 24.71
N GLU B 641 3.37 -13.07 25.69
CA GLU B 641 2.49 -14.22 25.49
C GLU B 641 1.42 -14.16 26.57
N PHE B 642 0.35 -13.41 26.31
CA PHE B 642 -0.71 -13.20 27.29
C PHE B 642 -1.84 -14.18 27.05
N GLU B 643 -2.43 -14.67 28.14
CA GLU B 643 -3.51 -15.64 28.10
C GLU B 643 -4.80 -14.96 28.52
N GLN B 644 -5.49 -14.38 27.55
CA GLN B 644 -6.81 -13.82 27.76
C GLN B 644 -7.87 -14.88 27.45
N ALA B 645 -9.11 -14.50 27.57
CA ALA B 645 -10.20 -15.35 27.13
C ALA B 645 -10.56 -14.89 25.72
N ASP B 646 -11.22 -15.76 24.94
CA ASP B 646 -11.43 -15.50 23.53
C ASP B 646 -12.35 -14.30 23.29
N PHE B 647 -13.30 -14.06 24.21
CA PHE B 647 -14.15 -12.88 24.05
C PHE B 647 -13.37 -11.61 24.30
N MET B 648 -12.33 -11.67 25.15
CA MET B 648 -11.50 -10.50 25.38
C MET B 648 -10.65 -10.18 24.15
N TRP B 649 -10.19 -11.22 23.46
CA TRP B 649 -9.50 -11.02 22.19
C TRP B 649 -10.43 -10.48 21.12
N GLN B 650 -11.70 -10.88 21.14
CA GLN B 650 -12.63 -10.36 20.14
C GLN B 650 -13.02 -8.92 20.42
N TYR B 651 -13.17 -8.55 21.70
CA TYR B 651 -13.41 -7.16 22.07
C TYR B 651 -12.20 -6.29 21.74
N GLN B 652 -10.99 -6.82 21.97
CA GLN B 652 -9.79 -6.10 21.62
C GLN B 652 -9.61 -5.97 20.12
N LEU B 653 -10.11 -6.93 19.34
CA LEU B 653 -10.04 -6.77 17.90
C LEU B 653 -11.05 -5.72 17.43
N ARG B 654 -12.25 -5.72 17.99
CA ARG B 654 -13.28 -4.82 17.50
C ARG B 654 -13.06 -3.38 17.93
N TYR B 655 -12.97 -3.12 19.24
CA TYR B 655 -13.17 -1.78 19.76
C TYR B 655 -11.89 -1.09 20.19
N GLU B 656 -10.73 -1.64 19.89
CA GLU B 656 -9.48 -1.01 20.29
C GLU B 656 -9.12 0.11 19.32
N ARG B 657 -8.45 1.13 19.84
CA ARG B 657 -7.96 2.23 19.03
C ARG B 657 -6.44 2.20 18.98
N ASP B 658 -5.89 1.02 18.75
CA ASP B 658 -4.46 0.79 18.59
C ASP B 658 -4.29 -0.32 17.57
N VAL B 659 -3.45 -0.09 16.56
CA VAL B 659 -3.35 -1.07 15.48
C VAL B 659 -2.52 -2.28 15.89
N VAL B 660 -1.57 -2.10 16.81
CA VAL B 660 -0.75 -3.23 17.22
C VAL B 660 -1.55 -4.18 18.09
N ALA B 661 -2.53 -3.66 18.83
CA ALA B 661 -3.40 -4.53 19.61
C ALA B 661 -4.42 -5.25 18.75
N GLN B 662 -4.91 -4.61 17.69
CA GLN B 662 -5.76 -5.30 16.72
C GLN B 662 -4.98 -6.39 15.99
N GLN B 663 -3.71 -6.13 15.67
CA GLN B 663 -2.89 -7.14 15.00
C GLN B 663 -2.59 -8.31 15.93
N GLU B 664 -2.29 -8.05 17.20
CA GLU B 664 -2.02 -9.14 18.11
C GLU B 664 -3.28 -9.91 18.49
N SER B 665 -4.46 -9.27 18.42
CA SER B 665 -5.69 -10.01 18.64
C SER B 665 -6.04 -10.87 17.43
N ILE B 666 -5.75 -10.39 16.22
CA ILE B 666 -5.87 -11.24 15.03
C ILE B 666 -4.94 -12.44 15.14
N LEU B 667 -3.72 -12.21 15.60
CA LEU B 667 -2.74 -13.28 15.74
C LEU B 667 -3.13 -14.28 16.83
N ALA B 668 -3.83 -13.82 17.86
CA ALA B 668 -4.25 -14.72 18.93
C ALA B 668 -5.63 -15.33 18.71
N LEU B 669 -6.39 -14.85 17.73
CA LEU B 669 -7.68 -15.47 17.44
C LEU B 669 -7.58 -16.71 16.58
N GLU B 670 -6.40 -17.04 16.06
CA GLU B 670 -6.23 -18.26 15.28
C GLU B 670 -6.31 -19.51 16.15
N LYS B 671 -6.10 -19.37 17.46
CA LYS B 671 -6.22 -20.50 18.37
C LYS B 671 -7.65 -20.73 18.84
N PHE B 672 -8.55 -19.75 18.62
CA PHE B 672 -9.96 -19.90 19.00
C PHE B 672 -10.81 -19.87 17.74
N PRO B 673 -11.15 -21.02 17.17
CA PRO B 673 -11.94 -21.06 15.94
C PRO B 673 -13.45 -20.97 16.13
N THR B 674 -13.92 -20.46 17.26
CA THR B 674 -15.35 -20.33 17.51
C THR B 674 -16.01 -19.37 16.52
N PRO B 675 -17.32 -19.52 16.27
CA PRO B 675 -17.99 -18.62 15.30
C PRO B 675 -18.08 -17.17 15.75
N ALA B 676 -17.93 -16.87 17.04
CA ALA B 676 -17.85 -15.48 17.46
C ALA B 676 -16.57 -14.82 16.96
N SER B 677 -15.48 -15.58 16.87
CA SER B 677 -14.26 -15.03 16.29
C SER B 677 -14.38 -14.83 14.80
N ARG B 678 -15.16 -15.67 14.14
CA ARG B 678 -15.42 -15.51 12.69
C ARG B 678 -16.25 -14.26 12.49
N LEU B 679 -17.22 -14.02 13.36
CA LEU B 679 -18.01 -12.80 13.29
C LEU B 679 -17.16 -11.57 13.58
N ALA B 680 -16.20 -11.68 14.50
CA ALA B 680 -15.31 -10.56 14.81
C ALA B 680 -14.42 -10.20 13.63
N LEU B 681 -13.80 -11.19 13.01
CA LEU B 681 -12.94 -10.92 11.85
C LEU B 681 -13.74 -10.46 10.64
N THR B 682 -14.96 -10.96 10.47
CA THR B 682 -15.78 -10.52 9.37
C THR B 682 -16.27 -9.10 9.57
N ASP B 683 -16.53 -8.70 10.82
CA ASP B 683 -16.88 -7.32 11.10
C ASP B 683 -15.68 -6.40 10.94
N ILE B 684 -14.47 -6.90 11.18
CA ILE B 684 -13.27 -6.11 10.90
C ILE B 684 -13.07 -5.96 9.40
N LEU B 685 -13.36 -7.01 8.62
CA LEU B 685 -13.14 -6.97 7.18
C LEU B 685 -14.10 -6.01 6.48
N GLU B 686 -15.38 -6.06 6.85
CA GLU B 686 -16.39 -5.12 6.35
C GLU B 686 -16.18 -3.67 6.73
N GLN B 687 -15.31 -3.38 7.69
CA GLN B 687 -15.27 -2.06 8.30
C GLN B 687 -14.20 -1.21 7.63
N GLU B 688 -14.61 -0.29 6.78
CA GLU B 688 -13.78 0.88 6.56
C GLU B 688 -13.74 1.70 7.84
N GLN B 689 -12.71 2.53 7.95
CA GLN B 689 -12.20 3.31 9.11
C GLN B 689 -11.46 2.39 10.07
N CYS B 690 -11.24 1.14 9.68
CA CYS B 690 -10.16 0.32 10.23
C CYS B 690 -8.94 0.50 9.34
N PHE B 691 -7.76 0.43 9.95
CA PHE B 691 -6.51 0.51 9.22
C PHE B 691 -6.39 -0.69 8.29
N TYR B 692 -5.92 -0.44 7.06
CA TYR B 692 -6.08 -1.42 6.00
C TYR B 692 -5.21 -2.64 6.20
N ARG B 693 -4.06 -2.47 6.84
CA ARG B 693 -3.19 -3.60 7.10
C ARG B 693 -3.70 -4.51 8.21
N VAL B 694 -4.73 -4.10 8.93
CA VAL B 694 -5.38 -4.99 9.88
C VAL B 694 -6.39 -5.86 9.15
N ARG B 695 -7.09 -5.30 8.18
CA ARG B 695 -8.03 -6.08 7.38
C ARG B 695 -7.33 -7.07 6.47
N MET B 696 -6.15 -6.68 5.96
CA MET B 696 -5.35 -7.62 5.17
C MET B 696 -4.84 -8.79 6.00
N SER B 697 -4.66 -8.60 7.30
CA SER B 697 -4.32 -9.71 8.18
C SER B 697 -5.54 -10.53 8.54
N ALA B 698 -6.69 -9.87 8.65
CA ALA B 698 -7.93 -10.57 9.00
C ALA B 698 -8.38 -11.48 7.89
N CYS B 699 -8.01 -11.20 6.64
CA CYS B 699 -8.26 -12.13 5.54
C CYS B 699 -7.59 -13.49 5.78
N PHE B 700 -6.30 -13.48 6.10
CA PHE B 700 -5.57 -14.72 6.30
C PHE B 700 -5.99 -15.41 7.59
N CYS B 701 -6.30 -14.63 8.63
CA CYS B 701 -6.81 -15.23 9.86
C CYS B 701 -8.17 -15.89 9.65
N LEU B 702 -9.03 -15.27 8.84
CA LEU B 702 -10.32 -15.85 8.52
C LEU B 702 -10.19 -17.10 7.69
N ALA B 703 -9.19 -17.14 6.80
CA ALA B 703 -8.92 -18.35 6.03
C ALA B 703 -8.47 -19.50 6.91
N LYS B 704 -7.59 -19.23 7.88
CA LYS B 704 -7.12 -20.28 8.79
C LYS B 704 -8.25 -20.79 9.68
N ILE B 705 -9.07 -19.87 10.22
CA ILE B 705 -10.20 -20.27 11.05
C ILE B 705 -11.21 -21.08 10.25
N ALA B 706 -11.46 -20.68 8.99
CA ALA B 706 -12.38 -21.41 8.14
C ALA B 706 -11.88 -22.81 7.82
N ASN B 707 -10.56 -22.95 7.64
CA ASN B 707 -9.99 -24.29 7.44
C ASN B 707 -10.11 -25.15 8.68
N SER B 708 -10.08 -24.55 9.86
CA SER B 708 -10.16 -25.34 11.07
C SER B 708 -11.57 -25.73 11.48
N MET B 709 -12.61 -25.00 11.06
CA MET B 709 -13.99 -25.36 11.37
C MET B 709 -14.74 -25.88 10.14
N VAL B 710 -14.08 -26.70 9.32
CA VAL B 710 -14.81 -27.49 8.34
C VAL B 710 -15.65 -28.54 9.05
N SER B 711 -16.70 -29.00 8.35
CA SER B 711 -17.82 -29.80 8.87
C SER B 711 -18.59 -29.07 9.97
N THR B 712 -18.47 -27.75 10.02
CA THR B 712 -19.29 -26.87 10.83
C THR B 712 -19.74 -25.64 10.06
N TRP B 713 -18.99 -25.26 9.02
CA TRP B 713 -19.26 -24.08 8.22
C TRP B 713 -20.58 -24.21 7.47
N THR B 714 -21.43 -23.19 7.59
CA THR B 714 -22.82 -23.25 7.14
C THR B 714 -22.96 -22.93 5.65
N GLY B 715 -22.64 -21.69 5.27
CA GLY B 715 -23.00 -21.18 3.97
C GLY B 715 -21.91 -21.31 2.94
N PRO B 716 -21.64 -20.23 2.21
CA PRO B 716 -20.60 -20.25 1.18
C PRO B 716 -19.21 -20.26 1.79
N PRO B 717 -18.16 -20.42 0.98
CA PRO B 717 -16.79 -20.23 1.50
C PRO B 717 -16.57 -18.82 2.02
N ALA B 718 -15.56 -18.71 2.87
CA ALA B 718 -15.25 -17.46 3.55
C ALA B 718 -14.81 -16.40 2.56
N MET B 719 -15.21 -15.15 2.83
CA MET B 719 -14.90 -13.92 2.10
C MET B 719 -15.46 -13.85 0.69
N LYS B 720 -16.21 -14.87 0.24
CA LYS B 720 -16.66 -14.83 -1.17
C LYS B 720 -17.83 -13.89 -1.25
N SER B 721 -18.85 -14.12 -0.43
CA SER B 721 -19.98 -13.21 -0.39
C SER B 721 -19.56 -11.79 -0.03
N LEU B 722 -18.52 -11.67 0.79
CA LEU B 722 -17.99 -10.36 1.15
C LEU B 722 -17.27 -9.71 -0.03
N PHE B 723 -16.57 -10.52 -0.83
CA PHE B 723 -15.96 -9.99 -2.05
C PHE B 723 -17.01 -9.55 -3.05
N THR B 724 -18.09 -10.32 -3.21
CA THR B 724 -19.12 -9.93 -4.16
C THR B 724 -19.94 -8.74 -3.64
N ARG B 725 -19.98 -8.55 -2.32
CA ARG B 725 -20.66 -7.39 -1.75
C ARG B 725 -19.82 -6.14 -1.90
N MET B 726 -18.49 -6.26 -1.80
CA MET B 726 -17.64 -5.08 -1.80
C MET B 726 -17.13 -4.69 -3.18
N PHE B 727 -16.74 -5.66 -4.01
CA PHE B 727 -15.99 -5.39 -5.22
C PHE B 727 -16.64 -5.82 -6.52
N CYS B 728 -17.82 -6.42 -6.48
CA CYS B 728 -18.48 -6.87 -7.70
C CYS B 728 -19.73 -6.03 -7.97
N CYS B 729 -20.35 -6.27 -9.12
CA CYS B 729 -21.52 -5.52 -9.54
C CYS B 729 -22.74 -5.89 -8.72
N LYS B 730 -23.69 -4.95 -8.61
CA LYS B 730 -24.91 -5.26 -7.87
C LYS B 730 -25.83 -6.17 -8.67
N SER B 731 -25.79 -6.08 -10.00
CA SER B 731 -26.71 -6.87 -10.80
C SER B 731 -26.11 -8.22 -11.17
N CYS B 732 -24.79 -8.31 -11.25
CA CYS B 732 -24.12 -9.57 -11.57
C CYS B 732 -23.16 -9.91 -10.44
N PRO B 733 -23.40 -10.98 -9.67
CA PRO B 733 -22.51 -11.26 -8.54
C PRO B 733 -21.19 -11.88 -8.94
N ASN B 734 -21.17 -12.66 -10.01
CA ASN B 734 -19.95 -13.35 -10.41
C ASN B 734 -19.10 -12.56 -11.40
N ILE B 735 -19.60 -11.43 -11.90
CA ILE B 735 -18.79 -10.53 -12.70
C ILE B 735 -18.22 -9.45 -11.79
N VAL B 736 -16.91 -9.30 -11.80
CA VAL B 736 -16.25 -8.30 -10.99
C VAL B 736 -16.42 -6.93 -11.64
N LYS B 737 -16.42 -5.88 -10.82
CA LYS B 737 -16.47 -4.52 -11.35
C LYS B 737 -15.19 -4.21 -12.11
N THR B 738 -15.30 -3.31 -13.08
CA THR B 738 -14.13 -2.86 -13.82
C THR B 738 -13.21 -2.10 -12.89
N ASN B 739 -11.91 -2.22 -13.15
CA ASN B 739 -10.90 -1.81 -12.19
C ASN B 739 -10.84 -0.30 -12.08
N ASN B 740 -11.08 0.20 -10.87
CA ASN B 740 -10.85 1.60 -10.53
C ASN B 740 -10.07 1.58 -9.21
N PHE B 741 -8.77 1.80 -9.30
CA PHE B 741 -7.86 1.64 -8.18
C PHE B 741 -7.53 2.96 -7.51
N MET B 742 -8.48 3.89 -7.46
CA MET B 742 -8.18 5.24 -6.98
C MET B 742 -8.39 5.39 -5.48
N SER B 743 -8.78 4.33 -4.77
CA SER B 743 -9.02 4.44 -3.33
C SER B 743 -7.81 4.05 -2.50
N PHE B 744 -6.95 3.17 -3.00
CA PHE B 744 -5.69 2.68 -2.44
C PHE B 744 -5.83 1.92 -1.13
N GLN B 745 -7.04 1.73 -0.60
CA GLN B 745 -7.23 0.83 0.52
C GLN B 745 -8.12 -0.33 0.16
N SER B 746 -9.14 -0.09 -0.66
CA SER B 746 -9.89 -1.21 -1.22
C SER B 746 -9.15 -1.83 -2.40
N TYR B 747 -8.15 -1.14 -2.96
CA TYR B 747 -7.28 -1.76 -3.93
C TYR B 747 -6.41 -2.84 -3.28
N PHE B 748 -5.80 -2.50 -2.14
CA PHE B 748 -4.96 -3.45 -1.43
C PHE B 748 -5.77 -4.60 -0.86
N LEU B 749 -6.96 -4.29 -0.35
CA LEU B 749 -7.83 -5.33 0.18
C LEU B 749 -8.38 -6.22 -0.93
N GLN B 750 -8.70 -5.63 -2.08
CA GLN B 750 -9.18 -6.40 -3.21
C GLN B 750 -8.10 -7.31 -3.76
N LYS B 751 -6.86 -6.84 -3.80
CA LYS B 751 -5.81 -7.71 -4.31
C LYS B 751 -5.28 -8.69 -3.28
N THR B 752 -5.59 -8.51 -1.99
CA THR B 752 -5.20 -9.51 -1.00
C THR B 752 -6.31 -10.48 -0.63
N MET B 753 -7.56 -10.23 -1.00
CA MET B 753 -8.60 -11.15 -0.53
C MET B 753 -8.68 -12.49 -1.26
N PRO B 754 -8.52 -12.61 -2.60
CA PRO B 754 -8.46 -13.95 -3.20
C PRO B 754 -7.21 -14.73 -2.84
N VAL B 755 -6.10 -14.05 -2.49
CA VAL B 755 -4.88 -14.76 -2.11
C VAL B 755 -5.10 -15.51 -0.80
N ALA B 756 -5.85 -14.91 0.13
CA ALA B 756 -6.23 -15.61 1.35
C ALA B 756 -7.38 -16.57 1.10
N MET B 757 -8.28 -16.24 0.18
CA MET B 757 -9.43 -17.09 -0.11
C MET B 757 -9.02 -18.41 -0.77
N ALA B 758 -7.87 -18.43 -1.43
CA ALA B 758 -7.37 -19.65 -2.05
C ALA B 758 -6.78 -20.64 -1.07
N LEU B 759 -6.57 -20.25 0.18
CA LEU B 759 -6.09 -21.16 1.20
C LEU B 759 -7.22 -21.94 1.86
N LEU B 760 -8.44 -21.76 1.37
CA LEU B 760 -9.57 -22.57 1.81
C LEU B 760 -9.38 -24.02 1.36
N ARG B 761 -9.75 -24.96 2.22
CA ARG B 761 -9.65 -26.37 1.91
C ARG B 761 -10.94 -27.07 2.31
N ASP B 762 -11.29 -28.11 1.56
CA ASP B 762 -12.52 -28.87 1.87
C ASP B 762 -12.18 -29.99 2.85
N VAL B 763 -13.15 -30.88 3.09
CA VAL B 763 -12.97 -32.03 4.01
C VAL B 763 -11.97 -33.01 3.40
N HIS B 764 -11.78 -32.94 2.08
CA HIS B 764 -10.85 -33.86 1.37
C HIS B 764 -9.48 -33.22 1.23
N ASN B 765 -9.25 -32.04 1.82
CA ASN B 765 -7.93 -31.37 1.81
C ASN B 765 -7.63 -30.79 0.46
N LEU B 766 -8.63 -30.70 -0.41
CA LEU B 766 -8.44 -30.06 -1.73
C LEU B 766 -9.16 -28.74 -1.74
N CYS B 767 -8.60 -27.75 -2.38
CA CYS B 767 -9.22 -26.44 -2.52
C CYS B 767 -10.56 -26.60 -3.24
N PRO B 768 -11.61 -25.94 -2.77
CA PRO B 768 -12.93 -26.14 -3.37
C PRO B 768 -13.02 -25.59 -4.79
N LYS B 769 -13.90 -26.16 -5.58
CA LYS B 769 -13.97 -25.72 -6.98
C LYS B 769 -14.88 -24.50 -7.06
N GLU B 770 -15.31 -23.99 -5.92
CA GLU B 770 -16.15 -22.78 -5.92
C GLU B 770 -15.25 -21.56 -5.79
N VAL B 771 -14.09 -21.71 -5.15
CA VAL B 771 -13.14 -20.63 -4.94
C VAL B 771 -12.19 -20.55 -6.11
N LEU B 772 -11.78 -21.71 -6.66
CA LEU B 772 -10.94 -21.73 -7.84
C LEU B 772 -11.66 -21.16 -9.05
N THR B 773 -12.94 -21.51 -9.22
CA THR B 773 -13.75 -20.93 -10.29
C THR B 773 -13.95 -19.44 -10.09
N PHE B 774 -14.08 -18.99 -8.84
CA PHE B 774 -14.20 -17.58 -8.53
C PHE B 774 -12.93 -16.82 -8.89
N ILE B 775 -11.77 -17.40 -8.61
CA ILE B 775 -10.50 -16.75 -8.95
C ILE B 775 -10.31 -16.71 -10.45
N LEU B 776 -10.69 -17.78 -11.16
CA LEU B 776 -10.58 -17.78 -12.61
C LEU B 776 -11.55 -16.80 -13.27
N ASP B 777 -12.73 -16.58 -12.67
CA ASP B 777 -13.63 -15.56 -13.18
C ASP B 777 -13.15 -14.16 -12.83
N LEU B 778 -12.40 -14.02 -11.74
CA LEU B 778 -11.74 -12.74 -11.46
C LEU B 778 -10.67 -12.45 -12.49
N ILE B 779 -10.00 -13.49 -12.98
CA ILE B 779 -8.97 -13.32 -13.99
C ILE B 779 -9.59 -12.99 -15.34
N LYS B 780 -10.65 -13.71 -15.75
CA LYS B 780 -11.28 -13.52 -17.08
C LYS B 780 -11.95 -12.17 -17.20
N TYR B 781 -12.73 -11.75 -16.23
CA TYR B 781 -13.50 -10.53 -16.35
C TYR B 781 -12.75 -9.29 -15.91
N ASN B 782 -11.42 -9.31 -15.97
CA ASN B 782 -10.62 -8.18 -15.53
C ASN B 782 -10.49 -7.16 -16.66
N ASP B 783 -10.96 -5.94 -16.41
CA ASP B 783 -10.94 -4.87 -17.40
C ASP B 783 -10.27 -3.65 -16.78
N ASN B 784 -9.15 -3.23 -17.35
CA ASN B 784 -8.34 -2.16 -16.79
C ASN B 784 -8.15 -1.00 -17.77
N ARG B 785 -9.12 -0.78 -18.65
CA ARG B 785 -8.98 0.27 -19.65
C ARG B 785 -9.51 1.61 -19.18
N LYS B 786 -9.78 1.77 -17.88
CA LYS B 786 -10.60 2.87 -17.38
C LYS B 786 -9.98 3.53 -16.16
N ASN B 787 -9.11 2.84 -15.45
CA ASN B 787 -8.43 3.47 -14.33
C ASN B 787 -7.14 4.15 -14.79
N LYS B 788 -6.66 5.08 -13.98
CA LYS B 788 -5.43 5.79 -14.26
C LYS B 788 -4.21 5.09 -13.70
N PHE B 789 -4.36 3.85 -13.23
CA PHE B 789 -3.28 3.11 -12.60
C PHE B 789 -3.09 1.77 -13.29
N SER B 790 -1.91 1.19 -13.12
CA SER B 790 -1.59 -0.05 -13.78
C SER B 790 -2.15 -1.24 -13.01
N ASP B 791 -2.15 -2.39 -13.66
CA ASP B 791 -2.81 -3.58 -13.18
C ASP B 791 -1.83 -4.70 -12.87
N ASN B 792 -0.53 -4.42 -12.85
CA ASN B 792 0.46 -5.48 -12.84
C ASN B 792 0.53 -6.17 -11.49
N TYR B 793 0.35 -5.42 -10.41
CA TYR B 793 0.41 -6.02 -9.08
C TYR B 793 -0.86 -6.79 -8.77
N TYR B 794 -2.02 -6.31 -9.23
CA TYR B 794 -3.26 -7.04 -9.02
C TYR B 794 -3.29 -8.34 -9.80
N ARG B 795 -2.81 -8.32 -11.04
CA ARG B 795 -2.74 -9.55 -11.83
C ARG B 795 -1.68 -10.51 -11.29
N ALA B 796 -0.57 -9.96 -10.78
CA ALA B 796 0.45 -10.80 -10.16
C ALA B 796 -0.07 -11.46 -8.89
N GLU B 797 -0.87 -10.74 -8.10
CA GLU B 797 -1.52 -11.34 -6.95
C GLU B 797 -2.58 -12.35 -7.35
N MET B 798 -3.20 -12.19 -8.53
CA MET B 798 -4.11 -13.22 -9.01
C MET B 798 -3.38 -14.51 -9.34
N ILE B 799 -2.18 -14.40 -9.92
CA ILE B 799 -1.36 -15.59 -10.16
C ILE B 799 -0.92 -16.21 -8.83
N ASP B 800 -0.63 -15.37 -7.83
CA ASP B 800 -0.29 -15.90 -6.50
C ASP B 800 -1.48 -16.62 -5.86
N ALA B 801 -2.68 -16.11 -6.07
CA ALA B 801 -3.88 -16.80 -5.59
C ALA B 801 -4.09 -18.12 -6.32
N LEU B 802 -3.82 -18.15 -7.62
CA LEU B 802 -3.89 -19.42 -8.36
C LEU B 802 -2.85 -20.41 -7.87
N ALA B 803 -1.68 -19.93 -7.45
CA ALA B 803 -0.66 -20.82 -6.93
C ALA B 803 -0.98 -21.32 -5.53
N ASN B 804 -1.74 -20.54 -4.75
CA ASN B 804 -2.09 -20.98 -3.40
C ASN B 804 -3.08 -22.13 -3.39
N SER B 805 -3.86 -22.30 -4.45
CA SER B 805 -4.89 -23.33 -4.47
C SER B 805 -4.36 -24.73 -4.79
N VAL B 806 -3.08 -24.85 -5.13
CA VAL B 806 -2.54 -26.11 -5.60
C VAL B 806 -2.25 -27.02 -4.40
N THR B 807 -2.97 -28.12 -4.32
CA THR B 807 -2.78 -29.20 -3.37
C THR B 807 -1.94 -30.29 -4.00
N PRO B 808 -1.25 -31.11 -3.20
CA PRO B 808 -0.40 -32.16 -3.78
C PRO B 808 -1.19 -33.23 -4.50
N ALA B 809 -0.69 -33.62 -5.67
CA ALA B 809 -1.37 -34.54 -6.56
C ALA B 809 -1.26 -35.97 -6.07
N VAL B 810 -2.21 -36.81 -6.51
CA VAL B 810 -2.26 -38.22 -6.03
C VAL B 810 -1.53 -39.13 -7.02
N SER B 811 -0.20 -39.05 -7.07
CA SER B 811 0.58 -39.93 -7.97
C SER B 811 0.41 -41.39 -7.54
N VAL B 812 0.22 -42.29 -8.50
CA VAL B 812 0.06 -43.74 -8.19
C VAL B 812 1.30 -44.48 -8.70
N ASN B 813 1.97 -45.23 -7.82
CA ASN B 813 3.18 -46.02 -8.22
C ASN B 813 4.21 -45.12 -8.90
N ASN B 814 4.39 -43.90 -8.38
CA ASN B 814 5.38 -42.95 -8.95
C ASN B 814 5.14 -42.79 -10.46
N GLU B 815 3.88 -42.65 -10.86
CA GLU B 815 3.55 -42.55 -12.31
C GLU B 815 4.22 -41.29 -12.87
N VAL B 816 4.82 -41.38 -14.04
CA VAL B 816 5.47 -40.19 -14.67
C VAL B 816 4.38 -39.15 -14.90
N ARG B 817 4.65 -37.89 -14.55
CA ARG B 817 3.66 -36.81 -14.72
C ARG B 817 3.66 -36.39 -16.20
N THR B 818 2.63 -36.82 -16.95
CA THR B 818 2.56 -36.48 -18.38
C THR B 818 1.36 -35.59 -18.57
N LEU B 819 1.07 -35.24 -19.80
CA LEU B 819 -0.03 -34.31 -20.08
C LEU B 819 -1.39 -34.94 -19.94
N ASP B 820 -1.54 -36.23 -20.23
CA ASP B 820 -2.85 -36.86 -20.15
C ASP B 820 -3.30 -37.10 -18.71
N ASN B 821 -2.39 -37.52 -17.84
CA ASN B 821 -2.77 -37.73 -16.44
C ASN B 821 -2.54 -36.48 -15.60
N LEU B 822 -3.02 -35.35 -16.09
CA LEU B 822 -2.99 -34.10 -15.37
C LEU B 822 -4.30 -33.94 -14.62
N ASN B 823 -4.26 -33.20 -13.53
CA ASN B 823 -5.47 -32.92 -12.78
C ASN B 823 -6.38 -32.02 -13.60
N PRO B 824 -7.70 -32.22 -13.56
CA PRO B 824 -8.60 -31.34 -14.31
C PRO B 824 -8.66 -29.93 -13.76
N ASP B 825 -8.28 -29.75 -12.48
CA ASP B 825 -8.17 -28.44 -11.86
C ASP B 825 -6.92 -27.72 -12.31
N VAL B 826 -5.80 -28.44 -12.35
CA VAL B 826 -4.49 -27.88 -12.63
C VAL B 826 -4.31 -27.56 -14.11
N ARG B 827 -5.10 -28.18 -14.98
CA ARG B 827 -5.02 -27.84 -16.40
C ARG B 827 -5.52 -26.42 -16.67
N LEU B 828 -6.53 -25.97 -15.94
CA LEU B 828 -7.01 -24.60 -16.06
C LEU B 828 -5.99 -23.61 -15.52
N ILE B 829 -5.38 -23.93 -14.38
CA ILE B 829 -4.35 -23.09 -13.78
C ILE B 829 -3.14 -22.99 -14.70
N LEU B 830 -2.76 -24.11 -15.31
CA LEU B 830 -1.60 -24.16 -16.18
C LEU B 830 -1.85 -23.42 -17.47
N GLU B 831 -3.08 -23.49 -17.99
CA GLU B 831 -3.46 -22.69 -19.15
C GLU B 831 -3.41 -21.21 -18.84
N GLU B 832 -3.86 -20.81 -17.65
CA GLU B 832 -3.86 -19.40 -17.30
C GLU B 832 -2.44 -18.86 -17.10
N ILE B 833 -1.56 -19.63 -16.45
CA ILE B 833 -0.21 -19.11 -16.25
C ILE B 833 0.59 -19.16 -17.54
N THR B 834 0.26 -20.08 -18.46
CA THR B 834 0.88 -20.08 -19.78
C THR B 834 0.46 -18.86 -20.58
N ARG B 835 -0.83 -18.52 -20.53
CA ARG B 835 -1.35 -17.33 -21.20
C ARG B 835 -0.73 -16.07 -20.63
N PHE B 836 -0.58 -16.01 -19.31
CA PHE B 836 -0.04 -14.81 -18.66
C PHE B 836 1.44 -14.63 -18.95
N LEU B 837 2.22 -15.73 -18.91
CA LEU B 837 3.65 -15.63 -19.18
C LEU B 837 3.93 -15.30 -20.64
N ASN B 838 3.15 -15.90 -21.55
CA ASN B 838 3.33 -15.60 -22.97
C ASN B 838 2.89 -14.18 -23.30
N MET B 839 1.84 -13.68 -22.64
CA MET B 839 1.44 -12.30 -22.90
C MET B 839 2.42 -11.32 -22.26
N GLU B 840 3.12 -11.73 -21.22
CA GLU B 840 4.19 -10.91 -20.67
C GLU B 840 5.37 -10.84 -21.63
N LYS B 841 5.59 -11.91 -22.40
CA LYS B 841 6.65 -11.88 -23.41
C LYS B 841 6.39 -10.86 -24.54
N LEU B 842 5.13 -10.45 -24.75
CA LEU B 842 4.78 -9.48 -25.79
C LEU B 842 4.40 -8.12 -25.24
N LEU B 843 3.66 -8.07 -24.14
CA LEU B 843 3.30 -6.83 -23.45
C LEU B 843 3.79 -6.92 -22.02
N PRO B 844 5.00 -6.43 -21.75
CA PRO B 844 5.58 -6.62 -20.42
C PRO B 844 4.98 -5.71 -19.37
N SER B 845 5.14 -6.13 -18.12
CA SER B 845 4.60 -5.41 -16.97
C SER B 845 5.63 -4.38 -16.49
N TYR B 846 5.42 -3.85 -15.28
CA TYR B 846 6.28 -2.77 -14.80
C TYR B 846 7.66 -3.28 -14.39
N ARG B 847 7.72 -4.35 -13.63
CA ARG B 847 9.02 -4.89 -13.28
C ARG B 847 9.02 -6.37 -13.47
N HIS B 848 8.30 -6.80 -14.51
CA HIS B 848 8.03 -8.20 -14.82
C HIS B 848 7.44 -8.92 -13.62
N THR B 849 6.45 -8.28 -13.00
CA THR B 849 5.83 -8.84 -11.81
C THR B 849 5.04 -10.09 -12.14
N ILE B 850 4.50 -10.16 -13.35
CA ILE B 850 3.78 -11.37 -13.74
C ILE B 850 4.76 -12.47 -14.14
N THR B 851 5.96 -12.12 -14.62
CA THR B 851 6.97 -13.15 -14.84
C THR B 851 7.40 -13.78 -13.53
N VAL B 852 7.60 -12.96 -12.50
CA VAL B 852 8.01 -13.45 -11.19
C VAL B 852 6.91 -14.29 -10.58
N SER B 853 5.65 -13.86 -10.71
CA SER B 853 4.54 -14.62 -10.17
C SER B 853 4.31 -15.92 -10.92
N CYS B 854 4.50 -15.93 -12.24
CA CYS B 854 4.30 -17.15 -13.01
C CYS B 854 5.46 -18.13 -12.81
N LEU B 855 6.69 -17.66 -12.63
CA LEU B 855 7.78 -18.56 -12.31
C LEU B 855 7.60 -19.16 -10.93
N ARG B 856 7.12 -18.35 -9.98
CA ARG B 856 6.81 -18.83 -8.64
C ARG B 856 5.69 -19.86 -8.67
N ALA B 857 4.69 -19.66 -9.54
CA ALA B 857 3.58 -20.61 -9.64
C ALA B 857 3.99 -21.90 -10.35
N ILE B 858 4.89 -21.83 -11.33
CA ILE B 858 5.40 -23.04 -11.96
C ILE B 858 6.23 -23.84 -10.97
N ARG B 859 6.97 -23.15 -10.09
CA ARG B 859 7.69 -23.85 -9.04
C ARG B 859 6.75 -24.45 -8.00
N VAL B 860 5.59 -23.81 -7.76
CA VAL B 860 4.58 -24.39 -6.88
C VAL B 860 4.00 -25.66 -7.50
N LEU B 861 3.70 -25.62 -8.81
CA LEU B 861 3.18 -26.81 -9.49
C LEU B 861 4.21 -27.91 -9.58
N GLN B 862 5.50 -27.57 -9.65
CA GLN B 862 6.54 -28.59 -9.67
C GLN B 862 6.81 -29.17 -8.28
N LYS B 863 6.58 -28.37 -7.24
CA LYS B 863 6.80 -28.85 -5.88
C LYS B 863 5.80 -29.93 -5.50
N ASN B 864 4.58 -29.82 -5.97
CA ASN B 864 3.63 -30.92 -5.95
C ASN B 864 3.83 -31.76 -7.20
N GLY B 865 3.13 -32.87 -7.29
CA GLY B 865 3.40 -33.76 -8.41
C GLY B 865 2.61 -33.47 -9.66
N HIS B 866 2.68 -32.24 -10.18
CA HIS B 866 1.87 -31.86 -11.33
C HIS B 866 2.69 -31.68 -12.60
N VAL B 867 3.70 -30.82 -12.56
CA VAL B 867 4.57 -30.57 -13.70
C VAL B 867 5.83 -31.38 -13.44
N PRO B 868 6.52 -31.90 -14.46
CA PRO B 868 7.79 -32.61 -14.23
C PRO B 868 8.84 -31.73 -13.60
N SER B 869 9.59 -32.32 -12.67
CA SER B 869 10.58 -31.58 -11.88
C SER B 869 11.81 -31.38 -12.74
N ASP B 870 11.80 -30.30 -13.53
CA ASP B 870 12.85 -30.01 -14.50
C ASP B 870 13.28 -28.57 -14.27
N PRO B 871 14.55 -28.30 -14.00
CA PRO B 871 14.99 -26.92 -13.76
C PRO B 871 15.41 -26.14 -14.99
N ALA B 872 15.15 -26.64 -16.20
CA ALA B 872 15.70 -26.02 -17.40
C ALA B 872 15.03 -24.70 -17.73
N LEU B 873 13.75 -24.55 -17.40
CA LEU B 873 13.06 -23.29 -17.62
C LEU B 873 13.62 -22.19 -16.72
N PHE B 874 13.76 -22.50 -15.43
CA PHE B 874 14.33 -21.54 -14.50
C PHE B 874 15.80 -21.30 -14.78
N LYS B 875 16.51 -22.30 -15.30
CA LYS B 875 17.89 -22.08 -15.70
C LYS B 875 18.00 -21.20 -16.93
N SER B 876 16.97 -21.18 -17.78
CA SER B 876 17.00 -20.24 -18.89
C SER B 876 16.57 -18.84 -18.48
N TYR B 877 15.75 -18.72 -17.44
CA TYR B 877 15.38 -17.39 -16.97
C TYR B 877 16.41 -16.77 -16.04
N ALA B 878 17.41 -17.54 -15.59
CA ALA B 878 18.44 -17.05 -14.71
C ALA B 878 19.71 -16.65 -15.46
N GLU B 879 19.62 -16.42 -16.76
CA GLU B 879 20.76 -15.97 -17.53
C GLU B 879 21.02 -14.50 -17.26
N TYR B 880 22.10 -13.97 -17.83
CA TYR B 880 22.55 -12.64 -17.47
C TYR B 880 21.67 -11.55 -18.07
N GLY B 881 21.18 -11.73 -19.28
CA GLY B 881 20.49 -10.63 -19.93
C GLY B 881 19.08 -10.32 -19.45
N HIS B 882 18.56 -11.06 -18.48
CA HIS B 882 17.22 -10.82 -18.01
C HIS B 882 17.20 -9.74 -16.93
N PHE B 883 15.99 -9.27 -16.63
CA PHE B 883 15.80 -8.35 -15.51
C PHE B 883 16.13 -9.04 -14.20
N VAL B 884 16.55 -8.26 -13.21
CA VAL B 884 17.12 -8.85 -12.00
C VAL B 884 16.06 -9.50 -11.12
N ASP B 885 14.79 -9.07 -11.24
CA ASP B 885 13.73 -9.71 -10.47
C ASP B 885 13.41 -11.09 -11.01
N ILE B 886 13.39 -11.22 -12.34
CA ILE B 886 13.24 -12.52 -12.99
C ILE B 886 14.41 -13.42 -12.63
N ARG B 887 15.62 -12.86 -12.57
CA ARG B 887 16.80 -13.63 -12.26
C ARG B 887 16.75 -14.18 -10.84
N ILE B 888 16.33 -13.35 -9.87
CA ILE B 888 16.33 -13.86 -8.50
C ILE B 888 15.14 -14.78 -8.25
N ALA B 889 14.03 -14.62 -8.97
CA ALA B 889 12.94 -15.58 -8.85
C ALA B 889 13.31 -16.93 -9.45
N ALA B 890 14.00 -16.93 -10.59
CA ALA B 890 14.44 -18.16 -11.21
C ALA B 890 15.52 -18.85 -10.38
N LEU B 891 16.41 -18.06 -9.78
CA LEU B 891 17.44 -18.67 -8.94
C LEU B 891 16.86 -19.18 -7.63
N GLU B 892 15.79 -18.55 -7.12
CA GLU B 892 15.10 -19.10 -5.97
C GLU B 892 14.45 -20.44 -6.31
N ALA B 893 13.90 -20.56 -7.52
CA ALA B 893 13.34 -21.83 -7.95
C ALA B 893 14.41 -22.91 -8.12
N VAL B 894 15.60 -22.52 -8.62
CA VAL B 894 16.68 -23.50 -8.77
C VAL B 894 17.24 -23.93 -7.40
N VAL B 895 17.30 -23.01 -6.44
CA VAL B 895 17.74 -23.36 -5.08
C VAL B 895 16.74 -24.31 -4.42
N ASP B 896 15.43 -24.06 -4.62
CA ASP B 896 14.42 -24.96 -4.08
C ASP B 896 14.48 -26.33 -4.76
N TYR B 897 14.75 -26.36 -6.06
CA TYR B 897 14.89 -27.64 -6.77
C TYR B 897 16.08 -28.43 -6.27
N THR B 898 17.24 -27.78 -6.11
CA THR B 898 18.42 -28.51 -5.65
C THR B 898 18.36 -28.84 -4.17
N LYS B 899 17.46 -28.22 -3.41
CA LYS B 899 17.19 -28.75 -2.07
C LYS B 899 16.31 -29.99 -2.14
N VAL B 900 15.25 -29.99 -2.93
CA VAL B 900 14.28 -31.12 -2.94
C VAL B 900 14.82 -32.31 -3.72
N ASP B 901 15.46 -32.09 -4.86
CA ASP B 901 15.91 -33.21 -5.72
C ASP B 901 17.35 -33.60 -5.44
N ARG B 902 18.01 -32.98 -4.46
CA ARG B 902 19.38 -33.35 -4.08
C ARG B 902 20.26 -33.37 -5.33
N SER B 903 20.15 -32.35 -6.19
CA SER B 903 20.90 -32.33 -7.46
C SER B 903 22.31 -31.89 -7.21
N TYR B 904 23.30 -32.66 -7.66
CA TYR B 904 24.69 -32.26 -7.56
C TYR B 904 25.05 -31.23 -8.60
N GLU B 905 24.62 -31.46 -9.84
CA GLU B 905 25.01 -30.57 -10.94
C GLU B 905 24.33 -29.21 -10.83
N GLU B 906 23.15 -29.13 -10.23
CA GLU B 906 22.53 -27.84 -10.00
C GLU B 906 23.22 -27.06 -8.89
N LEU B 907 23.74 -27.76 -7.87
CA LEU B 907 24.52 -27.08 -6.85
C LEU B 907 25.85 -26.60 -7.41
N GLN B 908 26.46 -27.37 -8.30
CA GLN B 908 27.68 -26.90 -8.96
C GLN B 908 27.40 -25.74 -9.90
N TRP B 909 26.22 -25.74 -10.53
CA TRP B 909 25.79 -24.60 -11.34
C TRP B 909 25.64 -23.35 -10.49
N LEU B 910 25.03 -23.48 -9.31
CA LEU B 910 24.84 -22.33 -8.43
C LEU B 910 26.16 -21.81 -7.87
N LEU B 911 27.06 -22.71 -7.52
CA LEU B 911 28.36 -22.28 -6.99
C LEU B 911 29.22 -21.64 -8.06
N ASN B 912 29.13 -22.15 -9.30
CA ASN B 912 29.79 -21.50 -10.42
C ASN B 912 29.21 -20.12 -10.68
N MET B 913 27.89 -19.97 -10.55
CA MET B 913 27.27 -18.66 -10.74
C MET B 913 27.62 -17.70 -9.61
N ILE B 914 27.89 -18.22 -8.41
CA ILE B 914 28.41 -17.38 -7.34
C ILE B 914 29.81 -16.90 -7.69
N GLN B 915 30.63 -17.76 -8.29
CA GLN B 915 32.02 -17.40 -8.54
C GLN B 915 32.13 -16.38 -9.68
N ASN B 916 31.49 -16.62 -10.83
CA ASN B 916 31.62 -15.70 -11.95
C ASN B 916 30.25 -15.31 -12.53
N ASP B 917 29.64 -14.30 -11.93
CA ASP B 917 28.51 -13.59 -12.46
C ASP B 917 28.85 -12.11 -12.55
N PRO B 918 28.36 -11.39 -13.56
CA PRO B 918 28.71 -9.97 -13.67
C PRO B 918 28.11 -9.11 -12.58
N VAL B 919 26.88 -9.36 -12.17
CA VAL B 919 26.19 -8.56 -11.16
C VAL B 919 26.55 -9.11 -9.78
N PRO B 920 27.18 -8.33 -8.90
CA PRO B 920 27.52 -8.84 -7.57
C PRO B 920 26.34 -8.93 -6.63
N TYR B 921 25.28 -8.15 -6.86
CA TYR B 921 24.06 -8.28 -6.08
C TYR B 921 23.41 -9.64 -6.29
N VAL B 922 23.52 -10.18 -7.51
CA VAL B 922 22.97 -11.50 -7.78
C VAL B 922 23.78 -12.58 -7.08
N ARG B 923 25.10 -12.42 -7.03
CA ARG B 923 25.94 -13.37 -6.30
C ARG B 923 25.63 -13.37 -4.81
N HIS B 924 25.46 -12.18 -4.24
CA HIS B 924 25.07 -12.06 -2.83
C HIS B 924 23.70 -12.66 -2.59
N LYS B 925 22.78 -12.50 -3.54
CA LYS B 925 21.44 -13.04 -3.38
C LYS B 925 21.43 -14.57 -3.51
N ILE B 926 22.30 -15.14 -4.35
CA ILE B 926 22.37 -16.59 -4.47
C ILE B 926 22.93 -17.19 -3.19
N LEU B 927 23.97 -16.58 -2.62
CA LEU B 927 24.49 -17.04 -1.33
C LEU B 927 23.45 -16.88 -0.22
N ASN B 928 22.68 -15.80 -0.26
CA ASN B 928 21.62 -15.56 0.72
C ASN B 928 20.52 -16.61 0.63
N MET B 929 20.07 -16.93 -0.59
CA MET B 929 19.00 -17.91 -0.76
C MET B 929 19.49 -19.30 -0.47
N LEU B 930 20.77 -19.58 -0.71
CA LEU B 930 21.30 -20.89 -0.41
C LEU B 930 21.62 -21.04 1.08
N THR B 931 21.68 -19.92 1.80
CA THR B 931 21.73 -19.97 3.26
C THR B 931 20.34 -20.14 3.86
N LYS B 932 19.34 -19.43 3.32
CA LYS B 932 17.99 -19.52 3.87
C LYS B 932 17.35 -20.87 3.61
N ASN B 933 17.53 -21.41 2.41
CA ASN B 933 16.97 -22.70 2.00
C ASN B 933 18.13 -23.63 1.65
N PRO B 934 18.83 -24.17 2.66
CA PRO B 934 20.09 -24.86 2.38
C PRO B 934 19.84 -26.21 1.75
N PRO B 935 20.77 -26.72 0.93
CA PRO B 935 20.56 -28.04 0.31
C PRO B 935 20.62 -29.17 1.31
N PHE B 936 21.27 -28.96 2.44
CA PHE B 936 21.36 -29.89 3.54
C PHE B 936 21.82 -29.09 4.75
N THR B 937 21.49 -29.57 5.93
CA THR B 937 21.97 -28.95 7.14
C THR B 937 23.05 -29.85 7.73
N LYS B 938 23.55 -29.49 8.91
CA LYS B 938 24.59 -30.29 9.54
C LYS B 938 24.04 -31.60 10.08
N ASN B 939 22.74 -31.66 10.37
CA ASN B 939 22.17 -32.88 10.93
C ASN B 939 21.93 -33.93 9.86
N MET B 940 21.67 -33.49 8.63
CA MET B 940 21.28 -34.38 7.55
C MET B 940 22.47 -35.18 7.04
N GLU B 941 22.25 -36.48 6.82
CA GLU B 941 23.07 -37.23 5.89
C GLU B 941 22.53 -37.01 4.49
N SER B 942 23.38 -36.49 3.61
CA SER B 942 23.03 -36.25 2.22
C SER B 942 24.08 -36.86 1.31
N PRO B 943 23.74 -37.15 0.06
CA PRO B 943 24.77 -37.50 -0.92
C PRO B 943 25.71 -36.35 -1.25
N LEU B 944 25.30 -35.11 -1.00
CA LEU B 944 26.12 -33.93 -1.26
C LEU B 944 26.90 -33.50 -0.02
N CYS B 945 27.59 -34.45 0.60
CA CYS B 945 28.42 -34.15 1.78
C CYS B 945 29.81 -34.72 1.49
N ASN B 946 30.41 -34.36 0.35
CA ASN B 946 31.70 -34.92 0.02
C ASN B 946 32.82 -34.15 0.73
N GLU B 947 34.04 -34.65 0.59
CA GLU B 947 35.20 -33.80 0.86
C GLU B 947 35.38 -32.78 -0.25
N ALA B 948 34.87 -33.08 -1.45
CA ALA B 948 34.97 -32.15 -2.57
C ALA B 948 34.16 -30.88 -2.32
N LEU B 949 32.96 -31.02 -1.75
CA LEU B 949 32.15 -29.83 -1.45
C LEU B 949 32.73 -29.03 -0.29
N VAL B 950 33.30 -29.71 0.71
CA VAL B 950 33.96 -29.02 1.81
C VAL B 950 35.17 -28.25 1.30
N ASP B 951 35.93 -28.84 0.38
CA ASP B 951 37.08 -28.16 -0.20
C ASP B 951 36.66 -27.00 -1.09
N GLN B 952 35.55 -27.14 -1.83
CA GLN B 952 35.06 -26.04 -2.64
C GLN B 952 34.59 -24.87 -1.80
N LEU B 953 33.85 -25.14 -0.73
CA LEU B 953 33.36 -24.03 0.08
C LEU B 953 34.46 -23.42 0.94
N TRP B 954 35.46 -24.20 1.34
CA TRP B 954 36.60 -23.61 2.04
C TRP B 954 37.45 -22.77 1.09
N LYS B 955 37.57 -23.18 -0.17
CA LYS B 955 38.25 -22.36 -1.15
C LYS B 955 37.45 -21.12 -1.50
N LEU B 956 36.12 -21.18 -1.38
CA LEU B 956 35.30 -20.01 -1.63
C LEU B 956 35.35 -19.03 -0.48
N MET B 957 35.50 -19.51 0.75
CA MET B 957 35.72 -18.60 1.86
C MET B 957 37.12 -18.00 1.82
N ASN B 958 38.12 -18.84 1.55
CA ASN B 958 39.52 -18.42 1.63
C ASN B 958 39.89 -17.50 0.47
N SER B 959 39.87 -18.03 -0.74
CA SER B 959 40.07 -17.27 -1.96
C SER B 959 38.72 -17.04 -2.62
N GLY B 960 38.73 -16.53 -3.84
CA GLY B 960 37.51 -16.55 -4.63
C GLY B 960 36.49 -15.47 -4.32
N THR B 961 36.20 -15.26 -3.05
CA THR B 961 35.33 -14.18 -2.59
C THR B 961 36.12 -13.06 -1.94
N SER B 962 37.39 -12.91 -2.33
CA SER B 962 38.31 -11.99 -1.68
C SER B 962 38.12 -10.54 -2.09
N HIS B 963 37.19 -10.25 -2.98
CA HIS B 963 37.07 -8.94 -3.59
C HIS B 963 35.79 -8.20 -3.23
N ASP B 964 34.98 -8.72 -2.30
CA ASP B 964 33.67 -8.10 -2.13
C ASP B 964 33.30 -7.73 -0.70
N TRP B 965 33.83 -8.47 0.29
CA TRP B 965 33.54 -8.36 1.73
C TRP B 965 32.12 -8.73 2.12
N ARG B 966 31.25 -8.97 1.15
CA ARG B 966 29.88 -9.38 1.38
C ARG B 966 29.64 -10.77 0.85
N LEU B 967 30.37 -11.14 -0.19
CA LEU B 967 30.39 -12.53 -0.63
C LEU B 967 31.19 -13.39 0.34
N ARG B 968 32.18 -12.81 1.02
CA ARG B 968 32.97 -13.63 1.93
C ARG B 968 32.21 -13.91 3.20
N CYS B 969 31.47 -12.93 3.70
CA CYS B 969 30.61 -13.15 4.86
C CYS B 969 29.43 -14.06 4.50
N GLY B 970 28.95 -13.99 3.26
CA GLY B 970 27.91 -14.91 2.83
C GLY B 970 28.42 -16.33 2.68
N ALA B 971 29.67 -16.50 2.27
CA ALA B 971 30.27 -17.83 2.21
C ALA B 971 30.53 -18.38 3.60
N VAL B 972 30.90 -17.51 4.56
CA VAL B 972 31.04 -17.94 5.95
C VAL B 972 29.69 -18.37 6.52
N ASP B 973 28.63 -17.64 6.19
CA ASP B 973 27.29 -18.02 6.62
C ASP B 973 26.85 -19.34 6.00
N LEU B 974 27.20 -19.57 4.73
CA LEU B 974 26.82 -20.81 4.07
C LEU B 974 27.58 -21.99 4.64
N TYR B 975 28.86 -21.81 4.93
CA TYR B 975 29.65 -22.87 5.57
C TYR B 975 29.18 -23.15 6.98
N PHE B 976 28.70 -22.13 7.69
CA PHE B 976 28.15 -22.34 9.02
C PHE B 976 26.83 -23.08 8.97
N THR B 977 25.97 -22.73 8.00
CA THR B 977 24.68 -23.39 7.86
C THR B 977 24.84 -24.84 7.44
N LEU B 978 25.81 -25.12 6.57
CA LEU B 978 25.96 -26.47 6.04
C LEU B 978 26.79 -27.37 6.94
N PHE B 979 27.87 -26.88 7.54
CA PHE B 979 28.79 -27.75 8.25
C PHE B 979 28.98 -27.40 9.72
N GLY B 980 28.49 -26.25 10.18
CA GLY B 980 28.58 -25.92 11.58
C GLY B 980 29.92 -25.35 11.99
N LEU B 981 30.04 -25.10 13.29
CA LEU B 981 31.21 -24.40 13.83
C LEU B 981 32.42 -25.31 14.03
N SER B 982 32.22 -26.62 14.05
CA SER B 982 33.31 -27.56 14.27
C SER B 982 33.83 -28.07 12.94
N ARG B 983 34.56 -29.18 12.99
CA ARG B 983 35.18 -29.73 11.78
C ARG B 983 34.09 -30.38 10.94
N PRO B 984 34.09 -30.24 9.61
CA PRO B 984 33.05 -30.80 8.84
C PRO B 984 33.11 -32.28 9.20
N SER B 985 31.97 -32.87 9.56
CA SER B 985 31.91 -34.31 9.96
C SER B 985 32.14 -35.22 8.77
N CYS B 986 31.49 -34.95 7.64
CA CYS B 986 31.61 -35.82 6.43
C CYS B 986 33.02 -35.69 5.85
N LEU B 987 34.06 -36.03 6.63
CA LEU B 987 35.44 -35.83 6.13
C LEU B 987 36.36 -36.88 6.77
N PRO B 988 37.47 -37.31 6.14
CA PRO B 988 38.44 -38.18 6.79
C PRO B 988 38.94 -37.56 8.10
N ARG C 207 -16.47 6.41 -37.41
CA ARG C 207 -17.60 6.41 -38.37
C ARG C 207 -18.39 5.11 -38.20
N LEU C 208 -19.69 5.17 -37.92
CA LEU C 208 -20.53 3.95 -37.86
C LEU C 208 -21.62 4.06 -38.93
N LYS C 209 -21.78 3.03 -39.74
CA LYS C 209 -22.80 3.03 -40.82
C LYS C 209 -24.18 3.02 -40.16
N PRO C 210 -25.24 3.64 -40.74
CA PRO C 210 -26.53 3.77 -40.06
C PRO C 210 -27.19 2.42 -39.85
N ARG C 211 -27.94 2.32 -38.75
CA ARG C 211 -28.64 1.09 -38.41
C ARG C 211 -29.74 0.82 -39.42
N SER C 212 -29.62 -0.27 -40.16
CA SER C 212 -30.54 -0.47 -41.26
C SER C 212 -31.86 -1.04 -40.78
N ILE C 213 -32.86 -0.93 -41.63
CA ILE C 213 -34.21 -1.41 -41.34
C ILE C 213 -34.50 -2.57 -42.26
N HIS C 214 -35.33 -3.50 -41.79
CA HIS C 214 -35.76 -4.59 -42.64
C HIS C 214 -36.67 -4.07 -43.74
N GLU C 215 -36.62 -4.72 -44.90
CA GLU C 215 -37.38 -4.27 -46.05
C GLU C 215 -38.87 -4.59 -45.96
N LEU C 216 -39.30 -5.28 -44.91
CA LEU C 216 -40.71 -5.48 -44.64
C LEU C 216 -41.17 -4.53 -43.53
N SER C 217 -42.42 -4.09 -43.63
CA SER C 217 -43.03 -3.32 -42.55
C SER C 217 -43.44 -4.25 -41.41
N VAL C 218 -43.78 -3.67 -40.26
CA VAL C 218 -44.19 -4.50 -39.15
C VAL C 218 -45.62 -5.00 -39.33
N GLU C 219 -46.39 -4.32 -40.16
CA GLU C 219 -47.74 -4.83 -40.51
C GLU C 219 -47.52 -5.99 -41.49
N GLN C 220 -46.55 -5.87 -42.41
CA GLN C 220 -46.22 -6.93 -43.35
C GLN C 220 -45.57 -8.11 -42.65
N GLN C 221 -44.72 -7.84 -41.66
CA GLN C 221 -44.07 -8.92 -40.92
C GLN C 221 -45.06 -9.65 -40.03
N LEU C 222 -45.99 -8.90 -39.42
CA LEU C 222 -47.06 -9.52 -38.66
C LEU C 222 -48.00 -10.31 -39.56
N TYR C 223 -48.25 -9.81 -40.77
CA TYR C 223 -49.06 -10.54 -41.75
C TYR C 223 -48.40 -11.84 -42.14
N TYR C 224 -47.08 -11.81 -42.36
CA TYR C 224 -46.33 -13.02 -42.69
C TYR C 224 -46.40 -14.03 -41.55
N LYS C 225 -46.28 -13.55 -40.31
CA LYS C 225 -46.34 -14.45 -39.16
C LYS C 225 -47.73 -15.07 -39.01
N GLU C 226 -48.79 -14.28 -39.20
CA GLU C 226 -50.14 -14.81 -39.10
C GLU C 226 -50.45 -15.79 -40.22
N ILE C 227 -50.01 -15.49 -41.45
CA ILE C 227 -50.29 -16.37 -42.58
C ILE C 227 -49.52 -17.68 -42.46
N THR C 228 -48.28 -17.62 -41.99
CA THR C 228 -47.52 -18.86 -41.82
C THR C 228 -48.02 -19.67 -40.64
N GLU C 229 -48.47 -19.03 -39.56
CA GLU C 229 -49.02 -19.78 -38.44
C GLU C 229 -50.43 -20.28 -38.71
N ALA C 230 -51.12 -19.70 -39.70
CA ALA C 230 -52.39 -20.24 -40.13
C ALA C 230 -52.23 -21.35 -41.16
N CYS C 231 -51.17 -21.31 -41.96
CA CYS C 231 -50.94 -22.27 -43.03
C CYS C 231 -50.33 -23.57 -42.54
N VAL C 232 -50.04 -23.70 -41.24
CA VAL C 232 -49.56 -24.96 -40.68
C VAL C 232 -50.77 -25.74 -40.17
N GLY C 233 -51.97 -25.23 -40.47
CA GLY C 233 -53.20 -26.00 -40.41
C GLY C 233 -53.65 -26.48 -39.04
N SER C 234 -53.64 -25.60 -38.05
CA SER C 234 -54.23 -25.95 -36.76
C SER C 234 -55.75 -25.93 -36.85
N CYS C 235 -56.30 -24.97 -37.58
CA CYS C 235 -57.73 -24.87 -37.84
C CYS C 235 -57.95 -24.77 -39.34
N GLU C 236 -59.00 -25.41 -39.83
CA GLU C 236 -59.17 -25.55 -41.27
C GLU C 236 -59.68 -24.27 -41.93
N ALA C 237 -60.55 -23.52 -41.26
CA ALA C 237 -61.05 -22.27 -41.84
C ALA C 237 -59.94 -21.22 -41.90
N LYS C 238 -59.08 -21.20 -40.88
CA LYS C 238 -57.89 -20.36 -40.88
C LYS C 238 -56.97 -20.71 -42.04
N ARG C 239 -56.73 -22.00 -42.24
CA ARG C 239 -55.92 -22.39 -43.40
C ARG C 239 -56.60 -21.85 -44.64
N ALA C 240 -57.84 -22.23 -44.89
CA ALA C 240 -58.47 -21.89 -46.17
C ALA C 240 -58.43 -20.39 -46.44
N GLU C 241 -58.62 -19.55 -45.42
CA GLU C 241 -58.54 -18.10 -45.74
C GLU C 241 -57.08 -17.80 -46.04
N ALA C 242 -56.17 -18.27 -45.20
CA ALA C 242 -54.78 -17.94 -45.48
C ALA C 242 -54.35 -18.38 -46.87
N LEU C 243 -54.89 -19.51 -47.34
CA LEU C 243 -54.57 -19.97 -48.69
C LEU C 243 -55.18 -19.07 -49.75
N GLN C 244 -56.42 -18.59 -49.53
CA GLN C 244 -56.99 -17.62 -50.46
C GLN C 244 -56.26 -16.29 -50.40
N SER C 245 -55.79 -15.90 -49.21
CA SER C 245 -55.00 -14.68 -49.07
C SER C 245 -53.69 -14.77 -49.82
N ILE C 246 -53.03 -15.92 -49.77
CA ILE C 246 -51.84 -16.15 -50.60
C ILE C 246 -52.22 -16.15 -52.08
N ALA C 247 -53.38 -16.71 -52.41
CA ALA C 247 -53.79 -16.84 -53.80
C ALA C 247 -54.18 -15.51 -54.43
N THR C 248 -54.52 -14.47 -53.65
CA THR C 248 -54.89 -13.23 -54.34
C THR C 248 -54.38 -11.94 -53.69
N ASP C 249 -53.37 -11.98 -52.83
CA ASP C 249 -52.78 -10.73 -52.33
C ASP C 249 -51.93 -10.10 -53.43
N PRO C 250 -52.21 -8.87 -53.87
CA PRO C 250 -51.36 -8.26 -54.89
C PRO C 250 -50.00 -7.83 -54.35
N GLY C 251 -49.90 -7.48 -53.07
CA GLY C 251 -48.64 -7.03 -52.53
C GLY C 251 -47.82 -8.13 -51.91
N LEU C 252 -48.01 -9.37 -52.36
CA LEU C 252 -47.30 -10.49 -51.77
C LEU C 252 -45.92 -10.68 -52.40
N TYR C 253 -45.59 -9.94 -53.46
CA TYR C 253 -44.20 -9.79 -53.82
C TYR C 253 -43.48 -8.98 -52.75
N GLN C 254 -42.15 -9.12 -52.74
CA GLN C 254 -41.19 -8.51 -51.81
C GLN C 254 -41.30 -9.15 -50.41
N MET C 255 -42.23 -10.08 -50.24
CA MET C 255 -42.29 -11.03 -49.15
C MET C 255 -42.05 -12.45 -49.63
N LEU C 256 -42.00 -12.66 -50.94
CA LEU C 256 -41.89 -13.98 -51.52
C LEU C 256 -40.57 -14.73 -51.26
N PRO C 257 -39.39 -14.09 -51.10
CA PRO C 257 -38.22 -14.87 -50.64
C PRO C 257 -38.42 -15.56 -49.31
N ARG C 258 -39.11 -14.90 -48.39
CA ARG C 258 -39.29 -15.44 -47.03
C ARG C 258 -40.32 -16.55 -47.06
N PHE C 259 -41.28 -16.54 -47.97
CA PHE C 259 -42.24 -17.63 -48.14
C PHE C 259 -41.60 -18.83 -48.81
N SER C 260 -40.79 -18.59 -49.85
CA SER C 260 -40.09 -19.69 -50.53
C SER C 260 -39.09 -20.37 -49.60
N THR C 261 -38.40 -19.58 -48.79
CA THR C 261 -37.44 -20.14 -47.86
C THR C 261 -38.14 -20.92 -46.76
N PHE C 262 -39.32 -20.45 -46.33
CA PHE C 262 -40.09 -21.15 -45.31
C PHE C 262 -40.64 -22.48 -45.83
N ILE C 263 -41.07 -22.50 -47.09
CA ILE C 263 -41.50 -23.75 -47.70
C ILE C 263 -40.33 -24.73 -47.81
N SER C 264 -39.30 -24.33 -48.56
CA SER C 264 -38.12 -25.19 -48.82
C SER C 264 -37.55 -25.69 -47.52
N GLU C 265 -37.24 -24.80 -46.61
CA GLU C 265 -36.58 -25.25 -45.37
C GLU C 265 -37.54 -26.19 -44.66
N GLY C 266 -38.84 -25.88 -44.70
CA GLY C 266 -39.78 -26.73 -43.95
C GLY C 266 -39.81 -28.15 -44.46
N VAL C 267 -39.94 -28.34 -45.77
CA VAL C 267 -40.08 -29.74 -46.24
C VAL C 267 -38.83 -30.51 -45.86
N ARG C 268 -37.65 -29.92 -45.99
CA ARG C 268 -36.40 -30.69 -45.73
C ARG C 268 -36.25 -31.10 -44.27
N VAL C 269 -36.68 -30.27 -43.31
CA VAL C 269 -36.64 -30.68 -41.88
C VAL C 269 -37.98 -31.30 -41.52
N ASN C 270 -38.90 -31.38 -42.48
CA ASN C 270 -40.19 -32.07 -42.21
C ASN C 270 -40.21 -33.44 -42.88
N VAL C 271 -39.13 -33.86 -43.52
CA VAL C 271 -39.10 -35.25 -44.03
C VAL C 271 -38.11 -36.01 -43.17
N VAL C 272 -37.46 -35.30 -42.24
CA VAL C 272 -36.57 -36.00 -41.25
C VAL C 272 -37.51 -36.87 -40.44
N GLN C 273 -38.68 -36.38 -40.05
CA GLN C 273 -39.72 -37.25 -39.45
C GLN C 273 -40.86 -37.07 -40.46
N ASN C 274 -41.42 -38.13 -41.01
CA ASN C 274 -42.35 -37.97 -42.17
C ASN C 274 -43.70 -37.42 -41.71
N ASN C 275 -43.78 -36.10 -41.45
CA ASN C 275 -45.02 -35.53 -40.87
C ASN C 275 -45.96 -35.17 -42.01
N LEU C 276 -46.91 -36.06 -42.32
CA LEU C 276 -47.74 -35.87 -43.54
C LEU C 276 -48.55 -34.56 -43.54
N ALA C 277 -49.17 -34.15 -42.44
CA ALA C 277 -49.96 -32.92 -42.55
C ALA C 277 -49.01 -31.77 -42.85
N LEU C 278 -47.90 -31.73 -42.13
CA LEU C 278 -47.00 -30.57 -42.30
C LEU C 278 -46.72 -30.47 -43.80
N LEU C 279 -46.64 -31.60 -44.48
CA LEU C 279 -46.29 -31.62 -45.89
C LEU C 279 -47.49 -31.32 -46.77
N ILE C 280 -48.67 -31.77 -46.38
CA ILE C 280 -49.85 -31.56 -47.20
C ILE C 280 -50.23 -30.08 -47.16
N TYR C 281 -49.98 -29.44 -46.01
CA TYR C 281 -50.22 -28.01 -45.85
C TYR C 281 -49.22 -27.19 -46.65
N LEU C 282 -47.96 -27.63 -46.68
CA LEU C 282 -46.95 -26.91 -47.46
C LEU C 282 -47.19 -27.05 -48.95
N MET C 283 -47.65 -28.22 -49.41
CA MET C 283 -47.97 -28.38 -50.82
C MET C 283 -49.18 -27.55 -51.22
N ARG C 284 -50.16 -27.43 -50.33
CA ARG C 284 -51.27 -26.51 -50.60
C ARG C 284 -50.82 -25.06 -50.60
N MET C 285 -49.81 -24.72 -49.78
CA MET C 285 -49.23 -23.38 -49.82
C MET C 285 -48.52 -23.11 -51.13
N VAL C 286 -47.84 -24.14 -51.68
CA VAL C 286 -47.19 -24.01 -52.99
C VAL C 286 -48.23 -23.79 -54.08
N LYS C 287 -49.32 -24.56 -54.04
CA LYS C 287 -50.39 -24.41 -55.02
C LYS C 287 -51.06 -23.04 -54.90
N ALA C 288 -51.19 -22.53 -53.68
CA ALA C 288 -51.75 -21.19 -53.49
C ALA C 288 -50.76 -20.11 -53.91
N LEU C 289 -49.46 -20.40 -53.87
CA LEU C 289 -48.48 -19.45 -54.37
C LEU C 289 -48.48 -19.39 -55.88
N MET C 290 -48.82 -20.49 -56.54
CA MET C 290 -48.64 -20.56 -57.99
C MET C 290 -49.74 -19.82 -58.74
N ASP C 291 -50.99 -19.98 -58.32
CA ASP C 291 -52.11 -19.39 -59.05
C ASP C 291 -52.31 -17.90 -58.77
N ASN C 292 -51.51 -17.30 -57.92
CA ASN C 292 -51.51 -15.85 -57.76
C ASN C 292 -50.98 -15.20 -59.03
N PRO C 293 -51.75 -14.32 -59.69
CA PRO C 293 -51.30 -13.78 -60.97
C PRO C 293 -50.31 -12.63 -60.86
N THR C 294 -50.22 -11.97 -59.71
CA THR C 294 -49.42 -10.75 -59.63
C THR C 294 -47.93 -11.05 -59.49
N LEU C 295 -47.58 -12.02 -58.66
CA LEU C 295 -46.19 -12.25 -58.30
C LEU C 295 -45.42 -13.00 -59.38
N TYR C 296 -44.11 -12.74 -59.42
CA TYR C 296 -43.18 -13.30 -60.39
C TYR C 296 -42.47 -14.48 -59.75
N LEU C 297 -42.78 -15.69 -60.20
CA LEU C 297 -42.35 -16.89 -59.48
C LEU C 297 -41.09 -17.55 -59.97
N GLU C 298 -40.72 -17.42 -61.25
CA GLU C 298 -39.62 -18.23 -61.75
C GLU C 298 -38.24 -17.75 -61.29
N LYS C 299 -38.15 -16.72 -60.46
CA LYS C 299 -36.92 -16.47 -59.73
C LYS C 299 -36.79 -17.40 -58.52
N TYR C 300 -37.89 -17.98 -58.06
CA TYR C 300 -37.91 -18.78 -56.84
C TYR C 300 -38.22 -20.24 -57.10
N VAL C 301 -38.33 -20.65 -58.37
CA VAL C 301 -38.77 -21.99 -58.67
C VAL C 301 -37.64 -22.99 -58.45
N HIS C 302 -36.39 -22.50 -58.39
CA HIS C 302 -35.24 -23.34 -58.07
C HIS C 302 -35.25 -23.82 -56.64
N GLU C 303 -36.00 -23.18 -55.76
CA GLU C 303 -36.27 -23.70 -54.43
C GLU C 303 -37.58 -24.48 -54.37
N LEU C 304 -38.53 -24.14 -55.25
CA LEU C 304 -39.85 -24.77 -55.19
C LEU C 304 -39.83 -26.19 -55.73
N ILE C 305 -39.14 -26.42 -56.83
CA ILE C 305 -39.17 -27.72 -57.51
C ILE C 305 -38.50 -28.85 -56.72
N PRO C 306 -37.29 -28.73 -56.12
CA PRO C 306 -36.79 -29.85 -55.32
C PRO C 306 -37.61 -30.16 -54.08
N ALA C 307 -38.40 -29.20 -53.58
CA ALA C 307 -39.31 -29.49 -52.49
C ALA C 307 -40.44 -30.43 -52.94
N VAL C 308 -41.03 -30.17 -54.10
CA VAL C 308 -42.11 -31.04 -54.57
C VAL C 308 -41.54 -32.39 -55.02
N MET C 309 -40.36 -32.40 -55.63
CA MET C 309 -39.85 -33.71 -56.03
C MET C 309 -39.69 -34.56 -54.78
N THR C 310 -39.23 -33.95 -53.68
CA THR C 310 -39.03 -34.71 -52.42
C THR C 310 -40.36 -35.24 -51.88
N CYS C 311 -41.45 -34.47 -51.98
CA CYS C 311 -42.75 -35.01 -51.54
C CYS C 311 -43.11 -36.26 -52.36
N ILE C 312 -42.83 -36.26 -53.67
CA ILE C 312 -43.24 -37.38 -54.56
C ILE C 312 -42.27 -38.55 -54.47
N VAL C 313 -40.96 -38.32 -54.49
CA VAL C 313 -40.00 -39.45 -54.60
C VAL C 313 -39.44 -39.87 -53.24
N SER C 314 -40.07 -39.48 -52.14
CA SER C 314 -39.42 -39.87 -50.87
C SER C 314 -40.09 -41.02 -50.11
N ARG C 315 -39.34 -41.68 -49.21
CA ARG C 315 -39.88 -42.75 -48.34
C ARG C 315 -40.65 -42.11 -47.18
N GLN C 316 -41.57 -42.86 -46.60
CA GLN C 316 -42.39 -42.29 -45.52
C GLN C 316 -41.90 -42.84 -44.17
N LEU C 317 -41.31 -41.98 -43.33
CA LEU C 317 -40.74 -42.38 -42.01
C LEU C 317 -41.85 -42.75 -41.00
N CYS C 318 -43.07 -42.23 -41.19
CA CYS C 318 -44.20 -42.53 -40.28
C CYS C 318 -44.88 -43.85 -40.66
N LEU C 319 -46.02 -44.18 -40.05
CA LEU C 319 -46.65 -45.52 -40.26
C LEU C 319 -46.80 -45.75 -41.77
N ARG C 320 -46.32 -46.90 -42.26
CA ARG C 320 -46.35 -47.17 -43.72
C ARG C 320 -47.79 -47.27 -44.26
N PRO C 321 -48.75 -48.03 -43.69
CA PRO C 321 -50.07 -48.15 -44.29
C PRO C 321 -51.02 -47.08 -43.76
N ASP C 322 -52.33 -47.22 -44.01
CA ASP C 322 -53.35 -46.28 -43.46
C ASP C 322 -53.25 -44.91 -44.14
N VAL C 323 -52.19 -44.14 -43.86
CA VAL C 323 -52.14 -42.75 -44.43
C VAL C 323 -51.48 -42.83 -45.79
N ASP C 324 -51.15 -44.05 -46.24
CA ASP C 324 -50.60 -44.22 -47.60
C ASP C 324 -51.70 -43.72 -48.54
N ASN C 325 -52.95 -43.78 -48.10
CA ASN C 325 -54.06 -43.24 -48.91
C ASN C 325 -53.78 -41.76 -49.07
N HIS C 326 -53.46 -41.08 -47.97
CA HIS C 326 -53.06 -39.66 -48.10
C HIS C 326 -51.72 -39.59 -48.82
N TRP C 327 -50.85 -40.56 -48.58
CA TRP C 327 -49.50 -40.50 -49.18
C TRP C 327 -49.70 -40.47 -50.69
N ALA C 328 -50.65 -41.23 -51.20
CA ALA C 328 -50.91 -41.21 -52.65
C ALA C 328 -51.35 -39.81 -53.00
N LEU C 329 -52.21 -39.21 -52.19
CA LEU C 329 -52.60 -37.79 -52.47
C LEU C 329 -51.40 -36.84 -52.26
N ARG C 330 -50.53 -37.10 -51.27
CA ARG C 330 -49.34 -36.24 -51.14
C ARG C 330 -48.60 -36.36 -52.46
N ASP C 331 -48.52 -37.56 -53.03
CA ASP C 331 -47.90 -37.75 -54.37
C ASP C 331 -48.85 -37.28 -55.46
N PHE C 332 -50.16 -37.22 -55.20
CA PHE C 332 -51.13 -36.70 -56.20
C PHE C 332 -51.03 -35.17 -56.24
N ALA C 333 -51.00 -34.51 -55.07
CA ALA C 333 -50.87 -33.05 -55.05
C ALA C 333 -49.50 -32.62 -55.57
N ALA C 334 -48.47 -33.40 -55.26
CA ALA C 334 -47.12 -33.07 -55.71
C ALA C 334 -46.98 -33.28 -57.22
N ARG C 335 -47.58 -34.32 -57.78
CA ARG C 335 -47.48 -34.53 -59.22
C ARG C 335 -48.34 -33.53 -59.99
N LEU C 336 -49.45 -33.06 -59.40
CA LEU C 336 -50.25 -31.99 -59.99
C LEU C 336 -49.44 -30.70 -60.08
N VAL C 337 -48.85 -30.29 -58.95
CA VAL C 337 -48.09 -29.04 -58.98
C VAL C 337 -46.80 -29.20 -59.79
N ALA C 338 -46.28 -30.43 -59.91
CA ALA C 338 -45.08 -30.65 -60.71
C ALA C 338 -45.37 -30.48 -62.20
N GLN C 339 -46.46 -31.05 -62.69
CA GLN C 339 -46.76 -30.84 -64.11
C GLN C 339 -47.30 -29.44 -64.36
N ILE C 340 -47.81 -28.75 -63.33
CA ILE C 340 -48.21 -27.33 -63.53
C ILE C 340 -46.94 -26.49 -63.62
N CYS C 341 -45.89 -26.84 -62.85
CA CYS C 341 -44.62 -26.13 -62.96
C CYS C 341 -43.90 -26.44 -64.27
N LYS C 342 -44.07 -27.62 -64.83
CA LYS C 342 -43.48 -27.82 -66.16
C LYS C 342 -44.33 -27.17 -67.24
N HIS C 343 -45.61 -26.88 -66.97
CA HIS C 343 -46.43 -26.17 -67.94
C HIS C 343 -46.02 -24.70 -68.03
N PHE C 344 -45.87 -24.05 -66.89
CA PHE C 344 -45.35 -22.70 -66.85
C PHE C 344 -43.82 -22.73 -66.86
N SER C 345 -43.21 -21.55 -66.81
CA SER C 345 -41.78 -21.34 -66.56
C SER C 345 -40.87 -22.03 -67.59
N THR C 346 -41.38 -22.29 -68.78
CA THR C 346 -40.73 -23.20 -69.72
C THR C 346 -39.81 -22.44 -70.67
N THR C 347 -38.55 -22.87 -70.73
CA THR C 347 -37.59 -22.35 -71.69
C THR C 347 -36.98 -23.59 -72.34
N THR C 348 -35.90 -23.48 -73.13
CA THR C 348 -35.43 -24.63 -73.88
C THR C 348 -34.64 -25.56 -72.96
N ASN C 349 -35.12 -26.79 -72.82
CA ASN C 349 -34.34 -27.95 -72.32
C ASN C 349 -33.78 -27.74 -70.91
N ASN C 350 -34.50 -27.02 -70.05
CA ASN C 350 -34.01 -26.80 -68.70
C ASN C 350 -34.86 -27.48 -67.64
N ILE C 351 -36.18 -27.27 -67.64
CA ILE C 351 -37.00 -27.64 -66.48
C ILE C 351 -37.72 -28.97 -66.72
N GLN C 352 -38.50 -29.04 -67.80
CA GLN C 352 -39.32 -30.22 -68.05
C GLN C 352 -38.47 -31.46 -68.36
N SER C 353 -37.43 -31.27 -69.17
CA SER C 353 -36.57 -32.39 -69.54
C SER C 353 -35.72 -32.87 -68.36
N ARG C 354 -35.42 -31.95 -67.43
CA ARG C 354 -34.59 -32.27 -66.25
C ARG C 354 -35.38 -33.12 -65.27
N ILE C 355 -36.65 -32.79 -65.03
CA ILE C 355 -37.49 -33.58 -64.14
C ILE C 355 -37.94 -34.87 -64.83
N THR C 356 -38.02 -34.85 -66.17
CA THR C 356 -38.34 -36.08 -66.91
C THR C 356 -37.18 -37.06 -66.81
N LYS C 357 -35.94 -36.56 -66.90
CA LYS C 357 -34.77 -37.42 -66.81
C LYS C 357 -34.62 -38.01 -65.41
N THR C 358 -34.90 -37.20 -64.37
CA THR C 358 -34.84 -37.72 -63.01
C THR C 358 -35.94 -38.74 -62.73
N PHE C 359 -37.13 -38.53 -63.30
CA PHE C 359 -38.21 -39.50 -63.15
C PHE C 359 -37.88 -40.82 -63.87
N THR C 360 -37.31 -40.74 -65.07
CA THR C 360 -36.95 -41.97 -65.78
C THR C 360 -35.80 -42.71 -65.11
N LYS C 361 -34.80 -42.01 -64.56
CA LYS C 361 -33.76 -42.79 -63.90
C LYS C 361 -34.20 -43.23 -62.50
N SER C 362 -35.26 -42.62 -61.96
CA SER C 362 -35.94 -43.21 -60.81
C SER C 362 -36.64 -44.50 -61.18
N TRP C 363 -37.20 -44.55 -62.40
CA TRP C 363 -37.93 -45.74 -62.82
C TRP C 363 -37.00 -46.91 -63.17
N VAL C 364 -35.98 -46.66 -63.98
CA VAL C 364 -35.12 -47.73 -64.49
C VAL C 364 -34.12 -48.23 -63.46
N ASP C 365 -34.09 -47.55 -62.30
CA ASP C 365 -33.21 -47.94 -61.19
C ASP C 365 -33.69 -49.29 -60.64
N GLU C 366 -32.77 -50.24 -60.49
CA GLU C 366 -33.08 -51.57 -60.01
C GLU C 366 -33.29 -51.55 -58.51
N LYS C 367 -34.37 -52.21 -58.07
CA LYS C 367 -34.60 -52.60 -56.69
C LYS C 367 -34.76 -51.35 -55.80
N THR C 368 -35.78 -50.58 -56.17
CA THR C 368 -36.09 -49.26 -55.64
C THR C 368 -36.81 -49.43 -54.30
N PRO C 369 -36.89 -48.39 -53.48
CA PRO C 369 -37.97 -48.35 -52.49
C PRO C 369 -39.30 -48.21 -53.21
N TRP C 370 -40.29 -48.98 -52.75
CA TRP C 370 -41.56 -49.03 -53.47
C TRP C 370 -42.41 -47.78 -53.25
N THR C 371 -42.16 -47.04 -52.17
CA THR C 371 -42.77 -45.73 -51.99
C THR C 371 -42.24 -44.75 -53.03
N THR C 372 -40.91 -44.70 -53.17
CA THR C 372 -40.24 -43.92 -54.21
C THR C 372 -40.69 -44.35 -55.59
N ARG C 373 -40.86 -45.66 -55.78
CA ARG C 373 -41.32 -46.22 -57.05
C ARG C 373 -42.71 -45.74 -57.40
N TYR C 374 -43.63 -45.82 -56.43
CA TYR C 374 -45.02 -45.39 -56.64
C TYR C 374 -45.10 -43.89 -56.91
N GLY C 375 -44.34 -43.09 -56.16
CA GLY C 375 -44.34 -41.65 -56.37
C GLY C 375 -43.78 -41.25 -57.72
N SER C 376 -42.67 -41.88 -58.14
CA SER C 376 -42.10 -41.57 -59.44
C SER C 376 -43.01 -42.02 -60.57
N ILE C 377 -43.69 -43.16 -60.40
CA ILE C 377 -44.68 -43.65 -61.37
C ILE C 377 -45.79 -42.64 -61.57
N ALA C 378 -46.33 -42.12 -60.45
CA ALA C 378 -47.37 -41.08 -60.53
C ALA C 378 -46.86 -39.82 -61.22
N GLY C 379 -45.62 -39.43 -60.89
CA GLY C 379 -45.04 -38.23 -61.43
C GLY C 379 -44.87 -38.28 -62.94
N LEU C 380 -44.39 -39.44 -63.44
CA LEU C 380 -44.24 -39.64 -64.91
C LEU C 380 -45.61 -39.85 -65.55
N ALA C 381 -46.62 -40.25 -64.76
CA ALA C 381 -47.94 -40.53 -65.32
C ALA C 381 -48.70 -39.26 -65.63
N GLU C 382 -48.56 -38.22 -64.80
CA GLU C 382 -49.38 -37.01 -64.97
C GLU C 382 -48.70 -36.00 -65.91
N LEU C 383 -47.87 -36.44 -66.85
CA LEU C 383 -47.15 -35.44 -67.64
C LEU C 383 -47.85 -35.07 -68.95
N GLY C 384 -48.97 -35.71 -69.27
CA GLY C 384 -49.75 -35.25 -70.40
C GLY C 384 -50.08 -36.37 -71.36
N HIS C 385 -50.40 -35.97 -72.61
CA HIS C 385 -50.90 -36.91 -73.60
C HIS C 385 -49.77 -37.75 -74.18
N ASP C 386 -48.80 -37.10 -74.85
CA ASP C 386 -47.69 -37.77 -75.52
C ASP C 386 -46.67 -38.43 -74.62
N VAL C 387 -46.55 -38.01 -73.36
CA VAL C 387 -45.45 -38.51 -72.54
C VAL C 387 -45.68 -39.97 -72.18
N ILE C 388 -46.92 -40.31 -71.86
CA ILE C 388 -47.26 -41.72 -71.65
C ILE C 388 -47.37 -42.45 -72.97
N LYS C 389 -47.59 -41.73 -74.07
CA LYS C 389 -47.61 -42.34 -75.39
C LYS C 389 -46.21 -42.79 -75.83
N THR C 390 -45.17 -42.10 -75.36
CA THR C 390 -43.82 -42.43 -75.78
C THR C 390 -42.95 -43.09 -74.72
N LEU C 391 -43.35 -43.04 -73.44
CA LEU C 391 -42.44 -43.53 -72.37
C LEU C 391 -42.94 -44.81 -71.71
N ILE C 392 -44.23 -44.90 -71.40
CA ILE C 392 -44.70 -46.07 -70.65
C ILE C 392 -44.77 -47.31 -71.56
N LEU C 393 -44.58 -47.14 -72.87
CA LEU C 393 -44.73 -48.26 -73.81
C LEU C 393 -43.74 -49.41 -73.64
N PRO C 394 -42.41 -49.22 -73.69
CA PRO C 394 -41.54 -50.40 -73.69
C PRO C 394 -41.28 -51.02 -72.33
N ARG C 395 -42.12 -50.75 -71.27
CA ARG C 395 -41.78 -51.15 -69.84
C ARG C 395 -42.82 -52.05 -69.13
N LEU C 396 -43.85 -52.50 -69.85
CA LEU C 396 -44.94 -53.29 -69.20
C LEU C 396 -44.39 -54.58 -68.58
N GLN C 397 -43.44 -55.24 -69.26
CA GLN C 397 -42.90 -56.53 -68.75
C GLN C 397 -42.23 -56.34 -67.39
N GLN C 398 -41.43 -55.28 -67.23
CA GLN C 398 -40.78 -55.00 -65.93
C GLN C 398 -41.87 -54.76 -64.89
N GLU C 399 -42.91 -53.99 -65.26
CA GLU C 399 -43.93 -53.72 -64.21
C GLU C 399 -44.54 -55.05 -63.77
N GLY C 400 -44.85 -55.93 -64.73
CA GLY C 400 -45.49 -57.22 -64.39
C GLY C 400 -44.59 -58.08 -63.53
N GLU C 401 -43.29 -58.11 -63.83
CA GLU C 401 -42.32 -58.92 -63.05
C GLU C 401 -42.26 -58.42 -61.60
N ARG C 402 -42.25 -57.10 -61.42
CA ARG C 402 -42.22 -56.53 -60.05
C ARG C 402 -43.49 -56.99 -59.30
N ILE C 403 -44.64 -56.91 -59.98
CA ILE C 403 -45.92 -57.32 -59.31
C ILE C 403 -45.81 -58.80 -58.93
N ARG C 404 -45.27 -59.64 -59.82
CA ARG C 404 -45.17 -61.09 -59.56
C ARG C 404 -44.27 -61.36 -58.33
N SER C 405 -43.14 -60.65 -58.23
CA SER C 405 -42.25 -60.82 -57.05
C SER C 405 -43.00 -60.43 -55.76
N VAL C 406 -43.71 -59.30 -55.78
CA VAL C 406 -44.37 -58.94 -54.48
C VAL C 406 -45.34 -60.08 -54.16
N LEU C 407 -46.07 -60.58 -55.18
CA LEU C 407 -47.09 -61.64 -54.97
C LEU C 407 -46.45 -62.90 -54.39
N ASP C 408 -45.34 -63.37 -54.97
CA ASP C 408 -44.74 -64.66 -54.55
C ASP C 408 -44.20 -64.58 -53.11
N GLY C 409 -43.34 -63.61 -52.82
CA GLY C 409 -42.74 -63.57 -51.47
C GLY C 409 -43.82 -63.38 -50.43
N PRO C 410 -43.87 -64.22 -49.36
CA PRO C 410 -44.96 -64.19 -48.39
C PRO C 410 -44.99 -62.85 -47.65
N VAL C 411 -43.81 -62.28 -47.36
CA VAL C 411 -43.70 -61.00 -46.59
C VAL C 411 -44.91 -60.09 -46.81
N LEU C 412 -45.77 -59.96 -45.80
CA LEU C 412 -46.99 -59.11 -45.93
C LEU C 412 -46.90 -57.91 -44.97
N SER C 413 -46.10 -57.99 -43.92
CA SER C 413 -46.04 -56.91 -42.94
C SER C 413 -45.19 -55.73 -43.41
N ASN C 414 -44.53 -55.83 -44.56
CA ASN C 414 -43.84 -54.68 -45.11
C ASN C 414 -44.79 -53.86 -45.98
N ILE C 415 -44.30 -52.81 -46.66
CA ILE C 415 -45.25 -51.95 -47.42
C ILE C 415 -45.14 -52.32 -48.91
N ASP C 416 -44.33 -53.33 -49.22
CA ASP C 416 -44.09 -53.67 -50.64
C ASP C 416 -45.40 -54.03 -51.34
N ARG C 417 -46.25 -54.84 -50.71
CA ARG C 417 -47.50 -55.29 -51.39
C ARG C 417 -48.41 -54.09 -51.68
N ILE C 418 -48.55 -53.16 -50.72
CA ILE C 418 -49.43 -51.99 -50.90
C ILE C 418 -48.87 -51.14 -52.05
N GLY C 419 -47.54 -50.97 -52.05
CA GLY C 419 -46.94 -50.14 -53.10
C GLY C 419 -47.21 -50.77 -54.44
N ALA C 420 -47.07 -52.10 -54.52
CA ALA C 420 -47.28 -52.81 -55.80
C ALA C 420 -48.72 -52.63 -56.25
N ASP C 421 -49.69 -52.80 -55.35
CA ASP C 421 -51.09 -52.71 -55.82
C ASP C 421 -51.32 -51.28 -56.34
N HIS C 422 -50.84 -50.27 -55.61
CA HIS C 422 -51.15 -48.88 -56.10
C HIS C 422 -50.50 -48.66 -57.47
N VAL C 423 -49.25 -49.11 -57.62
CA VAL C 423 -48.51 -48.86 -58.89
C VAL C 423 -49.27 -49.55 -60.02
N GLN C 424 -49.68 -50.81 -59.80
CA GLN C 424 -50.33 -51.56 -60.90
C GLN C 424 -51.63 -50.85 -61.25
N SER C 425 -52.42 -50.42 -60.26
CA SER C 425 -53.72 -49.80 -60.62
C SER C 425 -53.46 -48.54 -61.46
N LEU C 426 -52.50 -47.71 -61.01
CA LEU C 426 -52.28 -46.44 -61.74
C LEU C 426 -51.81 -46.73 -63.17
N LEU C 427 -50.88 -47.67 -63.31
CA LEU C 427 -50.31 -47.97 -64.65
C LEU C 427 -51.44 -48.48 -65.55
N LEU C 428 -52.30 -49.35 -65.02
CA LEU C 428 -53.41 -49.93 -65.83
C LEU C 428 -54.36 -48.82 -66.26
N LYS C 429 -54.72 -47.89 -65.37
CA LYS C 429 -55.61 -46.80 -65.87
C LYS C 429 -54.90 -46.02 -66.97
N HIS C 430 -53.61 -45.68 -66.77
CA HIS C 430 -53.00 -44.86 -67.86
C HIS C 430 -53.01 -45.66 -69.17
N CYS C 431 -52.69 -46.95 -69.10
CA CYS C 431 -52.60 -47.78 -70.33
C CYS C 431 -53.97 -47.83 -71.02
N ALA C 432 -55.06 -47.90 -70.25
CA ALA C 432 -56.44 -47.93 -70.82
C ALA C 432 -56.69 -46.80 -71.84
N PRO C 433 -56.77 -45.49 -71.52
CA PRO C 433 -56.90 -44.43 -72.53
C PRO C 433 -55.73 -44.37 -73.52
N VAL C 434 -54.48 -44.55 -73.07
CA VAL C 434 -53.35 -44.62 -74.04
C VAL C 434 -53.79 -45.54 -75.18
N LEU C 435 -54.62 -46.54 -74.86
CA LEU C 435 -55.16 -47.49 -75.87
C LEU C 435 -56.45 -46.93 -76.46
N ALA C 436 -57.33 -46.39 -75.61
CA ALA C 436 -58.61 -45.85 -76.11
C ALA C 436 -58.27 -44.73 -77.09
N LYS C 437 -57.25 -43.93 -76.76
CA LYS C 437 -56.80 -42.82 -77.64
C LYS C 437 -56.24 -43.26 -79.01
N LEU C 438 -55.39 -44.31 -79.11
CA LEU C 438 -54.80 -44.55 -80.48
C LEU C 438 -55.16 -45.86 -81.22
N ARG C 439 -56.39 -46.32 -81.11
CA ARG C 439 -56.78 -47.55 -81.83
C ARG C 439 -58.29 -47.72 -81.68
N PRO C 440 -58.93 -48.56 -82.52
CA PRO C 440 -60.36 -48.83 -82.32
C PRO C 440 -60.57 -49.78 -81.16
N PRO C 441 -61.78 -49.84 -80.62
CA PRO C 441 -62.05 -50.77 -79.50
C PRO C 441 -62.43 -52.15 -80.01
N PRO C 442 -61.71 -52.69 -80.97
CA PRO C 442 -61.95 -54.07 -81.41
C PRO C 442 -61.05 -55.06 -80.71
N ASP C 443 -61.62 -56.26 -80.47
CA ASP C 443 -60.96 -57.38 -79.78
C ASP C 443 -60.47 -56.97 -78.40
N ASN C 444 -61.42 -56.60 -77.54
CA ASN C 444 -61.14 -56.14 -76.19
C ASN C 444 -61.19 -57.27 -75.17
N GLN C 445 -61.15 -58.53 -75.61
CA GLN C 445 -61.29 -59.68 -74.72
C GLN C 445 -59.94 -60.30 -74.37
N ASP C 446 -59.16 -60.70 -75.37
CA ASP C 446 -57.93 -61.44 -75.12
C ASP C 446 -56.75 -60.94 -75.95
N ALA C 447 -56.89 -59.84 -76.67
CA ALA C 447 -55.74 -59.28 -77.39
C ALA C 447 -54.74 -58.65 -76.44
N TYR C 448 -55.20 -58.12 -75.29
CA TYR C 448 -54.33 -57.56 -74.26
C TYR C 448 -53.45 -58.60 -73.58
N ARG C 449 -53.72 -59.89 -73.79
CA ARG C 449 -52.81 -60.95 -73.37
C ARG C 449 -51.50 -60.94 -74.16
N ALA C 450 -51.42 -60.23 -75.28
CA ALA C 450 -50.14 -59.97 -75.92
C ALA C 450 -49.31 -58.93 -75.16
N GLU C 451 -49.92 -58.22 -74.21
CA GLU C 451 -49.23 -57.28 -73.34
C GLU C 451 -49.23 -57.77 -71.89
N PHE C 452 -48.93 -59.07 -71.73
CA PHE C 452 -48.81 -59.82 -70.48
C PHE C 452 -50.12 -60.00 -69.71
N GLY C 453 -51.24 -59.53 -70.25
CA GLY C 453 -52.55 -59.76 -69.64
C GLY C 453 -52.75 -59.10 -68.29
N SER C 454 -52.29 -57.86 -68.14
CA SER C 454 -52.37 -57.19 -66.86
C SER C 454 -53.79 -56.72 -66.58
N LEU C 455 -54.31 -55.83 -67.44
CA LEU C 455 -55.64 -55.25 -67.19
C LEU C 455 -56.69 -55.95 -68.07
N GLY C 456 -56.35 -56.38 -69.28
CA GLY C 456 -57.26 -57.22 -70.08
C GLY C 456 -58.69 -56.71 -70.21
N PRO C 457 -59.70 -57.56 -69.89
CA PRO C 457 -61.11 -57.18 -70.01
C PRO C 457 -61.51 -56.00 -69.11
N LEU C 458 -60.97 -55.91 -67.89
CA LEU C 458 -61.22 -54.74 -67.00
C LEU C 458 -60.65 -53.48 -67.67
N LEU C 459 -59.48 -53.57 -68.30
CA LEU C 459 -58.95 -52.40 -69.06
C LEU C 459 -59.93 -52.07 -70.18
N CYS C 460 -60.47 -53.10 -70.83
CA CYS C 460 -61.44 -52.89 -71.94
C CYS C 460 -62.67 -52.18 -71.38
N SER C 461 -63.14 -52.57 -70.19
CA SER C 461 -64.32 -51.94 -69.54
C SER C 461 -64.01 -50.47 -69.22
N GLN C 462 -62.80 -50.19 -68.76
CA GLN C 462 -62.39 -48.77 -68.50
C GLN C 462 -62.44 -48.00 -69.82
N VAL C 463 -61.95 -48.60 -70.91
CA VAL C 463 -61.97 -47.93 -72.24
C VAL C 463 -63.42 -47.69 -72.64
N VAL C 464 -64.31 -48.65 -72.38
CA VAL C 464 -65.76 -48.52 -72.73
C VAL C 464 -66.37 -47.38 -71.91
N LYS C 465 -66.01 -47.25 -70.64
CA LYS C 465 -66.52 -46.14 -69.78
C LYS C 465 -66.03 -44.82 -70.36
N ALA C 466 -64.77 -44.78 -70.80
CA ALA C 466 -64.23 -43.54 -71.42
C ALA C 466 -65.03 -43.21 -72.69
N ARG C 467 -65.35 -44.23 -73.48
CA ARG C 467 -66.14 -44.04 -74.73
C ARG C 467 -67.53 -43.51 -74.38
N ALA C 468 -68.14 -44.02 -73.30
CA ALA C 468 -69.47 -43.55 -72.86
C ALA C 468 -69.37 -42.07 -72.44
N GLN C 469 -68.30 -41.70 -71.74
CA GLN C 469 -68.09 -40.29 -71.34
C GLN C 469 -67.96 -39.43 -72.60
N ALA C 470 -67.24 -39.93 -73.61
CA ALA C 470 -67.07 -39.19 -74.88
C ALA C 470 -68.43 -39.01 -75.56
N ALA C 471 -69.27 -40.05 -75.53
CA ALA C 471 -70.63 -39.97 -76.12
C ALA C 471 -71.44 -38.92 -75.38
N LEU C 472 -71.34 -38.89 -74.05
CA LEU C 472 -72.07 -37.91 -73.22
C LEU C 472 -71.60 -36.49 -73.60
N GLN C 473 -70.29 -36.32 -73.81
CA GLN C 473 -69.75 -34.98 -74.20
C GLN C 473 -70.39 -34.53 -75.51
N PRO D 9 26.40 20.18 54.83
CA PRO D 9 24.98 20.36 54.52
C PRO D 9 24.73 21.69 53.78
N HIS D 10 23.48 21.94 53.39
CA HIS D 10 23.13 23.21 52.71
C HIS D 10 22.13 23.96 53.59
N GLU D 11 22.34 25.26 53.80
CA GLU D 11 21.38 26.07 54.58
C GLU D 11 20.68 27.04 53.63
N LEU D 12 19.34 27.07 53.66
CA LEU D 12 18.59 27.94 52.72
C LEU D 12 19.01 29.38 52.98
N GLU D 13 19.28 30.14 51.90
CA GLU D 13 19.76 31.53 52.06
C GLU D 13 18.61 32.39 52.58
N SER D 14 18.93 33.44 53.34
CA SER D 14 17.87 34.24 53.92
C SER D 14 17.94 35.64 53.30
N GLN D 15 17.04 35.92 52.37
CA GLN D 15 16.99 37.20 51.70
C GLN D 15 15.91 38.07 52.35
N PHE D 16 16.21 39.36 52.51
CA PHE D 16 15.24 40.32 52.95
C PHE D 16 15.38 41.58 52.11
N ILE D 17 14.46 42.52 52.28
CA ILE D 17 14.46 43.75 51.51
C ILE D 17 14.94 44.88 52.41
N LEU D 18 15.82 45.74 51.89
CA LEU D 18 16.29 46.91 52.64
C LEU D 18 15.71 48.17 52.01
N ARG D 19 14.94 48.93 52.79
CA ARG D 19 14.37 50.19 52.35
C ARG D 19 15.12 51.33 53.02
N LEU D 20 15.60 52.27 52.21
CA LEU D 20 16.42 53.37 52.65
C LEU D 20 15.70 54.68 52.39
N PRO D 21 16.10 55.77 53.06
CA PRO D 21 15.60 57.08 52.68
C PRO D 21 16.03 57.42 51.27
N PRO D 22 15.26 58.26 50.56
CA PRO D 22 15.41 58.35 49.10
C PRO D 22 16.74 58.91 48.60
N GLU D 23 17.31 59.89 49.31
CA GLU D 23 18.64 60.38 48.94
C GLU D 23 19.71 59.34 49.24
N TYR D 24 19.63 58.69 50.40
CA TYR D 24 20.54 57.60 50.73
C TYR D 24 20.32 56.40 49.83
N ALA D 25 19.08 56.17 49.38
CA ALA D 25 18.82 55.11 48.42
C ALA D 25 19.46 55.42 47.08
N SER D 26 19.50 56.70 46.69
CA SER D 26 20.13 57.06 45.43
C SER D 26 21.64 56.89 45.49
N THR D 27 22.25 57.24 46.63
CA THR D 27 23.70 57.04 46.77
C THR D 27 24.06 55.56 46.81
N VAL D 28 23.27 54.74 47.53
CA VAL D 28 23.51 53.30 47.57
C VAL D 28 23.28 52.67 46.21
N ARG D 29 22.29 53.16 45.45
CA ARG D 29 22.03 52.61 44.13
C ARG D 29 23.15 52.92 43.15
N ARG D 30 23.66 54.15 43.19
CA ARG D 30 24.79 54.53 42.36
C ARG D 30 26.04 53.73 42.71
N ALA D 31 26.27 53.49 44.00
CA ALA D 31 27.43 52.71 44.40
C ALA D 31 27.28 51.23 44.08
N VAL D 32 26.06 50.71 44.06
CA VAL D 32 25.85 49.30 43.69
C VAL D 32 26.05 49.12 42.20
N GLN D 33 25.44 49.99 41.39
CA GLN D 33 25.59 49.90 39.94
C GLN D 33 26.99 50.26 39.46
N SER D 34 27.78 50.96 40.28
CA SER D 34 29.18 51.15 39.93
C SER D 34 29.94 49.84 40.02
N GLY D 35 29.89 49.17 41.17
CA GLY D 35 30.38 47.82 41.30
C GLY D 35 31.70 47.64 41.99
N HIS D 36 32.35 48.72 42.41
CA HIS D 36 33.65 48.63 43.14
C HIS D 36 33.42 48.09 44.56
N VAL D 37 34.51 47.74 45.25
CA VAL D 37 34.41 47.27 46.67
C VAL D 37 34.39 48.50 47.57
N ASN D 38 34.44 49.70 46.98
CA ASN D 38 34.35 50.95 47.78
C ASN D 38 32.99 50.93 48.49
N LEU D 39 31.96 50.41 47.83
CA LEU D 39 30.61 50.33 48.44
C LEU D 39 30.69 49.48 49.71
N LYS D 40 31.53 48.45 49.72
CA LYS D 40 31.56 47.53 50.89
C LYS D 40 31.91 48.33 52.15
N ASP D 41 32.91 49.20 52.07
CA ASP D 41 33.28 50.06 53.23
C ASP D 41 32.14 51.03 53.54
N ARG D 42 31.52 51.60 52.50
CA ARG D 42 30.48 52.65 52.69
C ARG D 42 29.21 52.11 53.35
N LEU D 43 28.76 50.91 52.99
CA LEU D 43 27.48 50.42 53.48
C LEU D 43 27.69 49.30 54.50
N THR D 44 27.26 49.52 55.74
CA THR D 44 27.31 48.48 56.76
C THR D 44 25.93 48.31 57.40
N ILE D 45 25.72 47.18 58.06
CA ILE D 45 24.45 46.83 58.69
C ILE D 45 24.74 46.22 60.04
N GLU D 46 24.23 46.87 61.10
CA GLU D 46 24.38 46.34 62.48
C GLU D 46 23.00 45.99 63.00
N LEU D 47 22.75 44.72 63.31
CA LEU D 47 21.48 44.26 63.82
C LEU D 47 21.57 44.04 65.33
N HIS D 48 20.69 44.69 66.07
CA HIS D 48 20.75 44.71 67.52
C HIS D 48 20.19 43.41 68.10
N PRO D 49 20.56 43.04 69.33
CA PRO D 49 20.06 41.78 69.91
C PRO D 49 18.59 41.80 70.28
N ASP D 50 17.88 42.92 70.10
CA ASP D 50 16.41 42.88 70.08
C ASP D 50 15.92 41.96 68.96
N GLY D 51 16.57 42.02 67.81
CA GLY D 51 16.14 41.28 66.64
C GLY D 51 15.27 42.08 65.70
N ARG D 52 14.67 43.16 66.18
CA ARG D 52 13.82 44.02 65.36
C ARG D 52 14.31 45.47 65.36
N HIS D 53 15.61 45.69 65.53
CA HIS D 53 16.15 47.03 65.56
C HIS D 53 17.55 47.00 64.97
N GLY D 54 17.93 48.07 64.30
CA GLY D 54 19.26 48.07 63.72
C GLY D 54 19.74 49.47 63.39
N ILE D 55 20.98 49.52 62.92
CA ILE D 55 21.53 50.68 62.23
C ILE D 55 21.95 50.23 60.85
N VAL D 56 21.56 50.97 59.83
CA VAL D 56 22.22 50.88 58.53
C VAL D 56 23.07 52.13 58.37
N ARG D 57 24.36 51.94 58.11
CA ARG D 57 25.28 53.09 58.03
C ARG D 57 25.64 53.32 56.56
N VAL D 58 25.11 54.39 55.96
CA VAL D 58 25.41 54.71 54.53
C VAL D 58 26.48 55.80 54.54
N ASP D 59 27.65 55.54 53.95
CA ASP D 59 28.77 56.52 53.95
C ASP D 59 29.10 56.90 55.40
N ARG D 60 29.05 55.92 56.33
CA ARG D 60 29.38 56.17 57.75
C ARG D 60 28.37 57.12 58.39
N VAL D 61 27.17 57.25 57.81
CA VAL D 61 26.10 58.07 58.46
C VAL D 61 25.07 57.11 59.03
N PRO D 62 24.87 57.05 60.37
CA PRO D 62 23.94 56.08 60.98
C PRO D 62 22.47 56.38 60.68
N LEU D 63 21.68 55.35 60.37
CA LEU D 63 20.22 55.51 60.13
C LEU D 63 19.52 54.49 61.02
N ALA D 64 18.32 54.81 61.55
CA ALA D 64 17.70 53.90 62.50
C ALA D 64 16.78 52.94 61.78
N SER D 65 16.87 51.66 62.11
CA SER D 65 16.22 50.64 61.32
C SER D 65 15.31 49.78 62.18
N LYS D 66 14.29 49.24 61.51
CA LYS D 66 13.36 48.30 62.13
C LYS D 66 13.12 47.18 61.16
N LEU D 67 13.24 45.94 61.62
CA LEU D 67 12.94 44.78 60.80
C LEU D 67 11.47 44.41 60.98
N VAL D 68 10.69 44.60 59.93
CA VAL D 68 9.25 44.47 59.98
C VAL D 68 8.82 43.25 59.16
N ASP D 69 7.61 42.76 59.46
CA ASP D 69 7.02 41.62 58.79
C ASP D 69 6.09 42.11 57.69
N LEU D 70 6.22 41.55 56.57
CA LEU D 70 5.46 41.98 55.40
C LEU D 70 4.16 41.18 55.28
N PRO D 71 3.07 41.81 54.80
CA PRO D 71 1.78 41.13 54.85
C PRO D 71 1.61 40.02 53.83
N CYS D 72 2.18 40.20 52.65
CA CYS D 72 2.19 39.18 51.62
C CYS D 72 3.47 38.37 51.72
N VAL D 73 3.60 37.37 50.85
CA VAL D 73 4.81 36.57 50.77
C VAL D 73 5.43 36.79 49.39
N MET D 74 6.69 37.22 49.37
CA MET D 74 7.38 37.35 48.10
C MET D 74 8.34 36.18 47.91
N GLU D 75 8.67 35.94 46.65
CA GLU D 75 9.59 34.82 46.33
C GLU D 75 10.57 35.28 45.26
N SER D 76 11.87 35.12 45.50
CA SER D 76 12.86 35.47 44.49
C SER D 76 12.95 34.35 43.48
N LEU D 77 12.96 34.72 42.20
CA LEU D 77 12.91 33.76 41.11
C LEU D 77 14.03 34.09 40.13
N LYS D 78 14.99 33.19 40.01
CA LYS D 78 16.12 33.41 39.12
C LYS D 78 15.88 32.71 37.79
N THR D 79 16.58 33.18 36.77
CA THR D 79 16.41 32.61 35.44
C THR D 79 17.72 32.73 34.68
N ILE D 80 17.86 31.87 33.67
CA ILE D 80 18.99 31.90 32.78
C ILE D 80 18.57 32.25 31.35
N ASP D 81 17.35 31.93 30.96
CA ASP D 81 16.84 32.17 29.62
C ASP D 81 15.65 33.09 29.56
N LYS D 82 15.16 33.59 30.71
CA LYS D 82 13.96 34.43 30.85
C LYS D 82 12.70 33.74 30.35
N LYS D 83 12.66 32.42 30.34
CA LYS D 83 11.44 31.69 30.06
C LYS D 83 11.04 30.72 31.15
N THR D 84 12.01 30.11 31.84
CA THR D 84 11.76 29.26 32.99
C THR D 84 12.44 29.88 34.21
N PHE D 85 11.71 29.95 35.31
CA PHE D 85 12.13 30.67 36.49
C PHE D 85 12.16 29.73 37.67
N TYR D 86 13.25 29.75 38.43
CA TYR D 86 13.45 28.82 39.54
C TYR D 86 13.38 29.60 40.84
N LYS D 87 12.56 29.13 41.77
CA LYS D 87 12.40 29.83 43.04
C LYS D 87 13.63 29.65 43.91
N THR D 88 14.19 30.76 44.40
CA THR D 88 15.42 30.70 45.17
C THR D 88 15.20 30.90 46.65
N ALA D 89 14.28 31.78 47.05
CA ALA D 89 14.03 32.03 48.47
C ALA D 89 12.66 32.66 48.64
N ASP D 90 12.22 32.69 49.90
CA ASP D 90 11.01 33.37 50.32
C ASP D 90 11.39 34.60 51.12
N ILE D 91 10.81 35.74 50.76
CA ILE D 91 11.03 37.01 51.43
C ILE D 91 9.78 37.38 52.19
N CYS D 92 9.93 37.67 53.47
CA CYS D 92 8.83 38.11 54.31
C CYS D 92 9.21 39.25 55.23
N GLN D 93 10.42 39.79 55.13
CA GLN D 93 10.88 40.79 56.08
C GLN D 93 11.59 41.92 55.38
N MET D 94 11.47 43.10 55.99
CA MET D 94 12.02 44.30 55.41
C MET D 94 12.69 45.13 56.49
N LEU D 95 13.91 45.60 56.21
CA LEU D 95 14.66 46.43 57.19
C LEU D 95 14.48 47.90 56.82
N VAL D 96 13.30 48.46 57.08
CA VAL D 96 13.00 49.88 56.76
C VAL D 96 13.95 50.74 57.60
N SER D 97 14.51 51.80 57.00
CA SER D 97 15.46 52.68 57.71
C SER D 97 15.03 54.12 57.56
N THR D 98 15.34 54.97 58.54
CA THR D 98 15.00 56.42 58.47
C THR D 98 15.99 57.21 59.33
N GLU D 127 5.86 42.39 67.49
CA GLU D 127 4.84 43.30 68.10
C GLU D 127 4.03 43.97 66.99
N LYS D 128 3.06 44.81 67.37
CA LYS D 128 2.22 45.53 66.38
C LYS D 128 3.11 46.45 65.55
N LYS D 129 4.08 47.12 66.18
CA LYS D 129 4.97 48.07 65.47
C LYS D 129 5.82 47.34 64.43
N PHE D 130 6.15 46.06 64.66
CA PHE D 130 7.04 45.30 63.75
C PHE D 130 6.23 44.63 62.65
N ILE D 131 4.94 44.94 62.55
CA ILE D 131 4.10 44.40 61.43
C ILE D 131 3.84 45.52 60.43
N TRP D 132 4.17 45.30 59.15
CA TRP D 132 3.94 46.31 58.09
C TRP D 132 2.57 46.05 57.45
N ASN D 133 1.72 47.05 57.31
CA ASN D 133 0.37 46.84 56.79
C ASN D 133 0.36 46.83 55.27
N HIS D 134 1.22 47.61 54.63
CA HIS D 134 1.21 47.76 53.19
C HIS D 134 2.13 46.73 52.52
N GLY D 135 1.88 46.49 51.24
CA GLY D 135 2.75 45.64 50.46
C GLY D 135 3.72 46.45 49.65
N ILE D 136 4.70 45.81 49.01
CA ILE D 136 5.77 46.55 48.35
C ILE D 136 5.27 47.21 47.07
N THR D 137 4.47 46.50 46.28
CA THR D 137 3.98 47.06 45.03
C THR D 137 2.93 48.13 45.28
N LEU D 138 2.77 49.00 44.29
CA LEU D 138 1.73 50.02 44.31
C LEU D 138 0.28 49.52 44.44
N PRO D 139 -0.18 48.44 43.76
CA PRO D 139 -1.57 48.03 43.96
C PRO D 139 -1.87 47.50 45.35
N LEU D 140 -0.85 46.96 46.00
CA LEU D 140 -0.98 46.41 47.34
C LEU D 140 -0.62 47.50 48.33
N LYS D 141 -1.63 48.22 48.80
CA LYS D 141 -1.49 49.23 49.82
C LYS D 141 -2.67 49.07 50.75
N ASN D 142 -2.40 49.02 52.07
CA ASN D 142 -3.49 48.72 53.04
C ASN D 142 -4.02 47.32 52.73
N VAL D 143 -3.15 46.41 52.29
CA VAL D 143 -3.55 45.01 51.93
C VAL D 143 -4.04 44.31 53.19
N ARG D 144 -3.31 44.46 54.30
CA ARG D 144 -3.68 43.71 55.53
C ARG D 144 -5.07 44.16 55.97
N LYS D 145 -5.33 45.46 55.97
CA LYS D 145 -6.66 45.99 56.35
C LYS D 145 -7.75 45.68 55.33
N ARG D 146 -7.51 45.87 54.02
CA ARG D 146 -8.63 45.75 53.04
C ARG D 146 -8.60 44.47 52.20
N ARG D 147 -7.48 44.10 51.61
CA ARG D 147 -7.47 42.94 50.68
C ARG D 147 -7.16 41.63 51.42
N PHE D 148 -7.17 41.63 52.75
CA PHE D 148 -6.95 40.34 53.45
C PHE D 148 -8.21 39.88 54.18
N ARG D 149 -8.68 38.66 53.89
CA ARG D 149 -9.86 38.09 54.58
C ARG D 149 -9.45 37.73 56.01
N LYS D 150 -10.22 38.15 57.01
CA LYS D 150 -9.82 37.91 58.42
C LYS D 150 -10.75 36.87 59.05
N THR D 151 -10.18 35.78 59.55
CA THR D 151 -11.00 34.75 60.26
C THR D 151 -10.46 34.61 61.69
N ALA D 152 -11.33 34.75 62.69
CA ALA D 152 -10.89 34.67 64.11
C ALA D 152 -11.93 33.90 64.94
N LYS D 153 -11.49 33.35 66.08
CA LYS D 153 -12.43 32.60 66.97
C LYS D 153 -13.23 33.60 67.82
N ASP D 161 1.00 33.89 70.84
CA ASP D 161 0.90 34.89 71.94
C ASP D 161 -0.19 34.45 72.92
N VAL D 162 -1.45 34.39 72.46
CA VAL D 162 -2.59 33.98 73.34
C VAL D 162 -2.36 32.54 73.80
N GLU D 163 -1.90 31.67 72.90
CA GLU D 163 -1.63 30.24 73.25
C GLU D 163 -0.53 30.19 74.31
N LYS D 164 0.52 31.01 74.15
CA LYS D 164 1.64 31.05 75.12
C LYS D 164 1.11 31.52 76.48
N GLU D 165 0.23 32.52 76.49
CA GLU D 165 -0.36 33.04 77.75
C GLU D 165 -1.17 31.92 78.42
N VAL D 166 -1.94 31.16 77.63
CA VAL D 166 -2.74 30.03 78.17
C VAL D 166 -1.81 28.98 78.78
N LYS D 167 -0.68 28.70 78.11
CA LYS D 167 0.31 27.71 78.62
C LYS D 167 0.88 28.22 79.95
N ARG D 168 1.18 29.52 80.05
CA ARG D 168 1.71 30.10 81.31
C ARG D 168 0.66 29.94 82.41
N LEU D 169 -0.62 30.20 82.07
CA LEU D 169 -1.72 30.07 83.07
C LEU D 169 -1.80 28.61 83.55
N LEU D 170 -1.69 27.66 82.62
CA LEU D 170 -1.76 26.22 82.98
C LEU D 170 -0.58 25.88 83.90
N SER D 171 0.60 26.42 83.61
CA SER D 171 1.79 26.16 84.46
C SER D 171 1.56 26.73 85.86
N THR D 172 0.98 27.93 85.96
CA THR D 172 0.68 28.54 87.28
C THR D 172 -0.32 27.66 88.03
N ASP D 173 -1.34 27.15 87.33
CA ASP D 173 -2.36 26.26 87.97
C ASP D 173 -1.66 25.00 88.50
N ALA D 174 -0.72 24.44 87.72
CA ALA D 174 0.02 23.24 88.14
C ALA D 174 0.86 23.54 89.39
N GLU D 175 1.54 24.70 89.43
CA GLU D 175 2.44 25.01 90.57
C GLU D 175 1.60 25.33 91.81
N ALA D 176 0.28 25.43 91.65
CA ALA D 176 -0.59 25.84 92.75
C ALA D 176 -1.03 24.63 93.57
N VAL D 177 -2.05 24.85 94.43
CA VAL D 177 -2.61 23.73 95.25
C VAL D 177 -4.11 23.65 94.96
N SER D 178 -4.84 24.76 95.15
CA SER D 178 -6.31 24.78 94.93
C SER D 178 -6.67 25.83 93.87
N THR D 179 -7.48 25.45 92.87
CA THR D 179 -7.90 26.39 91.80
C THR D 179 -9.42 26.57 91.82
N ARG D 180 -9.90 27.81 91.85
CA ARG D 180 -11.37 28.09 91.84
C ARG D 180 -11.70 28.90 90.58
N TRP D 181 -12.70 28.47 89.81
CA TRP D 181 -13.03 29.16 88.53
C TRP D 181 -14.53 29.45 88.41
N GLU D 182 -14.90 30.60 87.85
CA GLU D 182 -16.33 30.86 87.52
C GLU D 182 -16.40 31.77 86.29
N ILE D 183 -17.23 31.43 85.29
CA ILE D 183 -17.44 32.38 84.15
C ILE D 183 -18.16 33.53 84.81
N ILE D 184 -17.78 34.79 84.54
CA ILE D 184 -18.40 35.82 85.36
C ILE D 184 -19.39 36.71 84.59
N ALA D 185 -19.94 37.72 85.26
CA ALA D 185 -20.72 38.77 84.60
C ALA D 185 -20.04 40.11 84.84
N GLU D 186 -20.77 41.20 84.62
CA GLU D 186 -20.23 42.55 84.82
C GLU D 186 -19.89 42.81 86.29
N ASP D 187 -18.62 43.10 86.56
CA ASP D 187 -18.15 43.35 87.92
C ASP D 187 -16.83 44.13 87.91
N LYS E 161 -46.71 0.80 -43.52
CA LYS E 161 -45.31 1.00 -43.92
C LYS E 161 -44.52 1.65 -42.79
N THR E 162 -44.61 1.08 -41.59
CA THR E 162 -43.81 1.57 -40.49
C THR E 162 -42.58 0.68 -40.34
N PRO E 163 -41.38 1.24 -40.36
CA PRO E 163 -40.18 0.40 -40.37
C PRO E 163 -39.92 -0.28 -39.04
N THR E 164 -39.16 -1.37 -39.11
CA THR E 164 -38.73 -2.12 -37.95
C THR E 164 -37.21 -2.18 -37.92
N TYR E 165 -36.67 -2.51 -36.75
CA TYR E 165 -35.24 -2.55 -36.53
C TYR E 165 -34.85 -3.92 -36.00
N ARG E 166 -33.55 -4.15 -35.90
CA ARG E 166 -33.04 -5.40 -35.34
C ARG E 166 -33.03 -5.31 -33.82
N GLU E 167 -33.16 -6.47 -33.17
CA GLU E 167 -33.19 -6.62 -31.73
C GLU E 167 -31.86 -6.17 -31.11
N PRO E 168 -31.86 -5.10 -30.31
CA PRO E 168 -30.59 -4.65 -29.70
C PRO E 168 -30.30 -5.36 -28.40
N VAL E 169 -29.07 -5.81 -28.21
CA VAL E 169 -28.65 -6.47 -26.98
C VAL E 169 -27.95 -5.43 -26.10
N SER E 170 -28.74 -4.71 -25.31
CA SER E 170 -28.23 -3.85 -24.24
C SER E 170 -28.40 -4.56 -22.90
N ASP E 171 -27.51 -5.52 -22.66
CA ASP E 171 -27.44 -6.20 -21.38
C ASP E 171 -26.00 -6.17 -20.91
N TYR E 172 -25.78 -5.70 -19.68
CA TYR E 172 -24.42 -5.54 -19.18
C TYR E 172 -23.74 -6.88 -18.95
N GLN E 173 -24.51 -7.89 -18.57
CA GLN E 173 -23.95 -9.22 -18.32
C GLN E 173 -23.40 -9.83 -19.60
N VAL E 174 -24.21 -9.84 -20.67
CA VAL E 174 -23.76 -10.47 -21.89
C VAL E 174 -22.73 -9.61 -22.62
N LEU E 175 -22.72 -8.29 -22.40
CA LEU E 175 -21.69 -7.45 -22.98
C LEU E 175 -20.34 -7.67 -22.28
N ARG E 176 -20.36 -7.81 -20.96
CA ARG E 176 -19.14 -8.17 -20.24
C ARG E 176 -18.63 -9.54 -20.66
N GLU E 177 -19.55 -10.50 -20.86
CA GLU E 177 -19.16 -11.83 -21.31
C GLU E 177 -18.58 -11.81 -22.72
N LYS E 178 -19.18 -11.03 -23.63
CA LYS E 178 -18.69 -10.96 -25.00
C LYS E 178 -17.32 -10.31 -25.06
N ALA E 179 -17.13 -9.18 -24.37
CA ALA E 179 -15.84 -8.50 -24.39
C ALA E 179 -14.75 -9.34 -23.72
N ALA E 180 -15.11 -10.04 -22.63
CA ALA E 180 -14.15 -10.89 -21.93
C ALA E 180 -13.73 -12.06 -22.80
N SER E 181 -14.69 -12.76 -23.41
CA SER E 181 -14.35 -13.94 -24.21
C SER E 181 -13.61 -13.56 -25.49
N GLN E 182 -13.93 -12.40 -26.08
CA GLN E 182 -13.22 -11.99 -27.27
C GLN E 182 -11.78 -11.57 -26.94
N ARG E 183 -11.57 -10.92 -25.79
CA ARG E 183 -10.21 -10.57 -25.39
C ARG E 183 -9.39 -11.81 -25.06
N ARG E 184 -9.99 -12.78 -24.36
CA ARG E 184 -9.29 -14.03 -24.04
C ARG E 184 -8.95 -14.82 -25.30
N ASP E 185 -9.88 -14.86 -26.27
CA ASP E 185 -9.62 -15.62 -27.49
C ASP E 185 -8.57 -14.96 -28.36
N VAL E 186 -8.57 -13.62 -28.45
CA VAL E 186 -7.57 -12.99 -29.29
C VAL E 186 -6.19 -13.04 -28.63
N GLU E 187 -6.12 -13.01 -27.30
CA GLU E 187 -4.80 -13.12 -26.69
C GLU E 187 -4.30 -14.56 -26.71
N ARG E 188 -5.20 -15.55 -26.67
CA ARG E 188 -4.77 -16.93 -26.83
C ARG E 188 -4.28 -17.21 -28.24
N ALA E 189 -5.00 -16.69 -29.25
CA ALA E 189 -4.58 -16.86 -30.63
C ALA E 189 -3.25 -16.18 -30.91
N LEU E 190 -3.04 -14.98 -30.34
CA LEU E 190 -1.79 -14.26 -30.52
C LEU E 190 -0.63 -15.00 -29.87
N THR E 191 -0.81 -15.51 -28.65
CA THR E 191 0.30 -16.18 -27.99
C THR E 191 0.61 -17.54 -28.60
N ARG E 192 -0.40 -18.25 -29.10
CA ARG E 192 -0.11 -19.51 -29.79
C ARG E 192 0.58 -19.27 -31.13
N PHE E 193 0.20 -18.21 -31.83
CA PHE E 193 0.87 -17.89 -33.09
C PHE E 193 2.31 -17.46 -32.85
N MET E 194 2.57 -16.70 -31.79
CA MET E 194 3.94 -16.27 -31.54
C MET E 194 4.80 -17.38 -30.95
N ALA E 195 4.20 -18.33 -30.24
CA ALA E 195 5.00 -19.44 -29.76
C ALA E 195 5.25 -20.47 -30.84
N LYS E 196 4.38 -20.56 -31.85
CA LYS E 196 4.60 -21.54 -32.91
C LYS E 196 5.62 -21.08 -33.94
N THR E 197 5.72 -19.76 -34.18
CA THR E 197 6.64 -19.22 -35.18
C THR E 197 7.91 -18.66 -34.57
N GLY E 198 8.40 -19.27 -33.50
CA GLY E 198 9.63 -18.83 -32.90
C GLY E 198 10.23 -19.94 -32.07
N GLU E 199 11.24 -19.58 -31.29
CA GLU E 199 11.80 -20.52 -30.34
C GLU E 199 10.81 -20.74 -29.22
N THR E 200 10.66 -22.00 -28.82
CA THR E 200 9.64 -22.36 -27.84
C THR E 200 10.25 -23.19 -26.72
N GLN E 201 9.63 -23.09 -25.56
CA GLN E 201 9.92 -23.91 -24.39
C GLN E 201 8.68 -24.73 -24.07
N SER E 202 8.79 -25.57 -23.06
CA SER E 202 7.69 -26.45 -22.71
C SER E 202 7.86 -26.91 -21.27
N LEU E 203 6.75 -26.93 -20.53
CA LEU E 203 6.79 -27.44 -19.18
C LEU E 203 6.89 -28.97 -19.17
N PHE E 204 6.34 -29.61 -20.20
CA PHE E 204 6.35 -31.06 -20.34
C PHE E 204 7.29 -31.46 -21.46
N LYS E 205 7.71 -32.72 -21.45
CA LYS E 205 8.60 -33.23 -22.49
C LYS E 205 7.93 -33.27 -23.85
N ASP E 206 8.47 -32.49 -24.79
CA ASP E 206 8.03 -32.39 -26.18
C ASP E 206 6.56 -31.99 -26.27
N ASP E 207 6.29 -30.79 -25.77
CA ASP E 207 4.93 -30.28 -25.60
C ASP E 207 4.82 -28.94 -26.32
N VAL E 208 4.51 -28.99 -27.61
CA VAL E 208 4.37 -27.79 -28.40
C VAL E 208 2.92 -27.49 -28.76
N SER E 209 2.10 -28.52 -28.97
CA SER E 209 0.69 -28.31 -29.29
C SER E 209 -0.08 -27.74 -28.11
N THR E 210 0.07 -28.35 -26.94
CA THR E 210 -0.61 -27.90 -25.73
C THR E 210 0.37 -27.15 -24.85
N PHE E 211 -0.05 -25.97 -24.38
CA PHE E 211 0.74 -25.02 -23.59
C PHE E 211 2.09 -24.71 -24.20
N PRO E 212 2.17 -24.00 -25.33
CA PRO E 212 3.49 -23.60 -25.81
C PRO E 212 3.95 -22.30 -25.16
N LEU E 213 5.20 -22.25 -24.73
CA LEU E 213 5.75 -21.06 -24.12
C LEU E 213 6.68 -20.38 -25.11
N ILE E 214 6.52 -19.07 -25.27
CA ILE E 214 7.53 -18.29 -25.99
C ILE E 214 8.82 -18.34 -25.21
N ALA E 215 9.91 -18.64 -25.88
CA ALA E 215 11.19 -18.82 -25.21
C ALA E 215 11.73 -17.49 -24.71
N ALA E 216 12.45 -17.55 -23.60
CA ALA E 216 12.96 -16.36 -22.94
C ALA E 216 14.17 -15.83 -23.68
N ARG E 217 14.05 -14.61 -24.21
CA ARG E 217 15.27 -14.10 -24.82
C ARG E 217 15.89 -13.02 -23.94
N PRO E 218 17.21 -13.01 -23.82
CA PRO E 218 17.88 -11.96 -23.04
C PRO E 218 17.90 -10.65 -23.80
N PHE E 219 17.73 -9.56 -23.06
CA PHE E 219 17.88 -8.23 -23.62
C PHE E 219 19.28 -7.72 -23.36
N THR E 220 19.74 -6.82 -24.22
CA THR E 220 21.02 -6.18 -23.97
C THR E 220 20.92 -5.12 -22.90
N ILE E 221 19.79 -4.44 -22.81
CA ILE E 221 19.48 -3.45 -21.78
C ILE E 221 18.10 -3.80 -21.22
N PRO E 222 18.01 -4.47 -20.08
CA PRO E 222 16.70 -4.96 -19.62
C PRO E 222 15.85 -3.94 -18.89
N TYR E 223 16.43 -2.86 -18.36
CA TYR E 223 15.62 -1.88 -17.63
C TYR E 223 14.74 -1.08 -18.58
N LEU E 224 15.13 -0.98 -19.85
CA LEU E 224 14.34 -0.21 -20.80
C LEU E 224 13.03 -0.91 -21.14
N THR E 225 13.06 -2.23 -21.27
CA THR E 225 11.83 -2.96 -21.47
C THR E 225 11.10 -3.26 -20.18
N ALA E 226 11.76 -3.19 -19.03
CA ALA E 226 11.03 -3.39 -17.78
C ALA E 226 10.34 -2.11 -17.35
N LEU E 227 11.11 -1.07 -17.01
CA LEU E 227 10.58 0.08 -16.30
C LEU E 227 9.75 1.02 -17.15
N LEU E 228 9.94 1.01 -18.47
CA LEU E 228 9.29 2.06 -19.25
C LEU E 228 7.84 1.73 -19.51
N PRO E 229 6.94 2.72 -19.42
CA PRO E 229 5.54 2.48 -19.77
C PRO E 229 5.35 2.42 -21.27
N SER E 230 4.41 1.59 -21.70
CA SER E 230 4.19 1.46 -23.14
C SER E 230 2.94 2.17 -23.62
N GLU E 231 1.92 2.34 -22.78
CA GLU E 231 0.73 3.11 -23.11
C GLU E 231 0.70 4.37 -22.27
N LEU E 232 0.91 5.51 -22.91
CA LEU E 232 0.94 6.80 -22.23
C LEU E 232 0.58 7.93 -23.19
N HIS H 214 -14.24 0.59 -30.78
CA HIS H 214 -14.10 1.10 -32.16
C HIS H 214 -12.63 1.04 -32.53
N GLU H 215 -11.74 1.39 -31.60
CA GLU H 215 -10.29 1.27 -31.84
C GLU H 215 -9.81 -0.03 -31.20
N LEU H 216 -9.06 -0.84 -31.94
CA LEU H 216 -8.67 -2.17 -31.47
C LEU H 216 -7.81 -2.05 -30.21
N SER H 217 -7.99 -2.94 -29.25
CA SER H 217 -7.20 -2.95 -28.00
C SER H 217 -5.77 -3.31 -28.37
N VAL H 218 -4.82 -3.14 -27.46
CA VAL H 218 -3.41 -3.39 -27.88
C VAL H 218 -3.22 -4.86 -28.21
N GLU H 219 -3.81 -5.78 -27.47
CA GLU H 219 -3.73 -7.24 -27.77
C GLU H 219 -4.07 -7.47 -29.24
N GLN H 220 -5.29 -7.12 -29.66
CA GLN H 220 -5.70 -7.41 -31.02
C GLN H 220 -5.06 -6.49 -32.04
N GLN H 221 -4.58 -5.30 -31.62
CA GLN H 221 -3.76 -4.48 -32.52
C GLN H 221 -2.44 -5.18 -32.83
N LEU H 222 -1.83 -5.79 -31.82
CA LEU H 222 -0.61 -6.55 -32.03
C LEU H 222 -0.88 -7.81 -32.85
N TYR H 223 -2.02 -8.47 -32.62
CA TYR H 223 -2.39 -9.65 -33.39
C TYR H 223 -2.63 -9.30 -34.85
N TYR H 224 -3.28 -8.17 -35.11
CA TYR H 224 -3.49 -7.70 -36.47
C TYR H 224 -2.18 -7.37 -37.17
N LYS H 225 -1.26 -6.73 -36.44
CA LYS H 225 0.03 -6.38 -37.03
C LYS H 225 0.84 -7.62 -37.37
N GLU H 226 0.91 -8.59 -36.46
CA GLU H 226 1.71 -9.79 -36.69
C GLU H 226 1.10 -10.65 -37.79
N ILE H 227 -0.23 -10.75 -37.83
CA ILE H 227 -0.87 -11.60 -38.83
C ILE H 227 -0.77 -10.97 -40.22
N THR H 228 -0.92 -9.65 -40.34
CA THR H 228 -0.79 -9.03 -41.64
C THR H 228 0.65 -9.01 -42.13
N GLU H 229 1.61 -8.75 -41.24
CA GLU H 229 3.00 -8.78 -41.69
C GLU H 229 3.54 -10.18 -41.86
N ALA H 230 2.84 -11.21 -41.39
CA ALA H 230 3.27 -12.57 -41.70
C ALA H 230 2.87 -13.00 -43.09
N CYS H 231 1.90 -12.32 -43.71
CA CYS H 231 1.44 -12.66 -45.05
C CYS H 231 1.91 -11.64 -46.09
N VAL H 232 3.11 -11.09 -45.91
CA VAL H 232 3.68 -10.20 -46.93
C VAL H 232 4.86 -10.84 -47.64
N GLY H 233 5.44 -11.90 -47.08
CA GLY H 233 6.38 -12.68 -47.86
C GLY H 233 7.80 -12.77 -47.35
N SER H 234 8.01 -12.67 -46.05
CA SER H 234 9.37 -12.83 -45.55
C SER H 234 9.76 -14.31 -45.55
N CYS H 235 8.91 -15.17 -45.00
CA CYS H 235 9.13 -16.60 -45.14
C CYS H 235 7.77 -17.31 -45.23
N GLU H 236 7.83 -18.56 -45.68
CA GLU H 236 6.64 -19.33 -46.01
C GLU H 236 6.04 -20.00 -44.77
N ALA H 237 6.87 -20.38 -43.79
CA ALA H 237 6.36 -21.12 -42.63
C ALA H 237 5.54 -20.23 -41.71
N LYS H 238 6.00 -18.98 -41.49
CA LYS H 238 5.20 -18.04 -40.73
C LYS H 238 3.91 -17.69 -41.44
N ARG H 239 3.93 -17.68 -42.77
CA ARG H 239 2.72 -17.46 -43.56
C ARG H 239 1.74 -18.61 -43.38
N ALA H 240 2.22 -19.85 -43.37
CA ALA H 240 1.34 -20.99 -43.22
C ALA H 240 0.75 -21.04 -41.82
N GLU H 241 1.53 -20.65 -40.81
CA GLU H 241 0.97 -20.60 -39.47
C GLU H 241 0.01 -19.43 -39.28
N ALA H 242 0.23 -18.32 -40.00
CA ALA H 242 -0.71 -17.21 -39.93
C ALA H 242 -2.03 -17.55 -40.62
N LEU H 243 -1.96 -18.27 -41.74
CA LEU H 243 -3.19 -18.67 -42.41
C LEU H 243 -3.93 -19.75 -41.64
N GLN H 244 -3.20 -20.63 -40.98
CA GLN H 244 -3.82 -21.59 -40.07
C GLN H 244 -4.31 -20.95 -38.77
N SER H 245 -3.82 -19.76 -38.45
CA SER H 245 -4.43 -19.00 -37.37
C SER H 245 -5.75 -18.38 -37.82
N ILE H 246 -5.74 -17.70 -38.97
CA ILE H 246 -6.94 -17.05 -39.50
C ILE H 246 -8.05 -18.06 -39.73
N ALA H 247 -7.71 -19.25 -40.22
CA ALA H 247 -8.72 -20.23 -40.54
C ALA H 247 -9.31 -20.89 -39.28
N THR H 248 -8.56 -20.94 -38.18
CA THR H 248 -8.96 -21.78 -37.03
C THR H 248 -8.90 -21.01 -35.71
N ASP H 249 -9.32 -19.76 -35.68
CA ASP H 249 -9.47 -19.13 -34.37
C ASP H 249 -10.92 -18.74 -34.10
N PRO H 250 -11.36 -18.76 -32.83
CA PRO H 250 -12.78 -18.52 -32.54
C PRO H 250 -13.19 -17.06 -32.39
N GLY H 251 -12.27 -16.16 -32.08
CA GLY H 251 -12.69 -14.83 -31.71
C GLY H 251 -12.25 -13.68 -32.58
N LEU H 252 -12.15 -13.91 -33.90
CA LEU H 252 -11.43 -12.94 -34.76
C LEU H 252 -12.41 -11.89 -35.27
N TYR H 253 -13.64 -11.86 -34.73
CA TYR H 253 -14.58 -10.78 -35.09
C TYR H 253 -14.06 -9.51 -34.42
N GLN H 254 -14.47 -8.34 -34.90
CA GLN H 254 -13.94 -7.05 -34.36
C GLN H 254 -12.60 -6.81 -35.02
N MET H 255 -12.17 -7.76 -35.86
CA MET H 255 -10.91 -7.59 -36.63
C MET H 255 -11.26 -8.06 -38.04
N LEU H 256 -12.49 -8.52 -38.23
CA LEU H 256 -12.86 -8.75 -39.63
C LEU H 256 -12.93 -7.50 -40.52
N PRO H 257 -13.44 -6.32 -40.10
CA PRO H 257 -13.41 -5.18 -41.03
C PRO H 257 -12.02 -4.71 -41.38
N ARG H 258 -11.07 -4.84 -40.45
CA ARG H 258 -9.69 -4.47 -40.73
C ARG H 258 -9.07 -5.41 -41.76
N PHE H 259 -9.38 -6.71 -41.67
CA PHE H 259 -8.86 -7.67 -42.64
C PHE H 259 -9.48 -7.46 -44.01
N SER H 260 -10.76 -7.13 -44.06
CA SER H 260 -11.41 -6.87 -45.33
C SER H 260 -10.85 -5.62 -45.99
N THR H 261 -10.59 -4.58 -45.21
CA THR H 261 -10.02 -3.35 -45.75
C THR H 261 -8.61 -3.59 -46.25
N PHE H 262 -7.81 -4.32 -45.45
CA PHE H 262 -6.44 -4.67 -45.82
C PHE H 262 -6.40 -5.44 -47.12
N ILE H 263 -7.29 -6.42 -47.29
CA ILE H 263 -7.29 -7.26 -48.48
C ILE H 263 -7.72 -6.46 -49.69
N SER H 264 -8.81 -5.69 -49.57
CA SER H 264 -9.32 -4.96 -50.73
C SER H 264 -8.36 -3.86 -51.17
N GLU H 265 -7.78 -3.14 -50.20
CA GLU H 265 -6.77 -2.09 -50.54
C GLU H 265 -5.52 -2.75 -51.13
N GLY H 266 -5.11 -3.93 -50.61
CA GLY H 266 -3.91 -4.56 -51.12
C GLY H 266 -4.09 -5.07 -52.54
N VAL H 267 -5.26 -5.59 -52.87
CA VAL H 267 -5.56 -5.95 -54.25
C VAL H 267 -5.66 -4.72 -55.14
N ARG H 268 -6.12 -3.59 -54.59
CA ARG H 268 -6.08 -2.35 -55.35
C ARG H 268 -4.65 -1.88 -55.63
N VAL H 269 -3.72 -2.08 -54.67
CA VAL H 269 -2.33 -1.64 -54.81
C VAL H 269 -1.56 -2.46 -55.86
N ASN H 270 -2.17 -3.52 -56.40
CA ASN H 270 -1.63 -4.21 -57.56
C ASN H 270 -1.55 -3.32 -58.81
N VAL H 271 -2.39 -2.27 -58.91
CA VAL H 271 -2.35 -1.45 -60.12
C VAL H 271 -1.09 -0.58 -60.13
N VAL H 272 -0.61 -0.16 -58.96
CA VAL H 272 0.65 0.59 -58.91
C VAL H 272 1.85 -0.36 -59.09
N GLN H 273 1.79 -1.54 -58.49
CA GLN H 273 2.86 -2.52 -58.62
C GLN H 273 2.25 -3.87 -58.96
N ASN H 274 2.44 -4.33 -60.21
CA ASN H 274 1.83 -5.58 -60.66
C ASN H 274 2.58 -6.77 -60.06
N ASN H 275 2.35 -7.00 -58.78
CA ASN H 275 2.99 -8.09 -58.04
C ASN H 275 2.05 -9.28 -58.04
N LEU H 276 2.45 -10.34 -58.74
CA LEU H 276 1.67 -11.57 -58.75
C LEU H 276 1.71 -12.26 -57.40
N ALA H 277 2.88 -12.21 -56.73
CA ALA H 277 3.08 -12.98 -55.52
C ALA H 277 2.22 -12.47 -54.37
N LEU H 278 2.19 -11.15 -54.18
CA LEU H 278 1.36 -10.57 -53.14
C LEU H 278 -0.13 -10.75 -53.40
N LEU H 279 -0.53 -10.86 -54.67
CA LEU H 279 -1.91 -11.17 -54.97
C LEU H 279 -2.25 -12.62 -54.66
N ILE H 280 -1.30 -13.54 -54.89
CA ILE H 280 -1.51 -14.93 -54.48
C ILE H 280 -1.60 -15.03 -52.97
N TYR H 281 -0.82 -14.22 -52.26
CA TYR H 281 -0.87 -14.23 -50.80
C TYR H 281 -2.20 -13.66 -50.29
N LEU H 282 -2.72 -12.62 -50.93
CA LEU H 282 -4.00 -12.07 -50.52
C LEU H 282 -5.16 -13.00 -50.86
N MET H 283 -5.06 -13.74 -51.97
CA MET H 283 -6.10 -14.71 -52.27
C MET H 283 -6.06 -15.91 -51.33
N ARG H 284 -4.90 -16.26 -50.82
CA ARG H 284 -4.81 -17.34 -49.83
C ARG H 284 -5.27 -16.77 -48.50
N MET H 285 -5.18 -15.47 -48.25
CA MET H 285 -5.75 -14.85 -47.07
C MET H 285 -7.28 -14.89 -47.11
N VAL H 286 -7.87 -14.64 -48.27
CA VAL H 286 -9.32 -14.73 -48.42
C VAL H 286 -9.78 -16.17 -48.28
N LYS H 287 -9.06 -17.12 -48.89
CA LYS H 287 -9.41 -18.53 -48.78
C LYS H 287 -9.28 -19.03 -47.35
N ALA H 288 -8.36 -18.46 -46.57
CA ALA H 288 -8.30 -18.80 -45.15
C ALA H 288 -9.40 -18.14 -44.35
N LEU H 289 -9.83 -16.94 -44.75
CA LEU H 289 -10.93 -16.28 -44.05
C LEU H 289 -12.25 -17.01 -44.28
N MET H 290 -12.41 -17.66 -45.43
CA MET H 290 -13.64 -18.37 -45.72
C MET H 290 -13.78 -19.65 -44.91
N ASP H 291 -12.67 -20.29 -44.56
CA ASP H 291 -12.71 -21.57 -43.86
C ASP H 291 -12.93 -21.44 -42.36
N ASN H 292 -13.08 -20.23 -41.85
CA ASN H 292 -13.29 -20.04 -40.42
C ASN H 292 -14.74 -20.32 -40.09
N PRO H 293 -15.04 -21.28 -39.21
CA PRO H 293 -16.45 -21.57 -38.91
C PRO H 293 -17.11 -20.52 -38.04
N THR H 294 -16.34 -19.79 -37.23
CA THR H 294 -16.92 -18.92 -36.22
C THR H 294 -17.35 -17.58 -36.80
N LEU H 295 -16.58 -17.00 -37.71
CA LEU H 295 -16.89 -15.68 -38.22
C LEU H 295 -17.74 -15.77 -39.48
N TYR H 296 -18.73 -14.87 -39.57
CA TYR H 296 -19.68 -14.83 -40.65
C TYR H 296 -19.33 -13.66 -41.55
N LEU H 297 -18.99 -13.95 -42.80
CA LEU H 297 -18.55 -12.95 -43.75
C LEU H 297 -19.69 -12.34 -44.55
N GLU H 298 -20.93 -12.45 -44.07
CA GLU H 298 -22.07 -11.95 -44.83
C GLU H 298 -22.09 -10.43 -44.88
N LYS H 299 -21.66 -9.77 -43.80
CA LYS H 299 -21.68 -8.32 -43.76
C LYS H 299 -20.50 -7.68 -44.48
N TYR H 300 -19.49 -8.47 -44.82
CA TYR H 300 -18.27 -7.93 -45.42
C TYR H 300 -17.97 -8.55 -46.78
N VAL H 301 -18.92 -9.27 -47.36
CA VAL H 301 -18.65 -9.97 -48.62
C VAL H 301 -18.67 -9.01 -49.80
N HIS H 302 -19.28 -7.83 -49.63
CA HIS H 302 -19.33 -6.82 -50.68
C HIS H 302 -17.98 -6.19 -50.95
N GLU H 303 -17.03 -6.35 -50.04
CA GLU H 303 -15.65 -5.92 -50.22
C GLU H 303 -14.76 -7.00 -50.79
N LEU H 304 -15.00 -8.26 -50.42
CA LEU H 304 -14.15 -9.35 -50.86
C LEU H 304 -14.54 -9.85 -52.24
N ILE H 305 -15.79 -9.66 -52.66
CA ILE H 305 -16.19 -10.05 -54.02
C ILE H 305 -15.45 -9.28 -55.11
N PRO H 306 -15.37 -7.93 -55.09
CA PRO H 306 -14.64 -7.26 -56.18
C PRO H 306 -13.13 -7.42 -56.10
N ALA H 307 -12.57 -7.79 -54.95
CA ALA H 307 -11.13 -8.05 -54.88
C ALA H 307 -10.78 -9.34 -55.62
N VAL H 308 -11.55 -10.40 -55.37
CA VAL H 308 -11.36 -11.66 -56.10
C VAL H 308 -11.73 -11.48 -57.56
N MET H 309 -12.72 -10.65 -57.84
CA MET H 309 -13.07 -10.35 -59.23
C MET H 309 -11.96 -9.61 -59.95
N THR H 310 -11.29 -8.68 -59.26
CA THR H 310 -10.12 -8.00 -59.79
C THR H 310 -8.98 -8.98 -60.04
N CYS H 311 -8.80 -9.95 -59.17
CA CYS H 311 -7.82 -11.00 -59.43
C CYS H 311 -8.21 -11.93 -60.58
N ILE H 312 -9.49 -11.97 -60.94
CA ILE H 312 -9.90 -12.82 -62.06
C ILE H 312 -9.82 -12.08 -63.40
N VAL H 313 -10.55 -10.99 -63.55
CA VAL H 313 -10.81 -10.42 -64.88
C VAL H 313 -9.95 -9.20 -65.19
N SER H 314 -8.90 -8.95 -64.42
CA SER H 314 -8.00 -7.89 -64.86
C SER H 314 -7.04 -8.43 -65.90
N ARG H 315 -6.40 -7.55 -66.67
CA ARG H 315 -5.62 -8.03 -67.83
C ARG H 315 -4.13 -8.16 -67.53
N GLN H 316 -3.55 -7.21 -66.83
CA GLN H 316 -2.15 -7.34 -66.43
C GLN H 316 -2.12 -7.79 -64.97
N LEU H 317 -1.88 -9.09 -64.78
CA LEU H 317 -1.70 -9.65 -63.45
C LEU H 317 -0.24 -9.88 -63.14
N CYS H 318 0.65 -9.57 -64.08
CA CYS H 318 2.05 -9.97 -64.05
C CYS H 318 2.93 -8.73 -64.15
N LEU H 319 4.22 -8.90 -63.81
CA LEU H 319 5.18 -7.79 -64.06
C LEU H 319 5.82 -8.13 -65.39
N ARG H 320 6.27 -9.38 -65.54
CA ARG H 320 6.73 -9.82 -66.87
C ARG H 320 5.59 -10.66 -67.42
N PRO H 321 4.78 -10.18 -68.38
CA PRO H 321 3.59 -10.91 -68.78
C PRO H 321 3.87 -12.32 -69.31
N ASP H 322 4.95 -12.48 -70.07
CA ASP H 322 5.20 -13.79 -70.72
C ASP H 322 5.54 -14.95 -69.76
N VAL H 323 6.33 -14.71 -68.72
CA VAL H 323 6.79 -15.87 -67.88
C VAL H 323 5.96 -16.06 -66.60
N ASP H 324 5.32 -15.00 -66.09
CA ASP H 324 4.57 -15.11 -64.82
C ASP H 324 3.30 -15.91 -65.06
N ASN H 325 3.03 -16.93 -64.22
CA ASN H 325 1.83 -17.77 -64.38
C ASN H 325 0.67 -17.04 -63.72
N HIS H 326 0.19 -15.96 -64.34
CA HIS H 326 -1.01 -15.26 -63.82
C HIS H 326 -2.11 -16.28 -63.95
N TRP H 327 -1.91 -17.26 -64.81
CA TRP H 327 -2.97 -18.23 -65.08
C TRP H 327 -3.41 -18.90 -63.77
N ALA H 328 -2.52 -19.26 -62.85
CA ALA H 328 -3.00 -19.94 -61.63
C ALA H 328 -3.76 -19.00 -60.71
N LEU H 329 -3.28 -17.79 -60.50
CA LEU H 329 -4.10 -16.85 -59.70
C LEU H 329 -5.41 -16.71 -60.42
N ARG H 330 -5.54 -17.18 -61.66
CA ARG H 330 -6.85 -17.07 -62.28
C ARG H 330 -7.78 -18.19 -61.84
N ASP H 331 -7.34 -19.44 -61.96
CA ASP H 331 -8.22 -20.53 -61.59
C ASP H 331 -8.37 -20.68 -60.08
N PHE H 332 -7.38 -20.24 -59.30
CA PHE H 332 -7.53 -20.22 -57.84
C PHE H 332 -8.58 -19.22 -57.41
N ALA H 333 -8.53 -18.01 -57.96
CA ALA H 333 -9.55 -17.01 -57.62
C ALA H 333 -10.91 -17.35 -58.22
N ALA H 334 -10.94 -18.11 -59.33
CA ALA H 334 -12.21 -18.55 -59.88
C ALA H 334 -12.87 -19.59 -58.99
N ARG H 335 -12.07 -20.54 -58.46
CA ARG H 335 -12.58 -21.49 -57.48
C ARG H 335 -13.03 -20.78 -56.21
N LEU H 336 -12.30 -19.72 -55.84
CA LEU H 336 -12.66 -18.92 -54.67
C LEU H 336 -14.00 -18.21 -54.86
N VAL H 337 -14.25 -17.68 -56.06
CA VAL H 337 -15.51 -16.94 -56.23
C VAL H 337 -16.68 -17.91 -56.42
N ALA H 338 -16.42 -19.13 -56.91
CA ALA H 338 -17.46 -20.15 -56.93
C ALA H 338 -17.83 -20.57 -55.52
N GLN H 339 -16.84 -20.63 -54.63
CA GLN H 339 -17.15 -20.91 -53.24
C GLN H 339 -17.86 -19.74 -52.56
N ILE H 340 -17.49 -18.50 -52.91
CA ILE H 340 -18.08 -17.33 -52.27
C ILE H 340 -19.51 -17.09 -52.75
N CYS H 341 -19.88 -17.62 -53.90
CA CYS H 341 -21.28 -17.55 -54.31
C CYS H 341 -22.00 -18.89 -54.16
N LYS H 342 -21.34 -19.91 -53.63
CA LYS H 342 -22.09 -21.06 -53.17
C LYS H 342 -22.54 -20.88 -51.73
N HIS H 343 -21.68 -20.32 -50.88
CA HIS H 343 -21.98 -20.18 -49.46
C HIS H 343 -22.87 -19.00 -49.14
N PHE H 344 -22.92 -17.99 -50.00
CA PHE H 344 -23.51 -16.72 -49.64
C PHE H 344 -24.62 -16.24 -50.57
N SER H 345 -24.84 -16.89 -51.71
CA SER H 345 -25.87 -16.44 -52.63
C SER H 345 -27.24 -16.77 -52.07
N THR H 346 -28.06 -15.75 -51.87
CA THR H 346 -29.44 -15.88 -51.44
C THR H 346 -30.25 -15.09 -52.46
N THR H 347 -31.55 -15.33 -52.53
CA THR H 347 -32.38 -14.66 -53.52
C THR H 347 -32.54 -13.18 -53.22
N THR H 348 -32.31 -12.76 -51.98
CA THR H 348 -32.20 -11.34 -51.67
C THR H 348 -30.85 -10.78 -52.09
N ASN H 349 -29.80 -11.60 -52.07
CA ASN H 349 -28.46 -11.14 -52.41
C ASN H 349 -28.31 -10.93 -53.91
N ASN H 350 -28.70 -11.94 -54.71
CA ASN H 350 -28.43 -12.04 -56.14
C ASN H 350 -26.95 -11.92 -56.44
N ILE H 351 -26.15 -12.65 -55.65
CA ILE H 351 -24.71 -12.63 -55.84
C ILE H 351 -24.33 -13.38 -57.10
N GLN H 352 -24.84 -14.61 -57.25
CA GLN H 352 -24.42 -15.48 -58.35
C GLN H 352 -24.91 -14.97 -59.69
N SER H 353 -26.13 -14.41 -59.74
CA SER H 353 -26.65 -13.92 -61.00
C SER H 353 -25.91 -12.67 -61.46
N ARG H 354 -25.53 -11.85 -60.49
CA ARG H 354 -24.78 -10.60 -60.76
C ARG H 354 -23.32 -10.90 -61.09
N ILE H 355 -22.73 -12.01 -60.63
CA ILE H 355 -21.38 -12.46 -60.99
C ILE H 355 -21.36 -13.10 -62.36
N THR H 356 -22.33 -13.99 -62.64
CA THR H 356 -22.52 -14.51 -64.00
C THR H 356 -22.79 -13.43 -65.03
N LYS H 357 -23.50 -12.36 -64.66
CA LYS H 357 -23.76 -11.33 -65.67
C LYS H 357 -22.51 -10.54 -66.00
N THR H 358 -21.67 -10.26 -64.99
CA THR H 358 -20.41 -9.58 -65.27
C THR H 358 -19.47 -10.46 -66.10
N PHE H 359 -19.35 -11.75 -65.74
CA PHE H 359 -18.53 -12.68 -66.52
C PHE H 359 -19.04 -12.82 -67.94
N THR H 360 -20.37 -12.85 -68.10
CA THR H 360 -20.96 -13.08 -69.42
C THR H 360 -20.76 -11.87 -70.33
N LYS H 361 -21.07 -10.66 -69.82
CA LYS H 361 -20.84 -9.51 -70.69
C LYS H 361 -19.37 -9.16 -70.84
N SER H 362 -18.48 -9.73 -70.02
CA SER H 362 -17.07 -9.61 -70.32
C SER H 362 -16.62 -10.65 -71.35
N TRP H 363 -17.31 -11.78 -71.44
CA TRP H 363 -16.89 -12.80 -72.39
C TRP H 363 -17.47 -12.61 -73.78
N VAL H 364 -18.78 -12.33 -73.88
CA VAL H 364 -19.43 -12.20 -75.17
C VAL H 364 -18.95 -10.95 -75.91
N ASP H 365 -18.59 -9.91 -75.17
CA ASP H 365 -18.13 -8.67 -75.78
C ASP H 365 -16.74 -8.83 -76.35
N GLU H 366 -16.58 -8.43 -77.60
CA GLU H 366 -15.32 -8.48 -78.29
C GLU H 366 -14.47 -7.31 -77.77
N LYS H 367 -13.22 -7.22 -78.23
CA LYS H 367 -12.11 -6.31 -77.81
C LYS H 367 -11.53 -6.71 -76.47
N THR H 368 -12.03 -7.75 -75.82
CA THR H 368 -11.49 -8.13 -74.53
C THR H 368 -10.22 -8.94 -74.70
N PRO H 369 -9.20 -8.68 -73.88
CA PRO H 369 -7.93 -9.41 -74.02
C PRO H 369 -8.09 -10.88 -73.65
N TRP H 370 -7.12 -11.68 -74.09
CA TRP H 370 -7.16 -13.12 -73.86
C TRP H 370 -7.00 -13.48 -72.40
N THR H 371 -6.35 -12.62 -71.61
CA THR H 371 -6.27 -12.85 -70.17
C THR H 371 -7.62 -12.68 -69.49
N THR H 372 -8.35 -11.59 -69.81
CA THR H 372 -9.64 -11.39 -69.18
C THR H 372 -10.69 -12.36 -69.72
N ARG H 373 -10.58 -12.76 -70.98
CA ARG H 373 -11.44 -13.83 -71.48
C ARG H 373 -11.11 -15.16 -70.79
N TYR H 374 -9.84 -15.40 -70.49
CA TYR H 374 -9.47 -16.59 -69.74
C TYR H 374 -10.07 -16.57 -68.34
N GLY H 375 -10.05 -15.39 -67.69
CA GLY H 375 -10.65 -15.28 -66.38
C GLY H 375 -12.15 -15.46 -66.39
N SER H 376 -12.82 -14.91 -67.41
CA SER H 376 -14.26 -15.06 -67.54
C SER H 376 -14.65 -16.52 -67.77
N ILE H 377 -13.95 -17.20 -68.67
CA ILE H 377 -14.24 -18.61 -68.94
C ILE H 377 -13.92 -19.47 -67.71
N ALA H 378 -12.87 -19.10 -66.96
CA ALA H 378 -12.49 -19.88 -65.79
C ALA H 378 -13.53 -19.77 -64.67
N GLY H 379 -14.02 -18.56 -64.41
CA GLY H 379 -15.06 -18.39 -63.40
C GLY H 379 -16.37 -19.03 -63.80
N LEU H 380 -16.81 -18.81 -65.05
CA LEU H 380 -18.03 -19.42 -65.56
C LEU H 380 -17.95 -20.94 -65.55
N ALA H 381 -16.78 -21.50 -65.80
CA ALA H 381 -16.67 -22.95 -65.78
C ALA H 381 -16.47 -23.51 -64.39
N GLU H 382 -16.07 -22.70 -63.42
CA GLU H 382 -16.07 -23.18 -62.06
C GLU H 382 -17.41 -23.02 -61.36
N LEU H 383 -18.36 -22.28 -61.96
CA LEU H 383 -19.67 -22.17 -61.33
C LEU H 383 -20.45 -23.49 -61.39
N GLY H 384 -20.39 -24.20 -62.50
CA GLY H 384 -21.03 -25.50 -62.55
C GLY H 384 -21.32 -25.95 -63.97
N HIS H 385 -22.11 -27.02 -64.05
CA HIS H 385 -22.37 -27.70 -65.33
C HIS H 385 -23.46 -26.99 -66.14
N ASP H 386 -24.50 -26.49 -65.48
CA ASP H 386 -25.59 -25.88 -66.22
C ASP H 386 -25.19 -24.50 -66.76
N VAL H 387 -24.30 -23.81 -66.05
CA VAL H 387 -23.75 -22.55 -66.54
C VAL H 387 -22.95 -22.75 -67.82
N ILE H 388 -22.09 -23.78 -67.87
CA ILE H 388 -21.37 -24.02 -69.12
C ILE H 388 -22.26 -24.61 -70.19
N LYS H 389 -23.40 -25.19 -69.82
CA LYS H 389 -24.39 -25.57 -70.82
C LYS H 389 -25.00 -24.33 -71.47
N THR H 390 -25.41 -23.35 -70.67
CA THR H 390 -26.18 -22.24 -71.21
C THR H 390 -25.37 -20.96 -71.40
N LEU H 391 -24.08 -20.94 -71.06
CA LEU H 391 -23.25 -19.78 -71.40
C LEU H 391 -22.11 -20.13 -72.34
N ILE H 392 -21.35 -21.19 -72.06
CA ILE H 392 -20.15 -21.46 -72.84
C ILE H 392 -20.49 -22.05 -74.20
N LEU H 393 -21.33 -23.08 -74.22
CA LEU H 393 -21.70 -23.83 -75.43
C LEU H 393 -22.35 -23.05 -76.58
N PRO H 394 -23.10 -21.96 -76.38
CA PRO H 394 -23.50 -21.16 -77.55
C PRO H 394 -22.35 -20.50 -78.29
N ARG H 395 -21.29 -20.09 -77.60
CA ARG H 395 -20.19 -19.37 -78.24
C ARG H 395 -19.00 -20.27 -78.54
N LEU H 396 -19.24 -21.56 -78.76
CA LEU H 396 -18.18 -22.48 -79.16
C LEU H 396 -17.62 -22.15 -80.54
N GLN H 397 -18.41 -21.50 -81.40
CA GLN H 397 -17.92 -20.98 -82.68
C GLN H 397 -16.83 -19.94 -82.50
N GLN H 398 -16.77 -19.27 -81.33
CA GLN H 398 -15.69 -18.35 -81.02
C GLN H 398 -14.32 -19.03 -81.03
N GLU H 399 -14.28 -20.36 -80.80
CA GLU H 399 -13.05 -21.13 -80.93
C GLU H 399 -12.44 -20.98 -82.33
N GLY H 400 -13.29 -20.92 -83.36
CA GLY H 400 -12.79 -20.65 -84.71
C GLY H 400 -12.12 -19.30 -84.80
N GLU H 401 -12.73 -18.27 -84.20
CA GLU H 401 -12.10 -16.95 -84.12
C GLU H 401 -10.81 -17.01 -83.31
N ARG H 402 -10.71 -17.94 -82.36
CA ARG H 402 -9.45 -18.13 -81.67
C ARG H 402 -8.43 -18.80 -82.57
N ILE H 403 -8.86 -19.82 -83.32
CA ILE H 403 -7.89 -20.61 -84.09
C ILE H 403 -7.50 -19.89 -85.37
N ARG H 404 -8.22 -18.82 -85.72
CA ARG H 404 -7.76 -17.81 -86.67
C ARG H 404 -6.40 -17.26 -86.30
N SER H 405 -6.12 -17.06 -85.01
CA SER H 405 -4.88 -16.44 -84.57
C SER H 405 -3.91 -17.44 -83.95
N VAL H 406 -4.13 -18.74 -84.17
CA VAL H 406 -3.26 -19.77 -83.58
C VAL H 406 -2.63 -20.62 -84.68
N LEU H 407 -3.46 -21.29 -85.49
CA LEU H 407 -2.93 -22.08 -86.58
C LEU H 407 -2.36 -21.22 -87.70
N ASP H 408 -2.73 -19.93 -87.76
CA ASP H 408 -2.26 -19.05 -88.86
C ASP H 408 -2.17 -17.60 -88.38
N GLY H 409 -1.05 -17.22 -87.78
CA GLY H 409 -0.87 -15.83 -87.31
C GLY H 409 0.25 -15.13 -88.06
N PRO H 410 0.02 -13.92 -88.60
CA PRO H 410 1.08 -13.16 -89.27
C PRO H 410 2.21 -12.85 -88.27
N VAL H 411 1.84 -12.49 -87.04
CA VAL H 411 2.87 -12.25 -85.98
C VAL H 411 2.88 -13.46 -85.04
N LEU H 412 3.93 -14.29 -85.10
CA LEU H 412 4.03 -15.45 -84.22
C LEU H 412 4.67 -15.10 -82.88
N SER H 413 5.64 -14.19 -82.88
CA SER H 413 6.43 -13.89 -81.67
C SER H 413 5.73 -12.92 -80.71
N ASN H 414 4.44 -12.64 -80.88
CA ASN H 414 3.73 -11.80 -79.92
C ASN H 414 3.32 -12.64 -78.72
N ILE H 415 2.55 -12.04 -77.80
CA ILE H 415 2.18 -12.74 -76.53
C ILE H 415 0.74 -13.26 -76.62
N ASP H 416 0.06 -13.06 -77.75
CA ASP H 416 -1.31 -13.54 -77.92
C ASP H 416 -1.41 -15.05 -78.07
N ARG H 417 -0.34 -15.72 -78.50
CA ARG H 417 -0.43 -17.15 -78.82
C ARG H 417 -0.48 -18.01 -77.56
N ILE H 418 0.34 -17.69 -76.55
CA ILE H 418 0.34 -18.45 -75.31
C ILE H 418 -0.99 -18.27 -74.58
N GLY H 419 -1.54 -17.04 -74.57
CA GLY H 419 -2.82 -16.81 -73.94
C GLY H 419 -3.97 -17.46 -74.71
N ALA H 420 -3.86 -17.45 -76.04
CA ALA H 420 -4.89 -18.08 -76.86
C ALA H 420 -4.92 -19.60 -76.69
N ASP H 421 -3.76 -20.26 -76.59
CA ASP H 421 -3.86 -21.71 -76.49
C ASP H 421 -4.07 -22.12 -75.04
N HIS H 422 -3.79 -21.22 -74.09
CA HIS H 422 -4.26 -21.43 -72.71
C HIS H 422 -5.78 -21.37 -72.63
N VAL H 423 -6.39 -20.36 -73.28
CA VAL H 423 -7.84 -20.25 -73.38
C VAL H 423 -8.43 -21.50 -74.06
N GLN H 424 -7.77 -21.97 -75.11
CA GLN H 424 -8.19 -23.17 -75.83
C GLN H 424 -8.16 -24.40 -74.94
N SER H 425 -7.07 -24.58 -74.19
CA SER H 425 -6.92 -25.76 -73.34
C SER H 425 -7.94 -25.76 -72.21
N LEU H 426 -8.18 -24.60 -71.58
CA LEU H 426 -9.20 -24.48 -70.55
C LEU H 426 -10.59 -24.76 -71.12
N LEU H 427 -10.86 -24.24 -72.34
CA LEU H 427 -12.17 -24.39 -72.95
C LEU H 427 -12.46 -25.84 -73.27
N LEU H 428 -11.50 -26.56 -73.84
CA LEU H 428 -11.79 -27.94 -74.21
C LEU H 428 -11.73 -28.87 -72.99
N LYS H 429 -10.94 -28.52 -71.97
CA LYS H 429 -10.97 -29.28 -70.72
C LYS H 429 -12.32 -29.16 -70.02
N HIS H 430 -12.91 -27.97 -70.01
CA HIS H 430 -14.18 -27.82 -69.32
C HIS H 430 -15.37 -28.24 -70.19
N CYS H 431 -15.25 -28.18 -71.52
CA CYS H 431 -16.33 -28.59 -72.38
C CYS H 431 -16.28 -30.07 -72.74
N ALA H 432 -15.24 -30.79 -72.35
CA ALA H 432 -15.27 -32.24 -72.55
C ALA H 432 -16.31 -32.98 -71.68
N PRO H 433 -16.50 -32.71 -70.38
CA PRO H 433 -17.61 -33.40 -69.70
C PRO H 433 -18.99 -32.89 -70.10
N VAL H 434 -19.09 -31.64 -70.55
CA VAL H 434 -20.37 -31.14 -71.06
C VAL H 434 -20.71 -31.84 -72.38
N LEU H 435 -19.71 -32.13 -73.20
CA LEU H 435 -19.95 -32.93 -74.40
C LEU H 435 -20.21 -34.38 -74.04
N ALA H 436 -19.64 -34.86 -72.93
CA ALA H 436 -19.93 -36.22 -72.48
C ALA H 436 -21.32 -36.36 -71.89
N LYS H 437 -21.94 -35.25 -71.48
CA LYS H 437 -23.27 -35.32 -70.86
C LYS H 437 -24.39 -35.27 -71.89
N LEU H 438 -24.23 -34.51 -72.97
CA LEU H 438 -25.31 -34.22 -73.90
C LEU H 438 -25.01 -34.69 -75.32
N ARG H 439 -24.50 -35.91 -75.46
CA ARG H 439 -24.23 -36.44 -76.78
C ARG H 439 -24.38 -37.97 -76.78
N PRO H 440 -24.20 -38.61 -77.93
CA PRO H 440 -24.30 -40.07 -78.00
C PRO H 440 -23.08 -40.72 -77.37
N PRO H 441 -23.13 -42.02 -77.10
CA PRO H 441 -21.99 -42.70 -76.49
C PRO H 441 -20.91 -43.01 -77.51
N PRO H 442 -21.29 -43.15 -78.79
CA PRO H 442 -20.30 -43.47 -79.82
C PRO H 442 -19.27 -42.37 -80.07
N ASP H 443 -19.77 -41.18 -80.43
CA ASP H 443 -18.96 -40.00 -80.75
C ASP H 443 -17.92 -40.29 -81.83
N ASN H 444 -18.41 -40.64 -83.02
CA ASN H 444 -17.53 -41.11 -84.08
C ASN H 444 -16.80 -39.96 -84.76
N GLN H 445 -17.57 -39.01 -85.30
CA GLN H 445 -17.01 -37.76 -85.90
C GLN H 445 -17.59 -36.52 -85.20
N ASP H 446 -17.82 -36.58 -83.89
CA ASP H 446 -18.30 -35.40 -83.12
C ASP H 446 -17.23 -34.31 -83.19
N ALA H 447 -15.97 -34.70 -83.19
CA ALA H 447 -14.85 -33.73 -83.27
C ALA H 447 -14.97 -32.99 -84.61
N TYR H 448 -15.21 -33.71 -85.70
CA TYR H 448 -15.37 -33.09 -87.03
C TYR H 448 -16.57 -32.15 -86.97
N ARG H 449 -17.65 -32.60 -86.32
CA ARG H 449 -18.87 -31.77 -86.15
C ARG H 449 -18.55 -30.61 -85.20
N ALA H 450 -17.60 -30.82 -84.29
CA ALA H 450 -17.19 -29.75 -83.34
C ALA H 450 -16.34 -28.70 -84.06
N GLU H 451 -15.90 -27.67 -83.35
CA GLU H 451 -15.14 -26.58 -84.00
C GLU H 451 -13.64 -26.92 -83.98
N PHE H 452 -13.01 -27.04 -85.15
CA PHE H 452 -11.55 -27.27 -85.25
C PHE H 452 -11.22 -28.76 -85.06
N GLY H 453 -12.21 -29.58 -84.70
CA GLY H 453 -11.99 -31.04 -84.60
C GLY H 453 -11.14 -31.41 -83.40
N SER H 454 -10.87 -30.46 -82.50
CA SER H 454 -9.98 -30.74 -81.34
C SER H 454 -10.85 -30.95 -80.10
N LEU H 455 -11.78 -30.02 -79.87
CA LEU H 455 -12.78 -30.15 -78.77
C LEU H 455 -13.38 -31.56 -78.83
N GLY H 456 -13.70 -32.08 -80.02
CA GLY H 456 -14.23 -33.45 -80.16
C GLY H 456 -13.22 -34.50 -79.71
N PRO H 457 -11.92 -34.35 -80.05
CA PRO H 457 -10.93 -35.31 -79.55
C PRO H 457 -10.89 -35.26 -78.02
N LEU H 458 -10.96 -34.06 -77.46
CA LEU H 458 -10.93 -33.90 -75.98
C LEU H 458 -12.16 -34.59 -75.39
N LEU H 459 -13.31 -34.48 -76.05
CA LEU H 459 -14.58 -35.12 -75.59
C LEU H 459 -14.42 -36.64 -75.61
N CYS H 460 -13.78 -37.17 -76.65
CA CYS H 460 -13.52 -38.64 -76.71
C CYS H 460 -12.63 -39.02 -75.54
N SER H 461 -11.60 -38.21 -75.27
CA SER H 461 -10.69 -38.50 -74.13
C SER H 461 -11.50 -38.47 -72.84
N GLN H 462 -12.43 -37.51 -72.70
CA GLN H 462 -13.27 -37.36 -71.48
C GLN H 462 -14.17 -38.59 -71.30
N VAL H 463 -14.76 -39.08 -72.39
CA VAL H 463 -15.62 -40.30 -72.33
C VAL H 463 -14.74 -41.46 -71.85
N VAL H 464 -13.52 -41.55 -72.38
CA VAL H 464 -12.58 -42.64 -71.97
C VAL H 464 -12.30 -42.51 -70.47
N LYS H 465 -12.07 -41.28 -70.00
CA LYS H 465 -11.76 -41.03 -68.57
C LYS H 465 -12.97 -41.44 -67.72
N ALA H 466 -14.18 -41.12 -68.17
CA ALA H 466 -15.41 -41.47 -67.42
C ALA H 466 -15.53 -43.00 -67.36
N ARG H 467 -15.22 -43.68 -68.45
CA ARG H 467 -15.27 -45.18 -68.46
C ARG H 467 -14.25 -45.70 -67.45
N ALA H 468 -13.06 -45.10 -67.41
CA ALA H 468 -12.01 -45.53 -66.46
C ALA H 468 -12.51 -45.32 -65.02
N GLN H 469 -13.17 -44.19 -64.76
CA GLN H 469 -13.70 -43.88 -63.40
C GLN H 469 -14.76 -44.92 -63.04
N ALA H 470 -15.62 -45.29 -63.99
CA ALA H 470 -16.67 -46.31 -63.74
C ALA H 470 -16.00 -47.64 -63.41
N ALA H 471 -14.93 -47.99 -64.14
CA ALA H 471 -14.20 -49.26 -63.87
C ALA H 471 -13.60 -49.20 -62.47
N LEU H 472 -13.05 -48.06 -62.07
CA LEU H 472 -12.46 -47.91 -60.71
C LEU H 472 -13.56 -48.10 -59.67
N GLN H 473 -14.75 -47.54 -59.91
CA GLN H 473 -15.89 -47.67 -58.98
C GLN H 473 -16.30 -49.15 -58.89
#